data_5USF
#
_entry.id   5USF
#
_cell.length_a   96.180
_cell.length_b   96.180
_cell.length_c   351.830
_cell.angle_alpha   90.00
_cell.angle_beta   90.00
_cell.angle_gamma   120.00
#
_symmetry.space_group_name_H-M   'P 65'
#
loop_
_entity.id
_entity.type
_entity.pdbx_description
1 polymer 'Tyrosyl-tRNA synthetase, putative'
2 polymer 'Immunoglobulin heavy chain variable region'
3 non-polymer "5'-O-[N-(L-TYROSYL)SULFAMOYL]ADENOSINE"
4 water water
#
loop_
_entity_poly.entity_id
_entity_poly.type
_entity_poly.pdbx_seq_one_letter_code
_entity_poly.pdbx_strand_id
1 'polypeptide(L)'
;GPGSMNTDERYKLLRSVGEECIQESELRNLIEKKPLIRCYDGFEPSGRMHIAQGIFKAVNVNKCTAAGCEFVFWVADWFA
LMNDKVGGELEKIRIVGRYLIEVWKAAGMDTDKVLFLWSSEEITSHADTYWRMVLDIGRQNTIARIKKCCTIMGKTEGTL
TAAQVLYPLMQCCDIFFLKADICQLGLDQRKVNMLAREYCDLIGRKLKPVILSHHMLAGLRRGQAKMSKSDPDSAIFMED
TEEDVARKIRQAYCPRVKQSASAITDDGAPVATDDRNPVLDYFQCVVYARPGAVAAIDGTTYATYEDLEQAFVSDEVSED
ALKSCLIDEVNALLAPVRQHFASNEEAHELLEAVKSYRKGGATLPLAETALPAAPEKPHACMWMPALLKVPLDVAEGMIK
ATEDFIAAHPGGTVTVVLPDWSAVASDEITGVEKDISAALQVNCALLKAYGLPNSVKIVTENEVILGNRNDFWVSVIGIA
RKNLLSHIEELYGGELRNAGQVIAALMRVATALMLSVSHVISTSLDGHINAFAREYTKERIECVQTLEGRIPALHRPGAA
PAVLGADDVLYLDDNDMDIRRKIKKAYSAPNEEANPVISVAQHLLAQHGALNIERGEANGGNVSYNTPEALVADCGSGAL
HPADLKAAVLQLLLDRSAQARALLNGELKKNMTALRNAEKKMAKRR
;
A,B
2 'polypeptide(L)'
;QVQLQESGGGLVLPGGSLRLSCATSGFTFSNSWMYWVRQAPGKGLEWVSRINAGGNTVDYKDSVKGRFSISRDNAKNTLY
LQMNSLKPEDTAVYYCARGLNRYAYDSRGQGTQVTVSSHHHHHHEPEA
;
C,D
#
# COMPACT_ATOMS: atom_id res chain seq x y z
N GLY A 3 3.10 -20.90 34.70
CA GLY A 3 1.80 -20.82 35.43
C GLY A 3 0.74 -20.03 34.68
N SER A 4 -0.04 -19.26 35.42
CA SER A 4 -1.16 -18.51 34.83
C SER A 4 -0.66 -17.19 34.24
N MET A 5 -1.17 -16.82 33.07
CA MET A 5 -0.73 -15.64 32.30
C MET A 5 -1.90 -14.70 32.03
N ASN A 6 -1.63 -13.40 31.92
CA ASN A 6 -2.68 -12.37 31.65
C ASN A 6 -2.62 -11.81 30.23
N THR A 7 -3.66 -11.05 29.87
CA THR A 7 -3.81 -10.42 28.55
C THR A 7 -2.54 -9.81 27.96
N ASP A 8 -1.78 -9.08 28.77
CA ASP A 8 -0.61 -8.36 28.26
C ASP A 8 0.58 -9.28 28.04
N GLU A 9 0.84 -10.20 28.95
CA GLU A 9 1.96 -11.15 28.81
C GLU A 9 1.69 -12.27 27.79
N ARG A 10 0.42 -12.64 27.62
CA ARG A 10 0.00 -13.50 26.51
C ARG A 10 0.28 -12.82 25.17
N TYR A 11 -0.14 -11.56 25.05
CA TYR A 11 0.05 -10.74 23.85
C TYR A 11 1.51 -10.61 23.44
N LYS A 12 2.35 -10.11 24.35
CA LYS A 12 3.79 -9.94 24.07
C LYS A 12 4.41 -11.22 23.55
N LEU A 13 4.01 -12.33 24.14
CA LEU A 13 4.52 -13.63 23.77
C LEU A 13 4.10 -14.02 22.33
N LEU A 14 2.81 -13.91 22.03
CA LEU A 14 2.28 -14.22 20.70
C LEU A 14 2.83 -13.30 19.63
N ARG A 15 2.82 -12.00 19.91
CA ARG A 15 3.35 -11.03 18.97
C ARG A 15 4.82 -11.30 18.60
N SER A 16 5.62 -11.83 19.54
CA SER A 16 7.04 -12.10 19.29
C SER A 16 7.30 -13.20 18.25
N VAL A 17 6.27 -13.99 17.96
CA VAL A 17 6.38 -15.04 16.94
C VAL A 17 6.62 -14.44 15.56
N GLY A 18 5.97 -13.33 15.26
CA GLY A 18 5.93 -12.80 13.91
C GLY A 18 6.82 -11.63 13.59
N GLU A 19 7.38 -11.62 12.38
CA GLU A 19 8.05 -10.45 11.81
C GLU A 19 7.03 -9.35 11.48
N GLU A 20 5.79 -9.73 11.21
CA GLU A 20 4.70 -8.78 10.94
C GLU A 20 3.43 -9.35 11.55
N CYS A 21 2.54 -8.46 11.99
CA CYS A 21 1.25 -8.84 12.52
C CYS A 21 0.13 -7.92 12.02
N ILE A 22 -0.66 -8.43 11.07
CA ILE A 22 -1.82 -7.73 10.55
C ILE A 22 -3.08 -8.28 11.24
N GLN A 23 -3.78 -7.56 12.13
CA GLN A 23 -3.41 -6.29 12.76
C GLN A 23 -3.17 -6.51 14.26
N GLU A 24 -2.27 -5.72 14.86
CA GLU A 24 -1.99 -5.81 16.30
C GLU A 24 -3.22 -5.57 17.19
N SER A 25 -4.07 -4.62 16.82
CA SER A 25 -5.31 -4.39 17.56
C SER A 25 -6.23 -5.62 17.58
N GLU A 26 -6.31 -6.34 16.46
CA GLU A 26 -7.19 -7.52 16.34
C GLU A 26 -6.70 -8.69 17.20
N LEU A 27 -5.37 -8.89 17.20
CA LEU A 27 -4.68 -9.88 18.05
C LEU A 27 -4.98 -9.65 19.51
N ARG A 28 -4.85 -8.39 19.95
CA ARG A 28 -5.18 -8.05 21.33
C ARG A 28 -6.64 -8.36 21.62
N ASN A 29 -7.55 -7.97 20.74
CA ASN A 29 -8.99 -8.23 20.94
C ASN A 29 -9.32 -9.71 20.95
N LEU A 30 -8.50 -10.48 20.25
CA LEU A 30 -8.64 -11.93 20.19
C LEU A 30 -8.26 -12.58 21.54
N ILE A 31 -7.09 -12.23 22.05
CA ILE A 31 -6.63 -12.67 23.37
C ILE A 31 -7.60 -12.33 24.51
N GLU A 32 -8.23 -11.16 24.44
CA GLU A 32 -9.19 -10.73 25.46
C GLU A 32 -10.52 -11.46 25.37
N LYS A 33 -11.03 -11.64 24.15
CA LYS A 33 -12.37 -12.20 23.93
C LYS A 33 -12.40 -13.73 23.87
N LYS A 34 -11.53 -14.33 23.05
CA LYS A 34 -11.71 -15.74 22.66
C LYS A 34 -11.09 -16.72 23.68
N PRO A 35 -11.89 -17.67 24.20
CA PRO A 35 -11.36 -18.59 25.22
C PRO A 35 -10.25 -19.50 24.70
N LEU A 36 -10.44 -20.05 23.50
CA LEU A 36 -9.41 -20.87 22.84
C LEU A 36 -9.08 -20.34 21.44
N ILE A 37 -7.84 -19.87 21.28
CA ILE A 37 -7.36 -19.33 20.00
C ILE A 37 -6.75 -20.45 19.17
N ARG A 38 -7.14 -20.53 17.89
CA ARG A 38 -6.61 -21.53 16.95
C ARG A 38 -5.63 -20.91 15.95
N CYS A 39 -4.35 -21.26 16.10
CA CYS A 39 -3.32 -20.95 15.10
C CYS A 39 -3.24 -22.08 14.05
N TYR A 40 -2.61 -21.83 12.90
CA TYR A 40 -2.32 -22.89 11.92
C TYR A 40 -1.13 -22.56 11.00
N ASP A 41 -0.46 -23.61 10.55
CA ASP A 41 0.55 -23.54 9.51
C ASP A 41 0.37 -24.79 8.66
N GLY A 42 0.70 -24.68 7.37
CA GLY A 42 0.52 -25.77 6.43
C GLY A 42 1.85 -26.10 5.81
N PHE A 43 1.96 -27.32 5.28
CA PHE A 43 3.24 -27.84 4.81
C PHE A 43 3.06 -28.74 3.61
N GLU A 44 3.82 -28.48 2.56
CA GLU A 44 3.83 -29.37 1.41
C GLU A 44 4.80 -30.50 1.74
N PRO A 45 4.33 -31.76 1.75
CA PRO A 45 5.28 -32.84 1.95
C PRO A 45 6.10 -33.08 0.69
N SER A 46 7.22 -32.39 0.53
CA SER A 46 8.02 -32.53 -0.69
C SER A 46 9.37 -33.25 -0.57
N GLY A 47 9.88 -33.40 0.64
CA GLY A 47 11.17 -34.05 0.84
C GLY A 47 11.65 -33.97 2.27
N ARG A 48 12.89 -34.41 2.51
CA ARG A 48 13.43 -34.37 3.86
C ARG A 48 13.14 -33.00 4.44
N MET A 49 12.87 -32.97 5.75
CA MET A 49 12.40 -31.76 6.40
C MET A 49 13.57 -30.82 6.67
N HIS A 50 13.36 -29.54 6.38
CA HIS A 50 14.36 -28.51 6.61
C HIS A 50 14.25 -28.02 8.03
N ILE A 51 15.39 -27.66 8.62
CA ILE A 51 15.44 -27.17 9.99
C ILE A 51 14.41 -26.06 10.30
N ALA A 52 14.07 -25.24 9.31
CA ALA A 52 13.07 -24.18 9.50
C ALA A 52 11.67 -24.71 9.78
N GLN A 53 11.27 -25.79 9.11
CA GLN A 53 9.96 -26.40 9.35
C GLN A 53 9.92 -27.27 10.61
N GLY A 54 11.08 -27.63 11.15
CA GLY A 54 11.17 -28.41 12.40
C GLY A 54 11.46 -27.63 13.67
N ILE A 55 12.75 -27.31 13.87
CA ILE A 55 13.21 -26.70 15.13
C ILE A 55 12.69 -25.29 15.25
N PHE A 56 12.83 -24.50 14.17
CA PHE A 56 12.36 -23.11 14.19
C PHE A 56 10.84 -23.06 14.39
N LYS A 57 10.11 -23.91 13.68
CA LYS A 57 8.65 -24.02 13.84
C LYS A 57 8.25 -24.37 15.28
N ALA A 58 8.93 -25.38 15.82
CA ALA A 58 8.70 -25.83 17.20
C ALA A 58 8.89 -24.71 18.24
N VAL A 59 9.88 -23.86 18.02
CA VAL A 59 10.08 -22.67 18.87
C VAL A 59 8.82 -21.81 18.87
N ASN A 60 8.28 -21.52 17.68
CA ASN A 60 7.13 -20.64 17.57
C ASN A 60 5.80 -21.28 18.03
N VAL A 61 5.64 -22.57 17.78
CA VAL A 61 4.45 -23.28 18.24
C VAL A 61 4.41 -23.32 19.76
N ASN A 62 5.55 -23.63 20.39
CA ASN A 62 5.63 -23.62 21.86
C ASN A 62 5.22 -22.28 22.47
N LYS A 63 5.64 -21.17 21.84
CA LYS A 63 5.17 -19.85 22.25
C LYS A 63 3.65 -19.72 22.09
N CYS A 64 3.11 -20.21 20.98
CA CYS A 64 1.67 -20.16 20.74
C CYS A 64 0.87 -20.97 21.77
N THR A 65 1.32 -22.20 22.03
CA THR A 65 0.66 -23.09 22.99
C THR A 65 0.83 -22.58 24.44
N ALA A 66 2.00 -22.01 24.75
CA ALA A 66 2.21 -21.30 26.03
C ALA A 66 1.23 -20.16 26.25
N ALA A 67 0.90 -19.42 25.20
CA ALA A 67 -0.06 -18.33 25.29
C ALA A 67 -1.55 -18.77 25.25
N GLY A 68 -1.83 -20.07 25.28
CA GLY A 68 -3.20 -20.61 25.36
C GLY A 68 -3.83 -20.92 24.01
N CYS A 69 -3.02 -21.30 23.01
CA CYS A 69 -3.50 -21.58 21.67
C CYS A 69 -3.40 -23.04 21.33
N GLU A 70 -4.37 -23.51 20.57
CA GLU A 70 -4.30 -24.76 19.82
C GLU A 70 -3.51 -24.42 18.55
N PHE A 71 -2.71 -25.35 18.04
CA PHE A 71 -1.96 -25.13 16.81
C PHE A 71 -2.19 -26.33 15.87
N VAL A 72 -2.76 -26.06 14.70
CA VAL A 72 -2.99 -27.10 13.67
C VAL A 72 -1.86 -27.15 12.64
N PHE A 73 -1.35 -28.35 12.39
CA PHE A 73 -0.42 -28.59 11.30
C PHE A 73 -1.28 -29.16 10.17
N TRP A 74 -1.40 -28.42 9.06
CA TRP A 74 -2.18 -28.85 7.91
C TRP A 74 -1.20 -29.56 6.98
N VAL A 75 -1.27 -30.88 6.93
CA VAL A 75 -0.37 -31.63 6.06
C VAL A 75 -1.00 -31.61 4.68
N ALA A 76 -0.35 -30.85 3.80
CA ALA A 76 -0.95 -30.38 2.56
C ALA A 76 -0.64 -31.34 1.40
N ASP A 77 -1.15 -32.57 1.49
CA ASP A 77 -0.82 -33.62 0.51
C ASP A 77 -1.27 -33.26 -0.92
N TRP A 78 -2.52 -32.87 -1.08
CA TRP A 78 -3.01 -32.42 -2.39
C TRP A 78 -2.29 -31.18 -2.94
N PHE A 79 -1.84 -30.30 -2.04
CA PHE A 79 -1.13 -29.09 -2.42
C PHE A 79 0.23 -29.41 -2.99
N ALA A 80 0.93 -30.38 -2.40
CA ALA A 80 2.20 -30.85 -2.97
C ALA A 80 2.03 -31.52 -4.33
N LEU A 81 0.90 -32.22 -4.53
CA LEU A 81 0.58 -32.80 -5.83
C LEU A 81 0.41 -31.72 -6.91
N MET A 82 -0.44 -30.73 -6.61
CA MET A 82 -0.67 -29.57 -7.49
C MET A 82 0.58 -28.74 -7.79
N ASN A 83 1.58 -28.78 -6.91
CA ASN A 83 2.80 -28.02 -7.09
C ASN A 83 3.95 -28.95 -7.50
N ASP A 84 3.62 -30.12 -8.07
CA ASP A 84 4.58 -30.98 -8.79
C ASP A 84 5.74 -31.47 -7.93
N LYS A 85 5.44 -31.81 -6.68
CA LYS A 85 6.44 -32.39 -5.77
C LYS A 85 6.48 -33.91 -5.84
N VAL A 86 7.60 -34.47 -5.39
CA VAL A 86 7.85 -35.91 -5.32
C VAL A 86 7.38 -36.63 -6.60
N GLY A 87 7.79 -36.09 -7.75
CA GLY A 87 7.40 -36.60 -9.06
C GLY A 87 5.89 -36.67 -9.32
N GLY A 88 5.12 -35.84 -8.63
CA GLY A 88 3.66 -35.85 -8.70
C GLY A 88 2.97 -37.16 -8.36
N GLU A 89 3.58 -37.98 -7.49
CA GLU A 89 3.01 -39.28 -7.09
C GLU A 89 2.41 -39.16 -5.70
N LEU A 90 1.09 -39.19 -5.63
CA LEU A 90 0.38 -38.95 -4.38
C LEU A 90 0.71 -39.96 -3.25
N GLU A 91 0.87 -41.24 -3.60
CA GLU A 91 1.25 -42.25 -2.61
C GLU A 91 2.61 -41.98 -1.99
N LYS A 92 3.58 -41.58 -2.81
CA LYS A 92 4.88 -41.16 -2.29
C LYS A 92 4.78 -39.89 -1.43
N ILE A 93 3.93 -38.94 -1.82
CA ILE A 93 3.72 -37.72 -1.03
C ILE A 93 3.19 -38.04 0.37
N ARG A 94 2.30 -39.02 0.45
CA ARG A 94 1.74 -39.45 1.75
C ARG A 94 2.75 -40.18 2.67
N ILE A 95 3.74 -40.86 2.08
CA ILE A 95 4.89 -41.38 2.86
C ILE A 95 5.64 -40.21 3.49
N VAL A 96 5.97 -39.21 2.67
CA VAL A 96 6.73 -38.03 3.13
C VAL A 96 5.97 -37.34 4.27
N GLY A 97 4.65 -37.27 4.14
CA GLY A 97 3.81 -36.67 5.17
C GLY A 97 3.86 -37.39 6.50
N ARG A 98 3.79 -38.71 6.43
CA ARG A 98 3.94 -39.54 7.62
C ARG A 98 5.32 -39.36 8.28
N TYR A 99 6.35 -39.26 7.45
CA TYR A 99 7.69 -38.94 7.93
C TYR A 99 7.78 -37.58 8.66
N LEU A 100 7.10 -36.58 8.10
CA LEU A 100 7.09 -35.26 8.71
C LEU A 100 6.43 -35.28 10.09
N ILE A 101 5.32 -36.01 10.20
CA ILE A 101 4.63 -36.10 11.48
C ILE A 101 5.50 -36.78 12.56
N GLU A 102 6.32 -37.77 12.16
CA GLU A 102 7.28 -38.40 13.09
C GLU A 102 8.37 -37.43 13.58
N VAL A 103 8.88 -36.59 12.69
CA VAL A 103 9.85 -35.57 13.09
C VAL A 103 9.26 -34.54 14.05
N TRP A 104 8.04 -34.08 13.78
CA TRP A 104 7.37 -33.10 14.64
C TRP A 104 7.10 -33.66 16.03
N LYS A 105 6.77 -34.94 16.10
CA LYS A 105 6.50 -35.57 17.40
C LYS A 105 7.75 -35.73 18.28
N ALA A 106 8.94 -35.76 17.66
CA ALA A 106 10.23 -35.79 18.38
C ALA A 106 10.84 -34.41 18.66
N ALA A 107 10.15 -33.34 18.28
CA ALA A 107 10.70 -31.99 18.35
C ALA A 107 10.33 -31.27 19.65
N GLY A 108 9.62 -31.94 20.54
CA GLY A 108 9.38 -31.41 21.87
C GLY A 108 8.35 -30.30 21.87
N MET A 109 7.14 -30.64 21.45
CA MET A 109 6.02 -29.71 21.42
C MET A 109 4.93 -30.22 22.34
N ASP A 110 3.99 -29.33 22.66
CA ASP A 110 2.91 -29.62 23.61
C ASP A 110 1.85 -30.51 22.91
N THR A 111 2.03 -31.82 22.82
CA THR A 111 1.12 -32.64 21.99
C THR A 111 -0.36 -32.66 22.46
N ASP A 112 -0.69 -32.07 23.62
CA ASP A 112 -2.11 -31.78 23.99
C ASP A 112 -2.79 -30.69 23.16
N LYS A 113 -2.02 -29.71 22.66
CA LYS A 113 -2.59 -28.57 21.92
C LYS A 113 -2.07 -28.42 20.48
N VAL A 114 -1.63 -29.52 19.89
CA VAL A 114 -1.19 -29.53 18.53
C VAL A 114 -1.94 -30.66 17.83
N LEU A 115 -2.58 -30.35 16.70
CA LEU A 115 -3.26 -31.34 15.86
C LEU A 115 -2.50 -31.50 14.54
N PHE A 116 -2.46 -32.72 14.03
CA PHE A 116 -1.87 -33.00 12.73
C PHE A 116 -3.01 -33.47 11.81
N LEU A 117 -3.49 -32.61 10.92
CA LEU A 117 -4.59 -32.94 9.99
C LEU A 117 -4.07 -33.15 8.56
N TRP A 118 -4.70 -34.08 7.84
CA TRP A 118 -4.40 -34.35 6.43
C TRP A 118 -5.40 -33.59 5.56
N SER A 119 -4.88 -32.80 4.60
CA SER A 119 -5.74 -31.93 3.81
C SER A 119 -6.75 -32.75 2.99
N SER A 120 -6.28 -33.79 2.33
CA SER A 120 -7.18 -34.58 1.49
C SER A 120 -8.30 -35.24 2.31
N GLU A 121 -7.94 -35.84 3.44
CA GLU A 121 -8.90 -36.48 4.32
C GLU A 121 -9.96 -35.50 4.81
N GLU A 122 -9.52 -34.36 5.33
CA GLU A 122 -10.43 -33.34 5.87
C GLU A 122 -11.29 -32.66 4.81
N ILE A 123 -10.71 -32.33 3.64
CA ILE A 123 -11.49 -31.68 2.56
C ILE A 123 -12.59 -32.60 2.08
N THR A 124 -12.23 -33.86 1.81
CA THR A 124 -13.20 -34.85 1.30
C THR A 124 -14.34 -35.14 2.28
N SER A 125 -14.03 -35.13 3.59
CA SER A 125 -15.06 -35.25 4.63
C SER A 125 -16.10 -34.17 4.58
N HIS A 126 -15.74 -32.98 4.12
CA HIS A 126 -16.68 -31.86 4.00
C HIS A 126 -16.64 -31.25 2.60
N ALA A 127 -16.63 -32.11 1.59
CA ALA A 127 -16.59 -31.71 0.16
C ALA A 127 -17.57 -30.63 -0.25
N ASP A 128 -18.83 -30.74 0.11
CA ASP A 128 -19.83 -29.71 -0.26
C ASP A 128 -19.47 -28.32 0.32
N THR A 129 -19.12 -28.25 1.60
CA THR A 129 -18.72 -26.98 2.22
C THR A 129 -17.43 -26.39 1.62
N TYR A 130 -16.38 -27.19 1.60
CA TYR A 130 -15.08 -26.72 1.19
C TYR A 130 -15.11 -26.21 -0.26
N TRP A 131 -15.46 -27.08 -1.20
CA TRP A 131 -15.36 -26.75 -2.61
C TRP A 131 -16.29 -25.62 -3.07
N ARG A 132 -17.46 -25.46 -2.45
CA ARG A 132 -18.34 -24.32 -2.79
C ARG A 132 -17.64 -22.97 -2.56
N MET A 133 -16.93 -22.89 -1.43
CA MET A 133 -16.15 -21.71 -1.07
C MET A 133 -14.96 -21.49 -2.03
N VAL A 134 -14.26 -22.56 -2.41
CA VAL A 134 -13.15 -22.44 -3.35
C VAL A 134 -13.64 -21.78 -4.65
N LEU A 135 -14.76 -22.25 -5.16
CA LEU A 135 -15.34 -21.69 -6.35
C LEU A 135 -15.88 -20.29 -6.11
N ASP A 136 -16.38 -20.02 -4.92
CA ASP A 136 -16.83 -18.67 -4.60
C ASP A 136 -15.68 -17.65 -4.51
N ILE A 137 -14.51 -18.08 -4.02
CA ILE A 137 -13.33 -17.22 -3.98
C ILE A 137 -12.85 -16.92 -5.40
N GLY A 138 -12.85 -17.93 -6.26
CA GLY A 138 -12.44 -17.75 -7.66
C GLY A 138 -13.43 -16.90 -8.43
N ARG A 139 -14.71 -17.09 -8.16
CA ARG A 139 -15.76 -16.32 -8.79
C ARG A 139 -15.59 -14.82 -8.61
N GLN A 140 -15.21 -14.43 -7.39
CA GLN A 140 -15.16 -13.03 -7.01
C GLN A 140 -13.78 -12.38 -7.17
N ASN A 141 -12.84 -13.07 -7.79
CA ASN A 141 -11.49 -12.55 -7.99
C ASN A 141 -11.08 -12.63 -9.42
N THR A 142 -10.22 -11.73 -9.83
CA THR A 142 -9.69 -11.71 -11.19
C THR A 142 -8.60 -12.72 -11.29
N ILE A 143 -8.33 -13.19 -12.49
CA ILE A 143 -7.19 -14.07 -12.70
C ILE A 143 -5.85 -13.39 -12.37
N ALA A 144 -5.75 -12.08 -12.60
CA ALA A 144 -4.53 -11.33 -12.30
C ALA A 144 -4.23 -11.39 -10.81
N ARG A 145 -5.25 -11.18 -10.00
CA ARG A 145 -5.11 -11.19 -8.56
C ARG A 145 -4.62 -12.52 -8.01
N ILE A 146 -5.05 -13.61 -8.63
CA ILE A 146 -4.67 -14.94 -8.17
C ILE A 146 -3.26 -15.30 -8.64
N LYS A 147 -2.89 -14.85 -9.83
CA LYS A 147 -1.52 -15.00 -10.33
C LYS A 147 -0.52 -14.34 -9.41
N LYS A 148 -0.88 -13.20 -8.82
CA LYS A 148 0.00 -12.49 -7.90
C LYS A 148 0.38 -13.34 -6.69
N CYS A 149 -0.47 -14.29 -6.31
CA CYS A 149 -0.18 -15.26 -5.24
C CYS A 149 0.81 -16.37 -5.64
N CYS A 150 1.36 -16.36 -6.84
CA CYS A 150 2.36 -17.33 -7.30
C CYS A 150 3.53 -17.61 -6.33
N THR A 151 3.97 -16.59 -5.60
CA THR A 151 5.12 -16.73 -4.70
C THR A 151 4.88 -17.70 -3.55
N ILE A 152 3.63 -17.89 -3.12
CA ILE A 152 3.35 -18.85 -2.04
C ILE A 152 3.73 -20.28 -2.43
N MET A 153 3.82 -20.53 -3.73
CA MET A 153 4.32 -21.79 -4.28
C MET A 153 5.78 -21.79 -4.72
N GLY A 154 6.51 -20.70 -4.45
CA GLY A 154 7.87 -20.49 -4.97
C GLY A 154 7.97 -20.40 -6.48
N LYS A 155 6.95 -19.84 -7.11
CA LYS A 155 6.86 -19.74 -8.55
C LYS A 155 6.75 -18.34 -9.08
N THR A 156 6.83 -18.18 -10.39
CA THR A 156 6.72 -16.87 -11.01
C THR A 156 5.41 -16.70 -11.73
N GLU A 157 4.75 -15.58 -11.49
CA GLU A 157 3.43 -15.28 -12.03
C GLU A 157 3.49 -15.29 -13.50
N GLY A 158 2.47 -15.87 -14.11
CA GLY A 158 2.41 -15.90 -15.55
C GLY A 158 3.61 -16.74 -15.85
N THR A 159 4.20 -16.63 -17.02
CA THR A 159 5.37 -17.44 -17.29
C THR A 159 4.95 -18.89 -17.12
N LEU A 160 5.56 -19.56 -16.15
CA LEU A 160 5.25 -20.93 -15.89
C LEU A 160 4.02 -21.43 -15.18
N THR A 161 3.17 -20.62 -14.59
CA THR A 161 2.06 -21.19 -13.83
C THR A 161 1.25 -22.17 -14.66
N ALA A 162 0.97 -23.31 -14.06
CA ALA A 162 0.22 -24.37 -14.66
C ALA A 162 -0.94 -24.75 -13.82
N ALA A 163 -2.02 -24.00 -13.92
CA ALA A 163 -3.24 -24.28 -13.17
C ALA A 163 -2.89 -24.57 -11.72
N GLN A 164 -2.08 -23.63 -11.25
CA GLN A 164 -1.54 -23.50 -9.94
C GLN A 164 -2.30 -22.30 -9.49
N VAL A 165 -3.45 -22.08 -10.13
CA VAL A 165 -4.34 -21.01 -9.77
C VAL A 165 -5.27 -21.58 -8.69
N LEU A 166 -5.59 -22.87 -8.87
CA LEU A 166 -6.46 -23.59 -7.95
C LEU A 166 -5.84 -23.72 -6.57
N TYR A 167 -4.54 -24.00 -6.51
CA TYR A 167 -3.89 -24.12 -5.24
C TYR A 167 -4.00 -22.88 -4.38
N PRO A 168 -3.74 -21.65 -4.95
CA PRO A 168 -3.95 -20.51 -4.04
C PRO A 168 -5.40 -20.38 -3.62
N LEU A 169 -6.35 -20.67 -4.48
CA LEU A 169 -7.75 -20.56 -4.13
C LEU A 169 -8.07 -21.49 -3.02
N MET A 170 -7.46 -22.65 -3.03
CA MET A 170 -7.67 -23.60 -1.99
C MET A 170 -7.06 -23.20 -0.66
N GLN A 171 -5.86 -22.66 -0.66
CA GLN A 171 -5.19 -22.27 0.56
C GLN A 171 -5.99 -21.20 1.26
N CYS A 172 -6.58 -20.35 0.48
CA CYS A 172 -7.42 -19.33 0.99
C CYS A 172 -8.67 -19.92 1.60
N CYS A 173 -9.24 -20.94 0.97
CA CYS A 173 -10.48 -21.52 1.47
C CYS A 173 -10.24 -22.09 2.82
N ASP A 174 -9.22 -22.87 2.89
CA ASP A 174 -8.66 -23.29 4.14
C ASP A 174 -8.70 -22.20 5.18
N ILE A 175 -8.42 -20.96 4.93
CA ILE A 175 -8.33 -20.25 6.17
C ILE A 175 -9.61 -20.38 6.95
N PHE A 176 -10.71 -20.26 6.26
CA PHE A 176 -12.01 -20.39 6.84
C PHE A 176 -12.42 -21.78 7.24
N PHE A 177 -12.00 -22.75 6.46
CA PHE A 177 -12.35 -24.11 6.70
C PHE A 177 -11.83 -24.62 8.01
N LEU A 178 -10.60 -24.27 8.35
CA LEU A 178 -10.04 -24.71 9.60
C LEU A 178 -10.55 -23.86 10.73
N LYS A 179 -11.21 -22.78 10.39
CA LYS A 179 -11.75 -21.89 11.37
C LYS A 179 -10.66 -21.30 12.19
N ALA A 180 -9.51 -21.13 11.60
CA ALA A 180 -8.40 -20.55 12.29
C ALA A 180 -8.60 -19.09 12.55
N ASP A 181 -8.13 -18.65 13.71
CA ASP A 181 -8.15 -17.25 14.16
C ASP A 181 -6.85 -16.56 13.77
N ILE A 182 -5.76 -17.31 13.70
CA ILE A 182 -4.44 -16.77 13.38
C ILE A 182 -3.78 -17.63 12.31
N CYS A 183 -3.36 -17.01 11.21
CA CYS A 183 -2.57 -17.70 10.19
C CYS A 183 -1.15 -17.46 10.56
N GLN A 184 -0.44 -18.53 10.88
CA GLN A 184 0.87 -18.41 11.45
C GLN A 184 1.82 -19.15 10.52
N LEU A 185 2.01 -18.54 9.36
CA LEU A 185 2.89 -19.08 8.32
C LEU A 185 4.03 -18.11 8.06
N GLY A 186 4.95 -18.49 7.18
CA GLY A 186 6.08 -17.60 6.82
C GLY A 186 5.69 -16.44 5.93
N LEU A 187 6.55 -15.43 5.89
CA LEU A 187 6.27 -14.22 5.10
C LEU A 187 5.99 -14.46 3.61
N ASP A 188 6.59 -15.49 3.01
CA ASP A 188 6.33 -15.77 1.60
C ASP A 188 4.89 -16.26 1.33
N GLN A 189 4.09 -16.48 2.38
CA GLN A 189 2.68 -16.83 2.24
C GLN A 189 1.77 -15.63 2.35
N ARG A 190 2.32 -14.44 2.49
CA ARG A 190 1.56 -13.28 2.92
C ARG A 190 0.51 -12.90 1.88
N LYS A 191 0.84 -13.09 0.60
CA LYS A 191 -0.06 -12.69 -0.49
C LYS A 191 -1.43 -13.41 -0.49
N VAL A 192 -1.43 -14.73 -0.22
CA VAL A 192 -2.67 -15.48 -0.05
C VAL A 192 -3.40 -15.17 1.28
N ASN A 193 -2.65 -14.88 2.33
CA ASN A 193 -3.28 -14.47 3.59
C ASN A 193 -4.04 -13.16 3.43
N MET A 194 -3.46 -12.21 2.68
CA MET A 194 -4.15 -10.98 2.35
C MET A 194 -5.41 -11.26 1.51
N LEU A 195 -5.32 -12.21 0.60
CA LEU A 195 -6.49 -12.60 -0.21
C LEU A 195 -7.66 -13.08 0.64
N ALA A 196 -7.35 -13.75 1.74
CA ALA A 196 -8.35 -14.21 2.69
C ALA A 196 -9.00 -13.06 3.46
N ARG A 197 -8.19 -12.09 3.86
CA ARG A 197 -8.74 -10.87 4.42
C ARG A 197 -9.61 -10.08 3.42
N GLU A 198 -9.19 -10.04 2.15
CA GLU A 198 -9.99 -9.40 1.09
C GLU A 198 -11.34 -10.11 0.94
N TYR A 199 -11.34 -11.45 1.06
CA TYR A 199 -12.55 -12.23 0.93
C TYR A 199 -13.52 -12.03 2.10
N CYS A 200 -13.03 -11.71 3.29
CA CYS A 200 -13.94 -11.32 4.39
C CYS A 200 -14.82 -10.13 4.02
N ASP A 201 -14.23 -9.12 3.39
CA ASP A 201 -14.98 -7.93 2.92
C ASP A 201 -16.00 -8.29 1.86
N LEU A 202 -15.63 -9.20 0.96
CA LEU A 202 -16.54 -9.65 -0.09
C LEU A 202 -17.78 -10.35 0.49
N ILE A 203 -17.57 -11.25 1.44
CA ILE A 203 -18.69 -11.95 2.08
C ILE A 203 -19.23 -11.28 3.38
N GLY A 204 -18.79 -10.05 3.66
CA GLY A 204 -19.28 -9.31 4.81
C GLY A 204 -18.97 -9.85 6.20
N ARG A 205 -17.97 -10.73 6.33
CA ARG A 205 -17.57 -11.23 7.64
C ARG A 205 -16.78 -10.13 8.31
N LYS A 206 -17.19 -9.76 9.52
CA LYS A 206 -16.57 -8.63 10.21
C LYS A 206 -15.22 -9.02 10.84
N LEU A 207 -15.12 -10.20 11.45
CA LEU A 207 -13.84 -10.67 12.02
C LEU A 207 -12.95 -11.31 10.95
N LYS A 208 -11.76 -10.75 10.78
CA LYS A 208 -10.81 -11.23 9.80
C LYS A 208 -9.76 -12.09 10.48
N PRO A 209 -9.18 -13.05 9.75
CA PRO A 209 -8.09 -13.79 10.35
C PRO A 209 -6.86 -12.90 10.57
N VAL A 210 -6.20 -13.05 11.71
CA VAL A 210 -5.01 -12.29 12.03
C VAL A 210 -3.81 -12.98 11.39
N ILE A 211 -2.98 -12.21 10.69
CA ILE A 211 -1.83 -12.74 9.97
C ILE A 211 -0.60 -12.47 10.83
N LEU A 212 -0.09 -13.52 11.44
CA LEU A 212 1.07 -13.45 12.28
C LEU A 212 2.22 -14.15 11.57
N SER A 213 2.78 -13.47 10.57
CA SER A 213 3.78 -14.09 9.68
C SER A 213 5.15 -14.14 10.33
N HIS A 214 5.84 -15.27 10.19
CA HIS A 214 7.18 -15.43 10.79
C HIS A 214 8.33 -15.23 9.81
N HIS A 215 9.50 -14.99 10.38
CA HIS A 215 10.71 -14.68 9.63
C HIS A 215 11.11 -15.83 8.71
N MET A 216 11.59 -15.50 7.52
CA MET A 216 12.06 -16.50 6.58
C MET A 216 13.53 -16.76 6.81
N LEU A 217 13.85 -17.99 7.22
CA LEU A 217 15.20 -18.36 7.58
C LEU A 217 16.08 -18.47 6.33
N ALA A 218 17.28 -17.92 6.43
CA ALA A 218 18.17 -17.73 5.26
C ALA A 218 18.87 -19.01 4.83
N GLY A 219 19.24 -19.02 3.55
CA GLY A 219 19.95 -20.16 2.96
C GLY A 219 21.43 -20.06 3.27
N LEU A 220 22.08 -21.21 3.36
CA LEU A 220 23.50 -21.28 3.77
C LEU A 220 24.47 -20.79 2.69
N ARG A 221 24.24 -21.15 1.43
CA ARG A 221 25.16 -20.77 0.35
C ARG A 221 25.00 -19.28 -0.03
N ARG A 222 25.98 -18.78 -0.77
CA ARG A 222 26.20 -17.34 -0.94
C ARG A 222 25.16 -16.58 -1.78
N GLY A 223 24.68 -17.16 -2.89
CA GLY A 223 23.82 -16.44 -3.85
C GLY A 223 22.31 -16.59 -3.65
N GLN A 224 21.86 -16.65 -2.41
CA GLN A 224 20.48 -17.05 -2.07
C GLN A 224 20.12 -16.62 -0.64
N ALA A 225 18.97 -15.97 -0.49
CA ALA A 225 18.48 -15.52 0.82
C ALA A 225 17.36 -16.40 1.40
N LYS A 226 17.19 -17.62 0.87
CA LYS A 226 16.22 -18.59 1.39
C LYS A 226 16.65 -20.04 1.04
N MET A 227 16.37 -20.97 1.94
CA MET A 227 16.78 -22.38 1.81
C MET A 227 15.96 -23.13 0.73
N SER A 228 16.66 -23.63 -0.29
CA SER A 228 16.09 -23.89 -1.63
C SER A 228 16.07 -25.37 -2.08
N LYS A 229 15.60 -25.59 -3.33
CA LYS A 229 15.64 -26.90 -4.02
C LYS A 229 16.90 -27.14 -4.87
N SER A 230 17.72 -26.11 -5.09
CA SER A 230 18.97 -26.22 -5.87
C SER A 230 20.07 -26.96 -5.07
N ASP A 231 20.40 -26.46 -3.89
CA ASP A 231 21.40 -27.08 -3.00
C ASP A 231 20.72 -27.96 -1.94
N PRO A 232 21.12 -29.25 -1.79
CA PRO A 232 20.93 -29.87 -0.46
C PRO A 232 21.79 -29.20 0.61
N ASP A 233 22.82 -28.46 0.19
CA ASP A 233 23.71 -27.71 1.09
C ASP A 233 23.27 -26.29 1.45
N SER A 234 22.06 -25.86 1.04
CA SER A 234 21.49 -24.57 1.44
C SER A 234 20.75 -24.68 2.76
N ALA A 235 20.39 -25.91 3.12
CA ALA A 235 19.64 -26.19 4.33
C ALA A 235 20.24 -27.36 5.08
N ILE A 236 20.08 -27.31 6.39
CA ILE A 236 20.33 -28.44 7.24
C ILE A 236 19.02 -29.22 7.31
N PHE A 237 19.05 -30.49 6.92
CA PHE A 237 17.92 -31.42 7.10
C PHE A 237 17.81 -31.85 8.56
N MET A 238 16.62 -32.29 8.97
CA MET A 238 16.33 -32.55 10.40
C MET A 238 16.89 -33.85 11.00
N GLU A 239 17.46 -34.72 10.18
CA GLU A 239 18.20 -35.87 10.69
C GLU A 239 19.56 -36.02 10.01
N ASP A 240 20.11 -34.89 9.54
CA ASP A 240 21.49 -34.84 9.06
C ASP A 240 22.40 -35.38 10.16
N THR A 241 23.38 -36.20 9.77
CA THR A 241 24.34 -36.74 10.74
C THR A 241 25.23 -35.61 11.21
N GLU A 242 25.83 -35.78 12.38
CA GLU A 242 26.61 -34.69 13.00
C GLU A 242 27.72 -34.12 12.10
N GLU A 243 28.29 -34.95 11.23
CA GLU A 243 29.35 -34.51 10.32
C GLU A 243 28.80 -33.79 9.10
N ASP A 244 27.61 -34.21 8.63
CA ASP A 244 26.91 -33.49 7.54
C ASP A 244 26.49 -32.09 7.99
N VAL A 245 26.06 -31.96 9.25
CA VAL A 245 25.77 -30.66 9.86
C VAL A 245 27.03 -29.77 9.88
N ALA A 246 28.17 -30.37 10.25
CA ALA A 246 29.43 -29.66 10.35
C ALA A 246 29.93 -29.20 8.99
N ARG A 247 29.84 -30.09 8.00
CA ARG A 247 30.26 -29.78 6.64
C ARG A 247 29.48 -28.60 6.06
N LYS A 248 28.15 -28.64 6.22
CA LYS A 248 27.24 -27.60 5.71
C LYS A 248 27.44 -26.24 6.35
N ILE A 249 27.57 -26.20 7.68
CA ILE A 249 27.81 -24.94 8.41
C ILE A 249 29.22 -24.40 8.16
N ARG A 250 30.20 -25.30 7.97
CA ARG A 250 31.59 -24.88 7.76
C ARG A 250 31.77 -24.13 6.45
N GLN A 251 31.15 -24.60 5.36
CA GLN A 251 31.23 -23.93 4.06
C GLN A 251 30.24 -22.76 3.84
N ALA A 252 29.54 -22.34 4.90
CA ALA A 252 28.46 -21.38 4.78
C ALA A 252 28.98 -19.98 4.66
N TYR A 253 28.26 -19.18 3.86
CA TYR A 253 28.55 -17.77 3.71
C TYR A 253 28.44 -17.08 5.08
N CYS A 254 29.37 -16.19 5.39
CA CYS A 254 29.48 -15.62 6.74
C CYS A 254 30.21 -14.27 6.73
N PRO A 255 29.54 -13.21 6.25
CA PRO A 255 30.13 -11.87 6.24
C PRO A 255 30.11 -11.20 7.61
N ARG A 256 31.17 -10.45 7.91
CA ARG A 256 31.31 -9.71 9.17
C ARG A 256 30.56 -8.38 9.11
N VAL A 257 29.24 -8.44 9.14
CA VAL A 257 28.41 -7.25 9.09
C VAL A 257 27.26 -7.41 10.07
N LYS A 258 26.94 -6.32 10.76
CA LYS A 258 25.78 -6.29 11.65
C LYS A 258 24.51 -6.56 10.80
N GLN A 259 23.56 -7.33 11.33
CA GLN A 259 22.32 -7.67 10.62
C GLN A 259 21.19 -6.78 11.06
N SER A 260 20.62 -6.05 10.09
CA SER A 260 19.42 -5.26 10.31
C SER A 260 18.23 -5.98 9.69
N ALA A 261 17.04 -5.63 10.14
CA ALA A 261 15.81 -6.24 9.62
C ALA A 261 15.57 -5.81 8.17
N SER A 262 15.08 -6.76 7.37
CA SER A 262 14.75 -6.51 5.96
C SER A 262 13.47 -5.69 5.83
N ALA A 263 13.42 -4.88 4.78
CA ALA A 263 12.16 -4.27 4.35
C ALA A 263 11.21 -5.41 4.02
N ILE A 264 10.03 -5.38 4.63
CA ILE A 264 8.98 -6.34 4.34
C ILE A 264 8.49 -6.05 2.91
N THR A 265 8.90 -6.88 1.95
CA THR A 265 8.44 -6.71 0.57
C THR A 265 6.96 -7.11 0.52
N ASP A 266 6.25 -6.58 -0.47
CA ASP A 266 4.81 -6.81 -0.64
C ASP A 266 4.48 -8.29 -0.93
N ASP A 267 5.38 -8.95 -1.68
CA ASP A 267 5.20 -10.38 -1.96
C ASP A 267 5.67 -11.25 -0.80
N GLY A 268 6.56 -10.75 0.06
CA GLY A 268 6.96 -11.42 1.30
C GLY A 268 8.19 -12.29 1.12
N ALA A 269 8.52 -12.62 -0.14
CA ALA A 269 9.69 -13.43 -0.43
C ALA A 269 10.95 -12.56 -0.27
N PRO A 270 11.99 -13.10 0.41
CA PRO A 270 13.19 -12.28 0.65
C PRO A 270 14.04 -12.14 -0.62
N VAL A 271 14.66 -10.97 -0.79
CA VAL A 271 15.55 -10.69 -1.93
C VAL A 271 17.01 -10.95 -1.50
N ALA A 272 17.82 -11.52 -2.42
CA ALA A 272 19.22 -11.86 -2.14
C ALA A 272 20.02 -10.59 -1.85
N THR A 273 20.78 -10.62 -0.76
CA THR A 273 21.64 -9.48 -0.36
C THR A 273 22.89 -10.04 0.32
N ASP A 274 24.02 -9.36 0.10
CA ASP A 274 25.32 -9.79 0.67
C ASP A 274 25.53 -9.47 2.15
N ASP A 275 24.76 -8.52 2.68
CA ASP A 275 24.73 -8.22 4.12
C ASP A 275 24.13 -9.36 4.93
N ARG A 276 23.19 -10.11 4.33
CA ARG A 276 22.51 -11.22 5.04
C ARG A 276 23.48 -12.38 5.30
N ASN A 277 23.74 -12.60 6.59
CA ASN A 277 24.64 -13.63 7.08
C ASN A 277 23.75 -14.78 7.61
N PRO A 278 23.77 -15.94 6.93
CA PRO A 278 22.95 -17.08 7.39
C PRO A 278 23.40 -17.79 8.67
N VAL A 279 24.66 -17.65 9.08
CA VAL A 279 25.11 -18.21 10.37
C VAL A 279 24.48 -17.42 11.51
N LEU A 280 24.59 -16.10 11.45
CA LEU A 280 23.93 -15.23 12.44
C LEU A 280 22.40 -15.33 12.44
N ASP A 281 21.81 -15.64 11.28
CA ASP A 281 20.37 -15.78 11.18
C ASP A 281 19.91 -17.03 11.94
N TYR A 282 20.70 -18.11 11.84
CA TYR A 282 20.44 -19.33 12.61
C TYR A 282 20.51 -19.07 14.10
N PHE A 283 21.58 -18.37 14.55
CA PHE A 283 21.69 -17.98 15.97
C PHE A 283 20.44 -17.23 16.45
N GLN A 284 19.99 -16.25 15.67
CA GLN A 284 18.84 -15.44 16.05
C GLN A 284 17.52 -16.21 16.12
N CYS A 285 17.33 -17.16 15.22
CA CYS A 285 16.03 -17.84 15.04
C CYS A 285 15.90 -19.20 15.73
N VAL A 286 16.97 -19.99 15.75
CA VAL A 286 16.92 -21.33 16.31
C VAL A 286 17.61 -21.48 17.69
N VAL A 287 18.59 -20.62 17.97
CA VAL A 287 19.28 -20.61 19.28
C VAL A 287 18.56 -19.61 20.20
N TYR A 288 18.75 -18.31 20.00
CA TYR A 288 18.24 -17.28 20.94
C TYR A 288 16.71 -17.13 21.04
N ALA A 289 15.96 -17.73 20.13
CA ALA A 289 14.48 -17.65 20.19
C ALA A 289 13.85 -18.53 21.27
N ARG A 290 14.54 -19.62 21.65
CA ARG A 290 14.09 -20.48 22.75
C ARG A 290 14.21 -19.72 24.08
N PRO A 291 13.20 -19.86 24.98
CA PRO A 291 13.11 -19.08 26.23
C PRO A 291 14.43 -18.70 26.94
N GLY A 292 15.22 -19.67 27.42
CA GLY A 292 16.43 -19.36 28.22
C GLY A 292 17.77 -19.54 27.53
N ALA A 293 17.78 -19.42 26.21
CA ALA A 293 18.93 -19.88 25.42
C ALA A 293 20.10 -18.93 25.51
N VAL A 294 21.29 -19.50 25.38
CA VAL A 294 22.56 -18.82 25.54
C VAL A 294 23.57 -19.54 24.65
N ALA A 295 24.64 -18.85 24.27
CA ALA A 295 25.76 -19.48 23.56
C ALA A 295 27.10 -19.04 24.15
N ALA A 296 28.10 -19.91 24.01
CA ALA A 296 29.40 -19.71 24.62
C ALA A 296 30.55 -20.11 23.68
N ILE A 297 31.54 -19.22 23.54
CA ILE A 297 32.79 -19.48 22.81
C ILE A 297 33.96 -19.13 23.74
N ASP A 298 34.85 -20.11 23.97
CA ASP A 298 36.07 -19.94 24.80
C ASP A 298 35.85 -19.29 26.19
N GLY A 299 34.79 -19.70 26.90
CA GLY A 299 34.55 -19.26 28.29
C GLY A 299 33.58 -18.09 28.41
N THR A 300 33.66 -17.15 27.46
CA THR A 300 32.66 -16.08 27.38
C THR A 300 31.29 -16.61 27.02
N THR A 301 30.29 -16.09 27.72
CA THR A 301 28.92 -16.46 27.52
C THR A 301 28.16 -15.21 27.09
N TYR A 302 27.51 -15.31 25.93
CA TYR A 302 26.73 -14.21 25.37
C TYR A 302 25.25 -14.45 25.62
N ALA A 303 24.63 -13.61 26.44
CA ALA A 303 23.27 -13.85 26.92
C ALA A 303 22.21 -13.53 25.87
N THR A 304 22.45 -12.49 25.08
CA THR A 304 21.58 -12.12 23.95
C THR A 304 22.28 -12.24 22.60
N TYR A 305 21.46 -12.18 21.55
CA TYR A 305 21.94 -12.24 20.16
C TYR A 305 22.79 -11.02 19.83
N GLU A 306 22.41 -9.86 20.35
CA GLU A 306 23.11 -8.59 20.08
C GLU A 306 24.57 -8.66 20.56
N ASP A 307 24.79 -9.26 21.73
CA ASP A 307 26.13 -9.43 22.27
C ASP A 307 26.98 -10.32 21.37
N LEU A 308 26.45 -11.48 20.98
CA LEU A 308 27.16 -12.40 20.08
C LEU A 308 27.50 -11.75 18.73
N GLU A 309 26.52 -11.03 18.18
CA GLU A 309 26.67 -10.31 16.90
C GLU A 309 27.73 -9.23 17.04
N GLN A 310 27.60 -8.41 18.09
CA GLN A 310 28.56 -7.35 18.41
C GLN A 310 30.00 -7.86 18.52
N ALA A 311 30.16 -8.98 19.22
CA ALA A 311 31.45 -9.66 19.37
C ALA A 311 32.04 -10.17 18.04
N PHE A 312 31.17 -10.67 17.15
CA PHE A 312 31.60 -11.15 15.83
C PHE A 312 32.01 -10.01 14.90
N VAL A 313 31.31 -8.88 14.99
CA VAL A 313 31.61 -7.71 14.13
C VAL A 313 32.92 -7.02 14.52
N SER A 314 33.19 -6.94 15.84
CA SER A 314 34.45 -6.36 16.35
C SER A 314 35.65 -7.35 16.39
N ASP A 315 35.44 -8.59 15.93
CA ASP A 315 36.48 -9.63 15.82
C ASP A 315 37.02 -10.14 17.16
N GLU A 316 36.20 -10.06 18.21
CA GLU A 316 36.47 -10.76 19.47
C GLU A 316 36.27 -12.27 19.28
N VAL A 317 35.35 -12.64 18.38
CA VAL A 317 35.07 -14.03 18.00
C VAL A 317 35.35 -14.18 16.52
N SER A 318 35.90 -15.32 16.13
CA SER A 318 36.30 -15.55 14.75
C SER A 318 35.23 -16.33 14.00
N GLU A 319 35.38 -16.39 12.68
CA GLU A 319 34.42 -17.04 11.80
C GLU A 319 34.32 -18.54 12.12
N ASP A 320 35.47 -19.21 12.25
CA ASP A 320 35.49 -20.66 12.58
C ASP A 320 35.01 -20.98 14.00
N ALA A 321 35.26 -20.09 14.95
CA ALA A 321 34.75 -20.24 16.31
C ALA A 321 33.22 -20.16 16.36
N LEU A 322 32.67 -19.10 15.74
CA LEU A 322 31.22 -18.89 15.63
C LEU A 322 30.51 -20.07 14.96
N LYS A 323 31.12 -20.60 13.90
CA LYS A 323 30.59 -21.79 13.22
C LYS A 323 30.64 -23.07 14.08
N SER A 324 31.73 -23.24 14.83
CA SER A 324 31.85 -24.39 15.75
C SER A 324 30.85 -24.32 16.89
N CYS A 325 30.51 -23.10 17.33
CA CYS A 325 29.46 -22.88 18.33
C CYS A 325 28.09 -23.28 17.81
N LEU A 326 27.82 -22.96 16.55
CA LEU A 326 26.52 -23.27 15.96
C LEU A 326 26.35 -24.76 15.71
N ILE A 327 27.40 -25.40 15.17
CA ILE A 327 27.42 -26.84 14.92
C ILE A 327 27.08 -27.65 16.18
N ASP A 328 27.63 -27.23 17.31
CA ASP A 328 27.31 -27.86 18.60
C ASP A 328 25.86 -27.60 19.01
N GLU A 329 25.42 -26.36 18.86
CA GLU A 329 24.06 -25.96 19.21
C GLU A 329 22.99 -26.69 18.39
N VAL A 330 23.23 -26.84 17.09
CA VAL A 330 22.33 -27.56 16.19
C VAL A 330 22.35 -29.07 16.44
N ASN A 331 23.55 -29.65 16.58
CA ASN A 331 23.68 -31.09 16.83
C ASN A 331 23.00 -31.52 18.13
N ALA A 332 23.06 -30.68 19.16
CA ALA A 332 22.28 -30.91 20.39
C ALA A 332 20.76 -30.90 20.14
N LEU A 333 20.29 -29.95 19.34
CA LEU A 333 18.85 -29.83 19.04
C LEU A 333 18.31 -30.97 18.14
N LEU A 334 19.11 -31.41 17.17
CA LEU A 334 18.72 -32.53 16.33
C LEU A 334 18.90 -33.92 16.97
N ALA A 335 19.64 -33.99 18.08
CA ALA A 335 19.89 -35.27 18.76
C ALA A 335 18.60 -36.06 19.07
N PRO A 336 17.61 -35.47 19.79
CA PRO A 336 16.32 -36.17 20.01
C PRO A 336 15.66 -36.76 18.74
N VAL A 337 15.80 -36.08 17.60
CA VAL A 337 15.20 -36.51 16.34
C VAL A 337 15.96 -37.72 15.77
N ARG A 338 17.29 -37.65 15.76
CA ARG A 338 18.12 -38.79 15.33
C ARG A 338 17.82 -40.06 16.13
N GLN A 339 17.78 -39.90 17.47
CA GLN A 339 17.54 -41.04 18.37
C GLN A 339 16.16 -41.69 18.12
N HIS A 340 15.15 -40.90 17.76
CA HIS A 340 13.84 -41.44 17.41
C HIS A 340 13.90 -42.32 16.15
N PHE A 341 14.62 -41.86 15.13
CA PHE A 341 14.73 -42.63 13.87
C PHE A 341 15.75 -43.76 13.92
N ALA A 342 16.68 -43.67 14.86
CA ALA A 342 17.60 -44.76 15.16
C ALA A 342 16.92 -45.92 15.92
N SER A 343 15.89 -45.63 16.71
CA SER A 343 15.27 -46.61 17.62
C SER A 343 13.77 -46.81 17.41
N ASN A 344 13.33 -46.91 16.16
CA ASN A 344 11.93 -47.16 15.82
C ASN A 344 11.86 -47.69 14.39
N GLU A 345 11.32 -48.90 14.22
CA GLU A 345 11.30 -49.55 12.90
C GLU A 345 10.46 -48.75 11.91
N GLU A 346 9.23 -48.43 12.31
CA GLU A 346 8.28 -47.68 11.46
C GLU A 346 8.88 -46.37 10.97
N ALA A 347 9.35 -45.56 11.92
CA ALA A 347 9.96 -44.28 11.60
C ALA A 347 11.20 -44.45 10.69
N HIS A 348 12.03 -45.44 11.00
CA HIS A 348 13.21 -45.71 10.20
C HIS A 348 12.85 -46.05 8.75
N GLU A 349 11.86 -46.95 8.56
CA GLU A 349 11.38 -47.29 7.18
C GLU A 349 10.93 -46.05 6.39
N LEU A 350 10.13 -45.18 7.03
CA LEU A 350 9.65 -43.93 6.40
C LEU A 350 10.84 -43.10 5.92
N LEU A 351 11.78 -42.80 6.83
CA LEU A 351 13.01 -42.10 6.48
C LEU A 351 13.78 -42.74 5.32
N GLU A 352 13.87 -44.07 5.27
CA GLU A 352 14.54 -44.77 4.15
C GLU A 352 13.78 -44.58 2.85
N ALA A 353 12.46 -44.62 2.91
CA ALA A 353 11.63 -44.38 1.73
C ALA A 353 11.75 -42.95 1.20
N VAL A 354 11.87 -41.99 2.12
CA VAL A 354 12.03 -40.58 1.77
C VAL A 354 13.39 -40.35 1.11
N LYS A 355 14.46 -40.88 1.72
CA LYS A 355 15.80 -40.86 1.12
C LYS A 355 15.86 -41.47 -0.29
N SER A 356 15.10 -42.54 -0.52
CA SER A 356 15.05 -43.23 -1.83
C SER A 356 14.41 -42.40 -2.94
N TYR A 357 13.61 -41.41 -2.58
CA TYR A 357 13.01 -40.48 -3.54
C TYR A 357 13.96 -39.36 -4.01
N ARG A 358 15.17 -39.26 -3.48
CA ARG A 358 16.17 -38.30 -4.00
C ARG A 358 16.82 -38.79 -5.31
N LYS A 359 16.75 -40.09 -5.50
CA LYS A 359 17.18 -40.74 -6.72
C LYS A 359 15.95 -41.43 -7.33
N GLY A 360 14.80 -41.34 -6.65
CA GLY A 360 13.57 -41.99 -7.11
C GLY A 360 12.42 -41.20 -7.72
N GLY A 361 12.38 -39.89 -7.52
CA GLY A 361 11.32 -39.07 -8.11
C GLY A 361 11.71 -37.85 -8.93
N ALA A 362 12.99 -37.52 -9.02
CA ALA A 362 13.45 -36.30 -9.70
C ALA A 362 14.34 -36.43 -10.91
N THR A 363 14.25 -35.42 -11.77
CA THR A 363 15.01 -35.39 -13.01
C THR A 363 14.57 -36.58 -13.86
N LEU A 364 13.35 -37.02 -13.59
CA LEU A 364 12.68 -38.06 -14.26
C LEU A 364 11.45 -37.25 -14.48
N PRO A 365 10.84 -37.38 -15.66
CA PRO A 365 9.65 -36.59 -15.97
C PRO A 365 8.57 -36.90 -14.96
N LEU A 366 7.91 -35.84 -14.51
CA LEU A 366 6.84 -35.93 -13.53
C LEU A 366 5.67 -36.72 -14.06
N ALA A 367 5.12 -37.53 -13.17
CA ALA A 367 3.99 -38.37 -13.45
C ALA A 367 2.79 -37.49 -13.55
N GLU A 368 1.85 -37.84 -14.39
CA GLU A 368 0.66 -37.05 -14.54
C GLU A 368 -0.50 -37.98 -14.69
N THR A 369 -1.69 -37.52 -14.38
CA THR A 369 -2.89 -38.37 -14.56
C THR A 369 -2.92 -38.92 -16.02
N ALA A 370 -3.17 -40.23 -16.22
CA ALA A 370 -3.40 -40.78 -17.57
C ALA A 370 -4.81 -40.50 -18.14
N LEU A 371 -4.88 -40.36 -19.47
CA LEU A 371 -6.14 -40.15 -20.15
C LEU A 371 -6.86 -41.48 -20.15
N PRO A 372 -8.12 -41.52 -19.70
CA PRO A 372 -8.77 -42.82 -19.82
C PRO A 372 -9.00 -43.19 -21.28
N ALA A 373 -9.34 -44.45 -21.53
CA ALA A 373 -9.57 -44.89 -22.90
C ALA A 373 -10.95 -44.36 -23.33
N ALA A 374 -11.27 -44.54 -24.60
CA ALA A 374 -12.58 -44.21 -25.13
C ALA A 374 -13.70 -45.10 -24.57
N PRO A 375 -14.92 -44.56 -24.43
CA PRO A 375 -16.08 -45.41 -24.13
C PRO A 375 -16.46 -46.19 -25.38
N GLU A 376 -16.97 -47.41 -25.18
CA GLU A 376 -17.25 -48.30 -26.28
C GLU A 376 -18.54 -47.90 -27.01
N LYS A 377 -19.63 -47.68 -26.28
CA LYS A 377 -20.85 -47.16 -26.91
C LYS A 377 -20.78 -45.64 -27.00
N PRO A 378 -21.17 -45.07 -28.16
CA PRO A 378 -21.14 -43.61 -28.29
C PRO A 378 -22.07 -42.91 -27.29
N HIS A 379 -21.56 -41.84 -26.70
CA HIS A 379 -22.26 -41.10 -25.67
C HIS A 379 -21.94 -39.62 -25.84
N ALA A 380 -22.97 -38.85 -26.14
CA ALA A 380 -22.86 -37.41 -26.33
C ALA A 380 -23.22 -36.69 -25.08
N CYS A 381 -22.69 -35.47 -24.96
CA CYS A 381 -22.88 -34.66 -23.78
C CYS A 381 -23.11 -33.20 -24.16
N MET A 382 -24.02 -32.55 -23.45
CA MET A 382 -24.44 -31.21 -23.78
C MET A 382 -24.73 -30.44 -22.49
N TRP A 383 -24.16 -29.25 -22.35
CA TRP A 383 -24.38 -28.45 -21.13
C TRP A 383 -25.52 -27.50 -21.36
N MET A 384 -26.40 -27.43 -20.38
CA MET A 384 -27.49 -26.48 -20.44
C MET A 384 -26.90 -25.08 -20.25
N PRO A 385 -27.27 -24.09 -21.11
CA PRO A 385 -26.94 -22.69 -20.84
C PRO A 385 -27.56 -22.19 -19.53
N ALA A 386 -26.71 -21.64 -18.68
CA ALA A 386 -27.17 -20.90 -17.51
C ALA A 386 -27.48 -19.44 -17.90
N LEU A 387 -28.59 -19.24 -18.59
CA LEU A 387 -29.08 -17.91 -18.95
C LEU A 387 -30.54 -17.77 -18.51
N LEU A 388 -30.94 -16.56 -18.15
CA LEU A 388 -32.35 -16.26 -17.91
C LEU A 388 -33.08 -16.26 -19.23
N LYS A 389 -32.41 -15.80 -20.27
CA LYS A 389 -33.01 -15.66 -21.55
C LYS A 389 -32.25 -16.50 -22.57
N VAL A 390 -32.74 -17.72 -22.82
CA VAL A 390 -32.17 -18.60 -23.85
C VAL A 390 -32.85 -18.34 -25.19
N PRO A 391 -32.10 -17.90 -26.21
CA PRO A 391 -32.76 -17.65 -27.49
C PRO A 391 -33.26 -18.94 -28.13
N LEU A 392 -34.34 -18.82 -28.88
CA LEU A 392 -35.05 -19.94 -29.47
C LEU A 392 -34.15 -20.63 -30.48
N ASP A 393 -33.44 -19.82 -31.28
CA ASP A 393 -32.47 -20.34 -32.24
C ASP A 393 -31.41 -21.25 -31.59
N VAL A 394 -30.96 -20.89 -30.39
CA VAL A 394 -29.98 -21.68 -29.65
C VAL A 394 -30.61 -22.98 -29.16
N ALA A 395 -31.77 -22.87 -28.52
CA ALA A 395 -32.50 -24.01 -28.00
C ALA A 395 -32.91 -25.00 -29.07
N GLU A 396 -33.40 -24.49 -30.19
CA GLU A 396 -33.79 -25.32 -31.33
C GLU A 396 -32.60 -26.14 -31.81
N GLY A 397 -31.46 -25.49 -31.98
CA GLY A 397 -30.21 -26.15 -32.33
C GLY A 397 -29.75 -27.24 -31.35
N MET A 398 -30.02 -27.05 -30.05
CA MET A 398 -29.69 -28.08 -29.06
C MET A 398 -30.52 -29.33 -29.29
N ILE A 399 -31.83 -29.12 -29.44
CA ILE A 399 -32.81 -30.16 -29.72
C ILE A 399 -32.44 -30.94 -30.98
N LYS A 400 -32.19 -30.23 -32.07
CA LYS A 400 -31.87 -30.87 -33.36
C LYS A 400 -30.57 -31.68 -33.28
N ALA A 401 -29.58 -31.17 -32.53
CA ALA A 401 -28.30 -31.86 -32.38
C ALA A 401 -28.42 -33.19 -31.65
N THR A 402 -29.32 -33.26 -30.65
CA THR A 402 -29.58 -34.51 -29.94
C THR A 402 -30.33 -35.51 -30.83
N GLU A 403 -31.34 -35.04 -31.55
CA GLU A 403 -32.05 -35.86 -32.56
C GLU A 403 -31.09 -36.41 -33.61
N ASP A 404 -30.28 -35.53 -34.19
CA ASP A 404 -29.28 -35.96 -35.18
C ASP A 404 -28.28 -36.99 -34.64
N PHE A 405 -27.89 -36.87 -33.37
CA PHE A 405 -26.95 -37.82 -32.76
C PHE A 405 -27.56 -39.21 -32.58
N ILE A 406 -28.77 -39.25 -32.02
CA ILE A 406 -29.48 -40.52 -31.82
C ILE A 406 -29.67 -41.26 -33.15
N ALA A 407 -30.05 -40.50 -34.19
CA ALA A 407 -30.20 -41.04 -35.55
C ALA A 407 -28.91 -41.65 -36.11
N ALA A 408 -27.78 -40.98 -35.89
CA ALA A 408 -26.49 -41.47 -36.38
C ALA A 408 -25.95 -42.66 -35.58
N HIS A 409 -26.31 -42.76 -34.29
CA HIS A 409 -25.81 -43.82 -33.40
C HIS A 409 -26.97 -44.38 -32.60
N PRO A 410 -27.77 -45.27 -33.18
CA PRO A 410 -28.96 -45.75 -32.45
C PRO A 410 -28.65 -46.54 -31.17
N GLY A 411 -27.44 -47.12 -31.07
CA GLY A 411 -27.00 -47.80 -29.85
C GLY A 411 -26.68 -46.88 -28.68
N GLY A 412 -26.50 -45.58 -28.95
CA GLY A 412 -25.86 -44.67 -28.03
C GLY A 412 -26.77 -43.80 -27.18
N THR A 413 -26.13 -42.88 -26.45
CA THR A 413 -26.75 -42.11 -25.39
C THR A 413 -26.50 -40.61 -25.57
N VAL A 414 -27.40 -39.79 -25.04
CA VAL A 414 -27.19 -38.34 -24.97
C VAL A 414 -27.56 -37.88 -23.57
N THR A 415 -26.62 -37.22 -22.87
CA THR A 415 -26.88 -36.63 -21.54
C THR A 415 -26.83 -35.11 -21.65
N VAL A 416 -27.81 -34.45 -21.06
CA VAL A 416 -27.74 -33.02 -20.84
C VAL A 416 -27.27 -32.80 -19.40
N VAL A 417 -26.15 -32.09 -19.21
CA VAL A 417 -25.64 -31.74 -17.88
C VAL A 417 -26.14 -30.36 -17.47
N LEU A 418 -26.68 -30.25 -16.25
CA LEU A 418 -27.04 -28.96 -15.68
C LEU A 418 -25.87 -28.52 -14.82
N PRO A 419 -25.20 -27.40 -15.21
CA PRO A 419 -23.98 -27.00 -14.52
C PRO A 419 -24.23 -26.15 -13.27
N ASP A 420 -24.80 -26.76 -12.23
CA ASP A 420 -25.15 -25.99 -11.02
C ASP A 420 -23.97 -25.65 -10.07
N TRP A 421 -22.78 -26.18 -10.36
CA TRP A 421 -21.55 -25.80 -9.66
C TRP A 421 -20.66 -24.87 -10.50
N SER A 422 -20.29 -25.34 -11.68
CA SER A 422 -19.40 -24.60 -12.56
C SER A 422 -19.95 -23.24 -13.04
N ALA A 423 -21.27 -23.15 -13.21
CA ALA A 423 -21.88 -21.86 -13.57
C ALA A 423 -21.90 -20.84 -12.42
N VAL A 424 -21.82 -21.30 -11.17
CA VAL A 424 -21.66 -20.40 -10.06
C VAL A 424 -20.23 -19.90 -10.12
N ALA A 425 -19.30 -20.83 -10.27
CA ALA A 425 -17.88 -20.48 -10.36
C ALA A 425 -17.56 -19.44 -11.41
N SER A 426 -18.21 -19.49 -12.56
CA SER A 426 -17.95 -18.49 -13.58
C SER A 426 -18.80 -17.25 -13.52
N ASP A 427 -19.64 -17.12 -12.50
CA ASP A 427 -20.46 -15.92 -12.35
C ASP A 427 -21.49 -15.65 -13.43
N GLU A 428 -22.17 -16.71 -13.79
CA GLU A 428 -23.12 -16.73 -14.86
C GLU A 428 -24.34 -15.87 -14.81
N ILE A 429 -24.93 -15.69 -13.64
CA ILE A 429 -26.10 -14.85 -13.60
C ILE A 429 -25.91 -13.79 -12.58
N THR A 430 -26.22 -14.14 -11.37
CA THR A 430 -26.07 -13.25 -10.26
C THR A 430 -25.00 -13.83 -9.39
N GLY A 431 -24.44 -14.96 -9.81
CA GLY A 431 -23.44 -15.65 -9.03
C GLY A 431 -23.97 -16.43 -7.83
N VAL A 432 -25.29 -16.49 -7.67
CA VAL A 432 -25.92 -17.12 -6.50
C VAL A 432 -26.42 -18.52 -6.87
N GLU A 433 -26.15 -19.50 -6.00
CA GLU A 433 -26.58 -20.90 -6.22
C GLU A 433 -28.08 -21.05 -6.49
N LYS A 434 -28.87 -20.52 -5.56
CA LYS A 434 -30.35 -20.59 -5.66
C LYS A 434 -30.82 -20.17 -7.06
N ASP A 435 -30.38 -19.00 -7.52
CA ASP A 435 -30.82 -18.45 -8.80
C ASP A 435 -30.39 -19.30 -9.98
N ILE A 436 -29.16 -19.79 -9.96
CA ILE A 436 -28.59 -20.58 -11.07
C ILE A 436 -29.28 -21.94 -11.19
N SER A 437 -29.54 -22.61 -10.07
CA SER A 437 -30.34 -23.82 -10.08
C SER A 437 -31.73 -23.61 -10.65
N ALA A 438 -32.37 -22.55 -10.19
CA ALA A 438 -33.69 -22.21 -10.67
C ALA A 438 -33.70 -22.10 -12.18
N ALA A 439 -32.83 -21.25 -12.72
CA ALA A 439 -32.77 -20.98 -14.16
C ALA A 439 -32.43 -22.20 -15.00
N LEU A 440 -31.55 -23.05 -14.48
CA LEU A 440 -31.26 -24.32 -15.13
C LEU A 440 -32.46 -25.27 -15.15
N GLN A 441 -33.16 -25.40 -14.03
CA GLN A 441 -34.37 -26.22 -13.95
C GLN A 441 -35.44 -25.70 -14.91
N VAL A 442 -35.60 -24.39 -14.97
CA VAL A 442 -36.56 -23.79 -15.87
C VAL A 442 -36.20 -24.07 -17.32
N ASN A 443 -34.96 -23.80 -17.68
CA ASN A 443 -34.52 -24.01 -19.05
C ASN A 443 -34.60 -25.49 -19.44
N CYS A 444 -34.30 -26.40 -18.51
CA CYS A 444 -34.49 -27.84 -18.76
C CYS A 444 -35.93 -28.24 -19.10
N ALA A 445 -36.87 -27.73 -18.31
CA ALA A 445 -38.26 -28.02 -18.53
C ALA A 445 -38.75 -27.50 -19.88
N LEU A 446 -38.39 -26.27 -20.21
CA LEU A 446 -38.86 -25.65 -21.45
C LEU A 446 -38.27 -26.31 -22.69
N LEU A 447 -37.04 -26.79 -22.56
CA LEU A 447 -36.40 -27.51 -23.65
C LEU A 447 -37.11 -28.82 -23.99
N LYS A 448 -37.54 -29.54 -22.96
CA LYS A 448 -38.34 -30.75 -23.12
C LYS A 448 -39.69 -30.39 -23.76
N ALA A 449 -40.30 -29.32 -23.28
CA ALA A 449 -41.56 -28.87 -23.83
C ALA A 449 -41.48 -28.50 -25.32
N TYR A 450 -40.32 -28.01 -25.78
CA TYR A 450 -40.14 -27.65 -27.21
C TYR A 450 -39.71 -28.80 -28.10
N GLY A 451 -39.50 -30.00 -27.53
CA GLY A 451 -39.17 -31.18 -28.34
C GLY A 451 -37.91 -31.96 -28.04
N LEU A 452 -37.24 -31.73 -26.91
CA LEU A 452 -36.07 -32.52 -26.56
C LEU A 452 -36.54 -33.95 -26.31
N PRO A 453 -35.95 -34.92 -27.01
CA PRO A 453 -36.40 -36.30 -26.86
C PRO A 453 -36.44 -36.80 -25.40
N ASN A 454 -37.45 -37.61 -25.06
CA ASN A 454 -37.60 -38.20 -23.72
C ASN A 454 -36.47 -39.14 -23.34
N SER A 455 -35.86 -39.77 -24.34
CA SER A 455 -34.71 -40.64 -24.15
C SER A 455 -33.45 -39.94 -23.64
N VAL A 456 -33.40 -38.60 -23.74
CA VAL A 456 -32.23 -37.82 -23.31
C VAL A 456 -32.12 -37.83 -21.78
N LYS A 457 -30.98 -38.28 -21.26
CA LYS A 457 -30.77 -38.35 -19.81
C LYS A 457 -30.34 -36.97 -19.28
N ILE A 458 -30.79 -36.63 -18.07
CA ILE A 458 -30.50 -35.34 -17.46
C ILE A 458 -29.79 -35.54 -16.13
N VAL A 459 -28.60 -34.96 -15.99
CA VAL A 459 -27.81 -35.06 -14.73
C VAL A 459 -27.44 -33.64 -14.29
N THR A 460 -27.33 -33.43 -12.99
CA THR A 460 -26.71 -32.21 -12.45
C THR A 460 -25.24 -32.49 -12.16
N GLU A 461 -24.43 -31.44 -12.19
CA GLU A 461 -23.08 -31.52 -11.65
C GLU A 461 -23.10 -32.01 -10.21
N ASN A 462 -24.09 -31.55 -9.46
CA ASN A 462 -24.30 -31.93 -8.06
C ASN A 462 -24.34 -33.44 -7.83
N GLU A 463 -25.06 -34.19 -8.67
CA GLU A 463 -25.08 -35.67 -8.64
C GLU A 463 -23.70 -36.23 -8.97
N VAL A 464 -23.10 -35.72 -10.04
CA VAL A 464 -21.80 -36.18 -10.51
C VAL A 464 -20.74 -35.96 -9.43
N ILE A 465 -20.68 -34.76 -8.86
CA ILE A 465 -19.63 -34.39 -7.89
C ILE A 465 -19.82 -35.08 -6.55
N LEU A 466 -21.02 -34.98 -5.99
CA LEU A 466 -21.28 -35.55 -4.66
C LEU A 466 -21.27 -37.07 -4.68
N GLY A 467 -21.57 -37.66 -5.84
CA GLY A 467 -21.42 -39.10 -6.03
C GLY A 467 -20.00 -39.61 -6.11
N ASN A 468 -19.03 -38.70 -6.36
CA ASN A 468 -17.60 -39.05 -6.46
C ASN A 468 -16.72 -37.98 -5.80
N ARG A 469 -16.95 -37.77 -4.52
CA ARG A 469 -16.37 -36.63 -3.79
C ARG A 469 -14.85 -36.57 -3.91
N ASN A 470 -14.19 -37.70 -3.81
CA ASN A 470 -12.72 -37.72 -3.93
C ASN A 470 -12.31 -37.72 -5.40
N ASP A 471 -12.79 -38.71 -6.15
CA ASP A 471 -12.29 -38.97 -7.53
C ASP A 471 -12.49 -37.82 -8.52
N PHE A 472 -13.59 -37.08 -8.36
CA PHE A 472 -13.87 -35.92 -9.20
C PHE A 472 -12.79 -34.84 -9.04
N TRP A 473 -12.53 -34.45 -7.80
CA TRP A 473 -11.58 -33.38 -7.54
C TRP A 473 -10.12 -33.75 -7.81
N VAL A 474 -9.78 -35.03 -7.60
CA VAL A 474 -8.50 -35.56 -8.08
C VAL A 474 -8.38 -35.54 -9.60
N SER A 475 -9.50 -35.74 -10.30
CA SER A 475 -9.52 -35.63 -11.78
C SER A 475 -9.21 -34.20 -12.19
N VAL A 476 -9.92 -33.27 -11.58
CA VAL A 476 -9.70 -31.85 -11.77
C VAL A 476 -8.26 -31.47 -11.45
N ILE A 477 -7.67 -32.01 -10.38
CA ILE A 477 -6.26 -31.67 -10.05
C ILE A 477 -5.35 -32.26 -11.13
N GLY A 478 -5.62 -33.50 -11.56
CA GLY A 478 -4.85 -34.14 -12.63
C GLY A 478 -4.85 -33.37 -13.94
N ILE A 479 -6.03 -32.90 -14.35
CA ILE A 479 -6.20 -32.11 -15.59
C ILE A 479 -5.51 -30.78 -15.45
N ALA A 480 -5.68 -30.14 -14.29
CA ALA A 480 -5.08 -28.83 -14.01
C ALA A 480 -3.54 -28.83 -14.09
N ARG A 481 -2.92 -29.91 -13.59
CA ARG A 481 -1.47 -30.00 -13.57
C ARG A 481 -0.90 -30.07 -14.96
N LYS A 482 -1.66 -30.67 -15.87
CA LYS A 482 -1.22 -30.91 -17.24
C LYS A 482 -1.42 -29.74 -18.22
N ASN A 483 -1.91 -28.60 -17.75
CA ASN A 483 -2.22 -27.48 -18.63
C ASN A 483 -1.67 -26.20 -18.08
N LEU A 484 -1.11 -25.38 -18.97
CA LEU A 484 -0.62 -24.07 -18.58
C LEU A 484 -1.81 -23.15 -18.43
N LEU A 485 -1.74 -22.25 -17.46
CA LEU A 485 -2.80 -21.25 -17.30
C LEU A 485 -3.00 -20.45 -18.60
N SER A 486 -1.89 -20.12 -19.26
CA SER A 486 -1.93 -19.40 -20.53
C SER A 486 -2.77 -20.12 -21.59
N HIS A 487 -2.73 -21.44 -21.59
CA HIS A 487 -3.51 -22.25 -22.52
C HIS A 487 -5.03 -22.13 -22.29
N ILE A 488 -5.45 -22.03 -21.03
CA ILE A 488 -6.85 -21.83 -20.69
C ILE A 488 -7.26 -20.39 -20.89
N GLU A 489 -6.33 -19.47 -20.66
CA GLU A 489 -6.55 -18.06 -21.01
C GLU A 489 -6.81 -17.83 -22.50
N GLU A 490 -6.11 -18.56 -23.36
CA GLU A 490 -6.32 -18.52 -24.82
C GLU A 490 -7.76 -18.92 -25.21
N LEU A 491 -8.37 -19.83 -24.48
CA LEU A 491 -9.78 -20.18 -24.71
C LEU A 491 -10.73 -18.99 -24.75
N TYR A 492 -10.48 -17.99 -23.92
CA TYR A 492 -11.34 -16.82 -23.90
C TYR A 492 -10.65 -15.62 -24.61
N GLY A 493 -9.64 -15.88 -25.45
CA GLY A 493 -8.83 -14.83 -26.08
C GLY A 493 -8.37 -13.76 -25.10
N GLY A 494 -7.86 -14.19 -23.95
CA GLY A 494 -7.41 -13.27 -22.91
C GLY A 494 -8.48 -12.35 -22.31
N GLU A 495 -9.74 -12.75 -22.36
CA GLU A 495 -10.84 -11.96 -21.79
C GLU A 495 -11.44 -12.62 -20.53
N LEU A 496 -10.67 -13.44 -19.83
CA LEU A 496 -11.16 -14.08 -18.60
C LEU A 496 -11.51 -12.99 -17.57
N ARG A 497 -12.77 -12.96 -17.14
CA ARG A 497 -13.23 -12.00 -16.15
C ARG A 497 -13.03 -12.46 -14.69
N ASN A 498 -12.94 -13.76 -14.46
CA ASN A 498 -12.59 -14.24 -13.13
C ASN A 498 -11.87 -15.57 -13.15
N ALA A 499 -11.26 -15.89 -12.02
CA ALA A 499 -10.53 -17.11 -11.87
C ALA A 499 -11.47 -18.31 -11.83
N GLY A 500 -12.72 -18.10 -11.43
CA GLY A 500 -13.71 -19.16 -11.44
C GLY A 500 -13.96 -19.78 -12.82
N GLN A 501 -13.75 -19.00 -13.87
CA GLN A 501 -13.85 -19.49 -15.22
C GLN A 501 -12.77 -20.50 -15.58
N VAL A 502 -11.60 -20.39 -14.97
CA VAL A 502 -10.53 -21.37 -15.16
C VAL A 502 -10.93 -22.71 -14.57
N ILE A 503 -11.56 -22.68 -13.38
CA ILE A 503 -11.97 -23.91 -12.69
C ILE A 503 -13.16 -24.52 -13.44
N ALA A 504 -14.09 -23.67 -13.88
CA ALA A 504 -15.22 -24.11 -14.71
C ALA A 504 -14.80 -24.90 -15.94
N ALA A 505 -13.72 -24.50 -16.58
CA ALA A 505 -13.22 -25.21 -17.75
C ALA A 505 -12.71 -26.58 -17.36
N LEU A 506 -11.95 -26.66 -16.28
CA LEU A 506 -11.42 -27.93 -15.74
C LEU A 506 -12.54 -28.87 -15.29
N MET A 507 -13.56 -28.30 -14.66
CA MET A 507 -14.71 -29.07 -14.20
C MET A 507 -15.48 -29.72 -15.35
N ARG A 508 -15.68 -28.98 -16.45
CA ARG A 508 -16.35 -29.52 -17.64
C ARG A 508 -15.63 -30.73 -18.21
N VAL A 509 -14.31 -30.65 -18.31
CA VAL A 509 -13.52 -31.77 -18.79
C VAL A 509 -13.63 -32.93 -17.80
N ALA A 510 -13.49 -32.67 -16.51
CA ALA A 510 -13.64 -33.71 -15.47
C ALA A 510 -15.00 -34.38 -15.61
N THR A 511 -16.06 -33.60 -15.78
CA THR A 511 -17.43 -34.12 -15.96
C THR A 511 -17.54 -34.99 -17.22
N ALA A 512 -17.00 -34.51 -18.34
CA ALA A 512 -16.96 -35.28 -19.60
C ALA A 512 -16.24 -36.64 -19.42
N LEU A 513 -15.16 -36.66 -18.64
CA LEU A 513 -14.46 -37.90 -18.31
C LEU A 513 -15.26 -38.80 -17.35
N MET A 514 -15.81 -38.23 -16.27
CA MET A 514 -16.63 -38.98 -15.28
C MET A 514 -17.79 -39.74 -15.94
N LEU A 515 -18.47 -39.11 -16.90
CA LEU A 515 -19.63 -39.67 -17.59
C LEU A 515 -19.30 -40.49 -18.85
N SER A 516 -17.99 -40.69 -19.16
CA SER A 516 -17.52 -41.48 -20.31
C SER A 516 -18.11 -41.00 -21.64
N VAL A 517 -17.77 -39.78 -22.04
CA VAL A 517 -18.42 -39.16 -23.24
C VAL A 517 -17.49 -39.33 -24.43
N SER A 518 -18.09 -39.67 -25.57
CA SER A 518 -17.36 -39.74 -26.83
C SER A 518 -17.51 -38.45 -27.59
N HIS A 519 -18.64 -37.77 -27.43
CA HIS A 519 -18.92 -36.50 -28.13
C HIS A 519 -19.37 -35.38 -27.18
N VAL A 520 -18.94 -34.16 -27.45
CA VAL A 520 -19.48 -33.00 -26.76
C VAL A 520 -20.17 -32.14 -27.77
N ILE A 521 -21.38 -31.73 -27.44
CA ILE A 521 -22.20 -30.92 -28.34
C ILE A 521 -22.14 -29.50 -27.84
N SER A 522 -21.84 -28.56 -28.73
CA SER A 522 -21.63 -27.16 -28.37
C SER A 522 -22.57 -26.22 -29.10
N THR A 523 -23.15 -25.30 -28.35
CA THR A 523 -23.81 -24.13 -28.93
C THR A 523 -22.77 -23.10 -29.39
N SER A 524 -23.25 -21.99 -29.93
CA SER A 524 -22.39 -20.84 -30.22
C SER A 524 -21.88 -20.15 -28.94
N LEU A 525 -22.50 -20.42 -27.80
CA LEU A 525 -22.16 -19.81 -26.54
C LEU A 525 -21.10 -20.54 -25.70
N ASP A 526 -20.84 -21.82 -25.97
CA ASP A 526 -19.84 -22.56 -25.18
C ASP A 526 -18.83 -23.40 -25.96
N GLY A 527 -18.79 -23.28 -27.29
CA GLY A 527 -17.86 -24.05 -28.09
C GLY A 527 -16.38 -23.78 -27.80
N HIS A 528 -16.08 -22.55 -27.38
CA HIS A 528 -14.76 -22.21 -26.85
C HIS A 528 -14.31 -23.03 -25.63
N ILE A 529 -15.25 -23.41 -24.75
CA ILE A 529 -14.93 -24.19 -23.54
C ILE A 529 -14.84 -25.68 -23.86
N ASN A 530 -15.76 -26.19 -24.66
CA ASN A 530 -15.78 -27.62 -24.98
C ASN A 530 -14.63 -28.03 -25.91
N ALA A 531 -14.06 -27.07 -26.64
CA ALA A 531 -12.85 -27.29 -27.43
C ALA A 531 -11.71 -27.81 -26.56
N PHE A 532 -11.63 -27.32 -25.32
CA PHE A 532 -10.64 -27.78 -24.34
C PHE A 532 -10.73 -29.28 -24.07
N ALA A 533 -11.94 -29.83 -24.02
CA ALA A 533 -12.11 -31.25 -23.75
C ALA A 533 -11.47 -32.11 -24.82
N ARG A 534 -11.65 -31.71 -26.08
CA ARG A 534 -11.01 -32.35 -27.22
C ARG A 534 -9.49 -32.20 -27.15
N GLU A 535 -9.04 -30.98 -26.91
CA GLU A 535 -7.62 -30.66 -26.73
C GLU A 535 -6.96 -31.57 -25.68
N TYR A 536 -7.51 -31.59 -24.46
CA TYR A 536 -6.95 -32.35 -23.34
C TYR A 536 -6.85 -33.85 -23.62
N THR A 537 -7.92 -34.41 -24.19
CA THR A 537 -7.94 -35.84 -24.52
C THR A 537 -7.16 -36.23 -25.80
N LYS A 538 -6.46 -35.28 -26.42
CA LYS A 538 -5.68 -35.49 -27.65
C LYS A 538 -6.56 -36.03 -28.76
N GLU A 539 -7.54 -35.22 -29.13
CA GLU A 539 -8.45 -35.50 -30.24
C GLU A 539 -9.30 -36.78 -30.05
N ARG A 540 -9.38 -37.30 -28.82
CA ARG A 540 -10.19 -38.49 -28.55
C ARG A 540 -11.65 -38.13 -28.53
N ILE A 541 -12.02 -37.15 -27.70
CA ILE A 541 -13.40 -36.66 -27.65
C ILE A 541 -13.64 -35.82 -28.89
N GLU A 542 -14.79 -36.02 -29.52
CA GLU A 542 -15.18 -35.35 -30.78
C GLU A 542 -16.11 -34.18 -30.45
N CYS A 543 -16.04 -33.13 -31.27
CA CYS A 543 -16.79 -31.88 -31.06
C CYS A 543 -17.86 -31.77 -32.13
N VAL A 544 -19.10 -31.81 -31.73
CA VAL A 544 -20.23 -31.61 -32.63
C VAL A 544 -20.74 -30.20 -32.37
N GLN A 545 -21.00 -29.45 -33.44
CA GLN A 545 -21.51 -28.09 -33.34
C GLN A 545 -23.00 -28.07 -33.71
N THR A 546 -23.76 -27.39 -32.90
CA THR A 546 -25.16 -27.15 -33.08
C THR A 546 -25.38 -26.32 -34.35
N LEU A 547 -26.51 -26.52 -35.03
CA LEU A 547 -26.87 -25.72 -36.23
C LEU A 547 -27.81 -24.58 -35.84
N GLU A 548 -27.23 -23.39 -35.71
CA GLU A 548 -27.94 -22.16 -35.40
C GLU A 548 -28.06 -21.36 -36.68
N GLY A 549 -28.54 -20.11 -36.57
CA GLY A 549 -28.73 -19.21 -37.70
C GLY A 549 -29.99 -19.43 -38.50
N ARG A 550 -30.95 -20.17 -37.96
CA ARG A 550 -32.20 -20.49 -38.69
C ARG A 550 -33.40 -19.62 -38.25
N ILE A 551 -33.40 -19.15 -37.00
CA ILE A 551 -34.34 -18.11 -36.51
C ILE A 551 -33.53 -16.84 -36.24
N PRO A 552 -33.69 -15.80 -37.07
CA PRO A 552 -32.86 -14.60 -36.88
C PRO A 552 -33.46 -13.58 -35.91
N ALA A 553 -32.73 -12.51 -35.66
CA ALA A 553 -33.26 -11.35 -34.95
C ALA A 553 -34.31 -10.69 -35.83
N LEU A 554 -35.30 -10.11 -35.19
CA LEU A 554 -36.50 -9.64 -35.87
C LEU A 554 -36.45 -8.21 -36.43
N HIS A 555 -35.41 -7.44 -36.09
CA HIS A 555 -35.17 -6.12 -36.69
C HIS A 555 -34.74 -6.25 -38.15
N ARG A 556 -34.73 -5.14 -38.86
CA ARG A 556 -34.29 -5.12 -40.24
C ARG A 556 -32.76 -5.35 -40.33
N PRO A 557 -32.31 -6.31 -41.17
CA PRO A 557 -30.86 -6.50 -41.39
C PRO A 557 -30.20 -5.28 -42.01
N GLY A 558 -29.13 -4.79 -41.39
CA GLY A 558 -28.50 -3.53 -41.80
C GLY A 558 -29.08 -2.30 -41.12
N ALA A 559 -30.08 -2.48 -40.26
CA ALA A 559 -30.65 -1.38 -39.45
C ALA A 559 -30.90 -1.88 -38.05
N ALA A 560 -29.86 -2.38 -37.41
CA ALA A 560 -29.96 -2.92 -36.05
C ALA A 560 -29.83 -1.79 -35.04
N PRO A 561 -30.52 -1.92 -33.89
CA PRO A 561 -30.29 -0.94 -32.82
C PRO A 561 -28.94 -1.16 -32.14
N ALA A 562 -28.35 -0.09 -31.62
CA ALA A 562 -27.06 -0.15 -30.92
C ALA A 562 -27.09 -1.11 -29.73
N VAL A 563 -28.20 -1.11 -29.00
CA VAL A 563 -28.48 -2.12 -27.97
C VAL A 563 -29.66 -2.96 -28.46
N LEU A 564 -29.51 -4.30 -28.46
CA LEU A 564 -30.63 -5.20 -28.79
C LEU A 564 -31.62 -5.19 -27.63
N GLY A 565 -32.86 -4.81 -27.92
CA GLY A 565 -33.93 -4.83 -26.92
C GLY A 565 -34.52 -6.22 -26.82
N ALA A 566 -35.31 -6.44 -25.78
CA ALA A 566 -35.91 -7.75 -25.51
C ALA A 566 -36.79 -8.22 -26.67
N ASP A 567 -37.48 -7.30 -27.32
CA ASP A 567 -38.40 -7.63 -28.39
C ASP A 567 -37.75 -7.99 -29.73
N ASP A 568 -36.45 -7.76 -29.91
CA ASP A 568 -35.79 -8.06 -31.19
C ASP A 568 -35.43 -9.55 -31.40
N VAL A 569 -35.55 -10.37 -30.37
CA VAL A 569 -35.14 -11.78 -30.45
C VAL A 569 -36.15 -12.69 -29.73
N LEU A 570 -36.45 -13.83 -30.35
CA LEU A 570 -37.34 -14.83 -29.77
C LEU A 570 -36.63 -15.71 -28.73
N TYR A 571 -37.12 -15.70 -27.49
CA TYR A 571 -36.60 -16.54 -26.39
C TYR A 571 -37.56 -17.68 -26.12
N LEU A 572 -37.08 -18.75 -25.47
CA LEU A 572 -37.96 -19.88 -25.15
C LEU A 572 -38.79 -19.75 -23.86
N ASP A 573 -38.63 -18.65 -23.12
CA ASP A 573 -39.58 -18.30 -22.04
C ASP A 573 -40.62 -17.26 -22.44
N ASP A 574 -40.74 -17.01 -23.75
CA ASP A 574 -41.77 -16.11 -24.26
C ASP A 574 -43.18 -16.70 -24.06
N ASN A 575 -44.08 -15.87 -23.53
CA ASN A 575 -45.50 -16.21 -23.37
C ASN A 575 -46.33 -15.63 -24.53
N ASP A 576 -47.64 -15.89 -24.53
CA ASP A 576 -48.55 -15.44 -25.61
C ASP A 576 -48.43 -13.93 -25.90
N MET A 577 -48.44 -13.09 -24.87
CA MET A 577 -48.29 -11.63 -25.01
C MET A 577 -46.97 -11.21 -25.66
N ASP A 578 -45.87 -11.81 -25.21
CA ASP A 578 -44.53 -11.55 -25.75
C ASP A 578 -44.45 -11.83 -27.24
N ILE A 579 -44.88 -13.03 -27.64
CA ILE A 579 -44.78 -13.47 -29.05
C ILE A 579 -45.63 -12.59 -29.97
N ARG A 580 -46.83 -12.24 -29.52
CA ARG A 580 -47.71 -11.34 -30.28
C ARG A 580 -47.04 -9.99 -30.45
N ARG A 581 -46.43 -9.50 -29.37
CA ARG A 581 -45.73 -8.22 -29.36
C ARG A 581 -44.49 -8.22 -30.27
N LYS A 582 -43.72 -9.29 -30.25
CA LYS A 582 -42.48 -9.36 -31.05
C LYS A 582 -42.72 -9.54 -32.53
N ILE A 583 -43.69 -10.38 -32.87
CA ILE A 583 -44.04 -10.61 -34.27
C ILE A 583 -44.75 -9.38 -34.83
N LYS A 584 -45.49 -8.66 -34.00
CA LYS A 584 -46.08 -7.38 -34.41
C LYS A 584 -45.00 -6.41 -34.85
N LYS A 585 -44.03 -6.16 -33.97
CA LYS A 585 -42.93 -5.21 -34.24
C LYS A 585 -41.89 -5.72 -35.25
N ALA A 586 -41.75 -7.04 -35.41
CA ALA A 586 -40.83 -7.65 -36.40
C ALA A 586 -40.90 -7.01 -37.78
N TYR A 587 -39.77 -7.02 -38.50
CA TYR A 587 -39.67 -6.34 -39.79
C TYR A 587 -40.11 -7.23 -40.97
N SER A 588 -40.97 -6.68 -41.83
CA SER A 588 -41.27 -7.23 -43.16
C SER A 588 -41.76 -6.10 -44.06
N ALA A 589 -41.69 -6.30 -45.37
CA ALA A 589 -42.17 -5.31 -46.33
C ALA A 589 -42.60 -5.98 -47.64
N PRO A 590 -43.58 -5.38 -48.36
CA PRO A 590 -44.10 -6.03 -49.58
C PRO A 590 -43.09 -6.06 -50.73
N ASN A 591 -43.26 -7.01 -51.64
CA ASN A 591 -42.40 -7.16 -52.83
C ASN A 591 -40.93 -7.44 -52.52
N GLU A 592 -40.68 -7.96 -51.32
CA GLU A 592 -39.35 -8.24 -50.79
C GLU A 592 -39.32 -9.75 -50.55
N GLU A 593 -38.34 -10.39 -51.17
CA GLU A 593 -38.13 -11.84 -51.08
C GLU A 593 -37.73 -12.31 -49.70
N ALA A 594 -36.84 -11.54 -49.06
CA ALA A 594 -36.34 -11.92 -47.75
C ALA A 594 -36.40 -10.84 -46.67
N ASN A 595 -36.62 -11.33 -45.46
CA ASN A 595 -36.69 -10.54 -44.22
C ASN A 595 -36.84 -11.54 -43.07
N PRO A 596 -36.77 -11.07 -41.81
CA PRO A 596 -36.89 -12.00 -40.68
C PRO A 596 -38.17 -12.85 -40.66
N VAL A 597 -39.31 -12.27 -41.02
CA VAL A 597 -40.58 -13.01 -40.99
C VAL A 597 -40.59 -14.15 -42.02
N ILE A 598 -40.13 -13.86 -43.24
CA ILE A 598 -39.96 -14.90 -44.26
C ILE A 598 -39.01 -15.99 -43.75
N SER A 599 -37.93 -15.57 -43.06
CA SER A 599 -36.92 -16.48 -42.51
C SER A 599 -37.47 -17.42 -41.45
N VAL A 600 -38.26 -16.87 -40.52
CA VAL A 600 -38.93 -17.68 -39.49
C VAL A 600 -39.93 -18.65 -40.16
N ALA A 601 -40.62 -18.18 -41.21
CA ALA A 601 -41.60 -18.97 -41.94
C ALA A 601 -40.97 -20.15 -42.66
N GLN A 602 -39.84 -19.89 -43.33
CA GLN A 602 -39.08 -20.95 -44.01
C GLN A 602 -38.65 -22.04 -43.02
N HIS A 603 -38.29 -21.64 -41.79
CA HIS A 603 -37.93 -22.59 -40.75
C HIS A 603 -39.13 -23.42 -40.35
N LEU A 604 -40.27 -22.78 -40.12
CA LEU A 604 -41.51 -23.47 -39.73
C LEU A 604 -42.03 -24.39 -40.83
N LEU A 605 -41.87 -23.97 -42.07
CA LEU A 605 -42.20 -24.80 -43.24
C LEU A 605 -41.36 -26.09 -43.24
N ALA A 606 -40.05 -25.96 -43.03
CA ALA A 606 -39.15 -27.12 -42.91
C ALA A 606 -39.55 -28.09 -41.80
N GLN A 607 -39.98 -27.55 -40.66
CA GLN A 607 -40.33 -28.36 -39.49
C GLN A 607 -41.70 -29.04 -39.65
N HIS A 608 -42.68 -28.35 -40.24
CA HIS A 608 -44.11 -28.81 -40.28
C HIS A 608 -44.61 -29.35 -41.62
N GLY A 609 -43.78 -29.34 -42.67
CA GLY A 609 -44.20 -29.81 -44.01
C GLY A 609 -44.83 -28.77 -44.91
N ALA A 610 -45.67 -27.90 -44.35
CA ALA A 610 -46.37 -26.87 -45.11
C ALA A 610 -46.85 -25.71 -44.23
N LEU A 611 -47.30 -24.65 -44.90
CA LEU A 611 -47.72 -23.43 -44.24
C LEU A 611 -48.99 -22.92 -44.93
N ASN A 612 -50.05 -22.72 -44.13
CA ASN A 612 -51.39 -22.37 -44.62
C ASN A 612 -51.72 -20.92 -44.31
N ILE A 613 -51.80 -20.10 -45.36
CA ILE A 613 -52.25 -18.73 -45.22
C ILE A 613 -53.76 -18.75 -45.29
N GLU A 614 -54.40 -18.22 -44.27
CA GLU A 614 -55.83 -18.16 -44.23
C GLU A 614 -56.20 -16.79 -44.75
N ARG A 615 -56.80 -16.75 -45.93
CA ARG A 615 -57.18 -15.48 -46.50
C ARG A 615 -58.63 -15.43 -46.78
N GLY A 616 -59.31 -14.42 -46.27
CA GLY A 616 -60.72 -14.28 -46.54
C GLY A 616 -60.73 -13.97 -48.02
N GLU A 617 -61.74 -14.34 -48.77
CA GLU A 617 -61.63 -14.04 -50.18
C GLU A 617 -61.60 -12.54 -50.42
N ALA A 618 -61.12 -12.18 -51.60
CA ALA A 618 -60.92 -10.82 -52.07
C ALA A 618 -59.47 -10.44 -51.88
N ASN A 619 -58.78 -11.22 -51.05
CA ASN A 619 -57.38 -11.00 -50.82
C ASN A 619 -56.63 -12.12 -51.46
N GLY A 620 -57.38 -13.04 -52.04
CA GLY A 620 -56.80 -14.22 -52.66
C GLY A 620 -57.28 -15.52 -52.06
N GLY A 621 -58.00 -15.46 -50.97
CA GLY A 621 -58.51 -16.66 -50.36
C GLY A 621 -57.42 -17.49 -49.76
N ASN A 622 -57.71 -18.75 -49.45
CA ASN A 622 -56.69 -19.59 -48.82
C ASN A 622 -55.67 -20.19 -49.77
N VAL A 623 -54.49 -20.50 -49.22
CA VAL A 623 -53.42 -21.14 -49.98
C VAL A 623 -52.47 -21.89 -49.02
N SER A 624 -51.83 -22.93 -49.54
CA SER A 624 -50.77 -23.65 -48.84
C SER A 624 -49.46 -23.47 -49.61
N TYR A 625 -48.36 -23.28 -48.86
CA TYR A 625 -47.01 -23.40 -49.43
C TYR A 625 -46.35 -24.60 -48.81
N ASN A 626 -45.84 -25.48 -49.68
CA ASN A 626 -45.17 -26.71 -49.29
C ASN A 626 -43.68 -26.66 -49.55
N THR A 627 -43.19 -25.61 -50.23
CA THR A 627 -41.74 -25.43 -50.45
C THR A 627 -41.31 -23.97 -50.20
N PRO A 628 -40.07 -23.75 -49.71
CA PRO A 628 -39.59 -22.36 -49.54
C PRO A 628 -39.50 -21.53 -50.83
N GLU A 629 -39.22 -22.17 -51.96
CA GLU A 629 -39.01 -21.45 -53.23
C GLU A 629 -40.32 -20.85 -53.75
N ALA A 630 -41.41 -21.60 -53.62
CA ALA A 630 -42.75 -21.07 -53.90
C ALA A 630 -43.07 -19.87 -53.03
N LEU A 631 -42.74 -19.97 -51.74
CA LEU A 631 -43.03 -18.93 -50.74
C LEU A 631 -42.33 -17.61 -51.04
N VAL A 632 -41.02 -17.64 -51.32
CA VAL A 632 -40.27 -16.40 -51.57
C VAL A 632 -40.71 -15.74 -52.87
N ALA A 633 -41.04 -16.54 -53.88
CA ALA A 633 -41.61 -16.05 -55.15
C ALA A 633 -42.88 -15.21 -54.94
N ASP A 634 -43.84 -15.72 -54.16
CA ASP A 634 -45.09 -15.00 -53.90
C ASP A 634 -44.92 -13.75 -53.05
N CYS A 635 -43.91 -13.74 -52.17
CA CYS A 635 -43.58 -12.54 -51.39
C CYS A 635 -42.88 -11.50 -52.27
N GLY A 636 -42.03 -11.98 -53.19
CA GLY A 636 -41.34 -11.12 -54.16
C GLY A 636 -42.23 -10.56 -55.26
N SER A 637 -43.21 -11.34 -55.70
CA SER A 637 -44.19 -10.92 -56.73
C SER A 637 -45.18 -9.90 -56.18
N GLY A 638 -45.43 -9.93 -54.88
CA GLY A 638 -46.46 -9.12 -54.25
C GLY A 638 -47.70 -9.96 -53.95
N ALA A 639 -47.80 -11.14 -54.57
CA ALA A 639 -48.94 -12.08 -54.37
C ALA A 639 -49.34 -12.31 -52.91
N LEU A 640 -48.34 -12.46 -52.03
CA LEU A 640 -48.57 -12.66 -50.59
C LEU A 640 -48.29 -11.39 -49.79
N HIS A 641 -49.32 -10.80 -49.19
CA HIS A 641 -49.16 -9.57 -48.40
C HIS A 641 -48.42 -9.93 -47.11
N PRO A 642 -47.45 -9.10 -46.69
CA PRO A 642 -46.77 -9.28 -45.41
C PRO A 642 -47.62 -9.64 -44.19
N ALA A 643 -48.73 -8.95 -43.94
CA ALA A 643 -49.58 -9.22 -42.76
C ALA A 643 -50.33 -10.57 -42.81
N ASP A 644 -50.56 -11.10 -44.02
CA ASP A 644 -51.18 -12.43 -44.19
C ASP A 644 -50.19 -13.50 -43.66
N LEU A 645 -48.93 -13.42 -44.11
CA LEU A 645 -47.84 -14.29 -43.63
C LEU A 645 -47.56 -14.16 -42.12
N LYS A 646 -47.55 -12.91 -41.66
CA LYS A 646 -47.33 -12.59 -40.25
C LYS A 646 -48.33 -13.31 -39.35
N ALA A 647 -49.61 -13.31 -39.73
CA ALA A 647 -50.66 -13.97 -38.92
C ALA A 647 -50.54 -15.50 -38.99
N ALA A 648 -50.05 -16.02 -40.11
CA ALA A 648 -49.78 -17.45 -40.26
C ALA A 648 -48.62 -17.92 -39.39
N VAL A 649 -47.51 -17.17 -39.43
CA VAL A 649 -46.34 -17.40 -38.58
C VAL A 649 -46.70 -17.32 -37.10
N LEU A 650 -47.42 -16.26 -36.74
CA LEU A 650 -47.82 -16.05 -35.34
C LEU A 650 -48.61 -17.24 -34.85
N GLN A 651 -49.51 -17.74 -35.69
CA GLN A 651 -50.39 -18.85 -35.36
C GLN A 651 -49.57 -20.08 -34.99
N LEU A 652 -48.59 -20.40 -35.81
CA LEU A 652 -47.74 -21.57 -35.62
C LEU A 652 -46.78 -21.48 -34.42
N LEU A 653 -46.26 -20.27 -34.16
CA LEU A 653 -45.38 -20.05 -33.00
C LEU A 653 -46.11 -20.23 -31.69
N LEU A 654 -47.37 -19.80 -31.63
CA LEU A 654 -48.20 -19.98 -30.46
C LEU A 654 -48.50 -21.46 -30.26
N ASP A 655 -48.80 -22.14 -31.35
CA ASP A 655 -49.02 -23.58 -31.31
C ASP A 655 -47.83 -24.38 -30.77
N ARG A 656 -46.67 -24.26 -31.41
CA ARG A 656 -45.43 -24.93 -30.96
C ARG A 656 -45.08 -24.64 -29.50
N SER A 657 -45.37 -23.42 -29.07
CA SER A 657 -45.05 -22.97 -27.72
C SER A 657 -46.11 -23.29 -26.67
N ALA A 658 -47.18 -23.98 -27.05
CA ALA A 658 -48.31 -24.26 -26.13
C ALA A 658 -47.91 -25.09 -24.89
N GLN A 659 -47.20 -26.18 -25.10
CA GLN A 659 -46.74 -27.01 -23.99
C GLN A 659 -45.84 -26.23 -23.03
N ALA A 660 -44.95 -25.43 -23.61
CA ALA A 660 -44.04 -24.59 -22.84
C ALA A 660 -44.78 -23.50 -22.06
N ARG A 661 -45.69 -22.79 -22.70
CA ARG A 661 -46.45 -21.73 -22.03
C ARG A 661 -47.37 -22.26 -20.91
N ALA A 662 -47.82 -23.50 -21.03
CA ALA A 662 -48.55 -24.20 -19.93
C ALA A 662 -47.68 -24.39 -18.69
N LEU A 663 -46.43 -24.78 -18.88
CA LEU A 663 -45.48 -24.91 -17.78
C LEU A 663 -45.09 -23.57 -17.15
N LEU A 664 -45.04 -22.51 -17.95
CA LEU A 664 -44.74 -21.16 -17.42
C LEU A 664 -45.76 -20.65 -16.40
N ASN A 665 -47.03 -21.00 -16.60
CA ASN A 665 -48.12 -20.60 -15.72
C ASN A 665 -48.34 -21.57 -14.54
N GLY A 666 -47.93 -22.82 -14.69
CA GLY A 666 -48.07 -23.86 -13.65
C GLY A 666 -46.78 -24.19 -12.92
N GLU A 667 -46.21 -25.36 -13.23
CA GLU A 667 -45.04 -25.92 -12.53
C GLU A 667 -43.85 -24.95 -12.33
N LEU A 668 -43.56 -24.16 -13.35
CA LEU A 668 -42.41 -23.23 -13.32
C LEU A 668 -42.71 -21.81 -12.80
N LYS A 669 -43.92 -21.54 -12.29
CA LYS A 669 -44.27 -20.18 -11.91
C LYS A 669 -43.55 -19.71 -10.65
N LYS A 670 -43.28 -20.65 -9.73
CA LYS A 670 -42.46 -20.40 -8.54
C LYS A 670 -41.06 -19.94 -8.95
N ASN A 671 -40.41 -20.73 -9.80
CA ASN A 671 -39.06 -20.41 -10.29
C ASN A 671 -39.00 -19.14 -11.15
N MET A 672 -39.97 -18.95 -12.03
CA MET A 672 -39.97 -17.80 -12.94
C MET A 672 -40.12 -16.46 -12.22
N THR A 673 -40.82 -16.45 -11.09
CA THR A 673 -40.92 -15.24 -10.26
C THR A 673 -39.55 -14.93 -9.65
N ALA A 674 -38.91 -15.95 -9.07
CA ALA A 674 -37.54 -15.85 -8.54
C ALA A 674 -36.50 -15.47 -9.59
N LEU A 675 -36.73 -15.86 -10.84
CA LEU A 675 -35.87 -15.45 -11.95
C LEU A 675 -35.97 -13.95 -12.25
N ARG A 676 -37.17 -13.44 -12.49
CA ARG A 676 -37.34 -12.06 -12.96
C ARG A 676 -36.99 -11.04 -11.87
N ASN A 677 -36.92 -11.47 -10.61
CA ASN A 677 -36.31 -10.67 -9.55
C ASN A 677 -34.78 -10.58 -9.70
N ALA A 678 -34.14 -11.70 -10.02
CA ALA A 678 -32.71 -11.74 -10.34
C ALA A 678 -32.33 -10.99 -11.65
N GLU A 679 -33.25 -10.90 -12.60
CA GLU A 679 -33.08 -10.06 -13.81
C GLU A 679 -33.07 -8.56 -13.46
N LYS A 680 -34.02 -8.14 -12.62
CA LYS A 680 -34.06 -6.77 -12.11
C LYS A 680 -32.84 -6.48 -11.23
N LYS A 681 -32.47 -7.44 -10.39
CA LYS A 681 -31.24 -7.35 -9.57
C LYS A 681 -29.98 -7.10 -10.39
N MET A 682 -30.03 -7.41 -11.69
CA MET A 682 -29.07 -6.92 -12.70
C MET A 682 -29.46 -5.54 -13.29
N ALA A 683 -29.33 -4.52 -12.43
CA ALA A 683 -29.64 -3.13 -12.72
C ALA A 683 -28.40 -2.57 -13.41
N LYS A 684 -27.25 -2.70 -12.73
CA LYS A 684 -25.89 -2.59 -13.28
C LYS A 684 -25.79 -2.87 -14.80
N GLY B 3 -0.86 -6.13 -23.07
CA GLY B 3 -1.42 -6.15 -24.46
C GLY B 3 -0.36 -5.90 -25.51
N SER B 4 -0.70 -5.09 -26.51
CA SER B 4 0.23 -4.65 -27.56
C SER B 4 -0.06 -3.17 -27.89
N MET B 5 0.45 -2.33 -27.01
CA MET B 5 0.64 -0.90 -27.28
C MET B 5 2.16 -0.71 -27.28
N ASN B 6 2.65 0.22 -28.09
CA ASN B 6 4.09 0.50 -28.22
C ASN B 6 4.49 1.82 -27.54
N THR B 7 5.79 2.03 -27.43
CA THR B 7 6.39 3.22 -26.82
C THR B 7 5.74 4.55 -27.16
N ASP B 8 5.42 4.77 -28.43
CA ASP B 8 4.88 6.05 -28.86
C ASP B 8 3.42 6.23 -28.49
N GLU B 9 2.61 5.19 -28.68
CA GLU B 9 1.18 5.26 -28.36
C GLU B 9 0.90 5.19 -26.85
N ARG B 10 1.77 4.53 -26.10
CA ARG B 10 1.77 4.59 -24.63
C ARG B 10 2.07 6.01 -24.14
N TYR B 11 3.12 6.61 -24.70
CA TYR B 11 3.52 8.00 -24.40
C TYR B 11 2.40 9.03 -24.65
N LYS B 12 1.87 9.07 -25.87
CA LYS B 12 0.80 10.03 -26.23
C LYS B 12 -0.36 9.95 -25.24
N LEU B 13 -0.69 8.71 -24.86
CA LEU B 13 -1.79 8.47 -23.95
C LEU B 13 -1.51 9.04 -22.56
N LEU B 14 -0.34 8.70 -21.99
CA LEU B 14 0.07 9.19 -20.67
C LEU B 14 0.23 10.69 -20.64
N ARG B 15 0.92 11.24 -21.62
CA ARG B 15 1.10 12.68 -21.69
C ARG B 15 -0.21 13.45 -21.71
N SER B 16 -1.25 12.89 -22.34
CA SER B 16 -2.57 13.56 -22.42
C SER B 16 -3.28 13.72 -21.06
N VAL B 17 -2.83 13.00 -20.04
CA VAL B 17 -3.36 13.14 -18.70
C VAL B 17 -3.08 14.53 -18.13
N GLY B 18 -1.89 15.07 -18.40
CA GLY B 18 -1.42 16.27 -17.73
C GLY B 18 -1.48 17.57 -18.50
N GLU B 19 -1.78 18.65 -17.80
CA GLU B 19 -1.62 20.00 -18.32
C GLU B 19 -0.13 20.38 -18.45
N GLU B 20 0.72 19.77 -17.63
CA GLU B 20 2.15 20.00 -17.66
C GLU B 20 2.84 18.68 -17.35
N CYS B 21 4.02 18.48 -17.94
CA CYS B 21 4.83 17.29 -17.68
C CYS B 21 6.30 17.65 -17.50
N ILE B 22 6.78 17.66 -16.26
CA ILE B 22 8.19 17.85 -15.93
C ILE B 22 8.84 16.49 -15.73
N GLN B 23 9.69 15.98 -16.62
CA GLN B 23 10.03 16.46 -17.97
C GLN B 23 9.53 15.42 -19.01
N GLU B 24 9.14 15.87 -20.19
CA GLU B 24 8.70 14.99 -21.28
C GLU B 24 9.77 13.96 -21.70
N SER B 25 11.03 14.37 -21.74
CA SER B 25 12.11 13.42 -22.07
C SER B 25 12.21 12.28 -21.04
N GLU B 26 11.98 12.59 -19.76
CA GLU B 26 12.07 11.58 -18.69
C GLU B 26 10.93 10.56 -18.76
N LEU B 27 9.73 11.05 -19.03
CA LEU B 27 8.53 10.22 -19.26
C LEU B 27 8.76 9.25 -20.38
N ARG B 28 9.28 9.73 -21.50
CA ARG B 28 9.60 8.84 -22.62
C ARG B 28 10.61 7.79 -22.19
N ASN B 29 11.66 8.19 -21.49
CA ASN B 29 12.70 7.23 -21.05
C ASN B 29 12.15 6.22 -20.05
N LEU B 30 11.12 6.63 -19.32
CA LEU B 30 10.46 5.76 -18.33
C LEU B 30 9.64 4.66 -19.03
N ILE B 31 8.80 5.07 -19.97
CA ILE B 31 8.05 4.14 -20.82
C ILE B 31 8.93 3.11 -21.55
N GLU B 32 10.09 3.55 -22.01
CA GLU B 32 11.03 2.67 -22.72
C GLU B 32 11.74 1.70 -21.82
N LYS B 33 12.17 2.18 -20.66
CA LYS B 33 12.99 1.38 -19.73
C LYS B 33 12.18 0.52 -18.75
N LYS B 34 11.22 1.13 -18.06
CA LYS B 34 10.63 0.49 -16.88
C LYS B 34 9.47 -0.45 -17.23
N PRO B 35 9.55 -1.73 -16.78
CA PRO B 35 8.50 -2.70 -17.15
C PRO B 35 7.13 -2.34 -16.56
N LEU B 36 7.10 -1.95 -15.28
CA LEU B 36 5.86 -1.51 -14.62
C LEU B 36 6.02 -0.11 -14.01
N ILE B 37 5.27 0.85 -14.56
CA ILE B 37 5.31 2.26 -14.13
C ILE B 37 4.27 2.46 -13.03
N ARG B 38 4.67 3.09 -11.93
CA ARG B 38 3.77 3.39 -10.82
C ARG B 38 3.40 4.89 -10.74
N CYS B 39 2.15 5.21 -11.03
CA CYS B 39 1.59 6.53 -10.79
C CYS B 39 1.01 6.64 -9.38
N TYR B 40 0.78 7.85 -8.88
CA TYR B 40 0.05 8.05 -7.62
C TYR B 40 -0.60 9.41 -7.50
N ASP B 41 -1.69 9.45 -6.73
CA ASP B 41 -2.37 10.67 -6.32
C ASP B 41 -2.82 10.43 -4.88
N GLY B 42 -2.86 11.50 -4.11
CA GLY B 42 -3.21 11.43 -2.69
C GLY B 42 -4.41 12.32 -2.43
N PHE B 43 -5.12 12.04 -1.33
CA PHE B 43 -6.40 12.67 -1.07
C PHE B 43 -6.62 12.87 0.41
N GLU B 44 -6.94 14.08 0.81
CA GLU B 44 -7.32 14.35 2.20
C GLU B 44 -8.79 13.96 2.34
N PRO B 45 -9.12 13.00 3.24
CA PRO B 45 -10.54 12.72 3.46
C PRO B 45 -11.19 13.81 4.31
N SER B 46 -11.72 14.85 3.65
CA SER B 46 -12.31 15.96 4.40
C SER B 46 -13.83 16.14 4.31
N GLY B 47 -14.47 15.49 3.34
CA GLY B 47 -15.91 15.62 3.19
C GLY B 47 -16.43 14.93 1.95
N ARG B 48 -17.71 15.12 1.66
CA ARG B 48 -18.31 14.50 0.50
C ARG B 48 -17.38 14.72 -0.69
N MET B 49 -17.30 13.73 -1.58
CA MET B 49 -16.33 13.75 -2.65
C MET B 49 -16.81 14.64 -3.80
N HIS B 50 -15.89 15.44 -4.33
CA HIS B 50 -16.18 16.31 -5.46
C HIS B 50 -16.00 15.54 -6.75
N ILE B 51 -16.79 15.88 -7.75
CA ILE B 51 -16.73 15.23 -9.06
C ILE B 51 -15.31 15.17 -9.65
N ALA B 52 -14.48 16.15 -9.35
CA ALA B 52 -13.09 16.15 -9.82
C ALA B 52 -12.25 14.99 -9.26
N GLN B 53 -12.44 14.67 -7.98
CA GLN B 53 -11.72 13.54 -7.37
C GLN B 53 -12.30 12.18 -7.74
N GLY B 54 -13.52 12.15 -8.28
CA GLY B 54 -14.17 10.90 -8.71
C GLY B 54 -14.13 10.61 -10.19
N ILE B 55 -15.04 11.25 -10.92
CA ILE B 55 -15.24 10.95 -12.33
C ILE B 55 -14.04 11.41 -13.13
N PHE B 56 -13.60 12.64 -12.89
CA PHE B 56 -12.45 13.18 -13.64
C PHE B 56 -11.19 12.36 -13.34
N LYS B 57 -10.96 12.03 -12.07
CA LYS B 57 -9.82 11.20 -11.66
C LYS B 57 -9.86 9.84 -12.35
N ALA B 58 -11.03 9.20 -12.33
CA ALA B 58 -11.25 7.92 -12.99
C ALA B 58 -10.92 7.92 -14.49
N VAL B 59 -11.25 9.00 -15.17
CA VAL B 59 -10.85 9.17 -16.57
C VAL B 59 -9.33 9.13 -16.74
N ASN B 60 -8.60 9.86 -15.91
CA ASN B 60 -7.13 9.90 -16.01
C ASN B 60 -6.45 8.62 -15.53
N VAL B 61 -7.00 7.98 -14.50
CA VAL B 61 -6.47 6.70 -14.04
C VAL B 61 -6.62 5.62 -15.10
N ASN B 62 -7.80 5.54 -15.73
CA ASN B 62 -8.02 4.60 -16.85
C ASN B 62 -7.04 4.75 -18.01
N LYS B 63 -6.71 5.99 -18.35
CA LYS B 63 -5.62 6.25 -19.30
C LYS B 63 -4.27 5.74 -18.79
N CYS B 64 -3.97 5.99 -17.51
CA CYS B 64 -2.71 5.50 -16.91
C CYS B 64 -2.62 3.98 -16.93
N THR B 65 -3.69 3.30 -16.50
CA THR B 65 -3.75 1.84 -16.46
C THR B 65 -3.77 1.25 -17.88
N ALA B 66 -4.45 1.90 -18.83
CA ALA B 66 -4.36 1.53 -20.26
C ALA B 66 -2.93 1.57 -20.83
N ALA B 67 -2.13 2.55 -20.39
CA ALA B 67 -0.73 2.66 -20.82
C ALA B 67 0.25 1.75 -20.07
N GLY B 68 -0.26 0.86 -19.21
CA GLY B 68 0.57 -0.12 -18.50
C GLY B 68 1.06 0.29 -17.14
N CYS B 69 0.27 1.11 -16.43
CA CYS B 69 0.68 1.64 -15.14
C CYS B 69 -0.17 1.08 -14.03
N GLU B 70 0.45 0.84 -12.86
CA GLU B 70 -0.33 0.77 -11.63
C GLU B 70 -0.60 2.19 -11.20
N PHE B 71 -1.69 2.37 -10.47
CA PHE B 71 -2.06 3.67 -9.93
C PHE B 71 -2.44 3.52 -8.46
N VAL B 72 -1.70 4.18 -7.58
CA VAL B 72 -1.95 4.16 -6.15
C VAL B 72 -2.78 5.36 -5.68
N PHE B 73 -3.84 5.10 -4.92
CA PHE B 73 -4.63 6.14 -4.25
C PHE B 73 -4.12 6.17 -2.84
N TRP B 74 -3.49 7.25 -2.45
CA TRP B 74 -2.94 7.40 -1.10
C TRP B 74 -4.00 8.09 -0.27
N VAL B 75 -4.67 7.33 0.58
CA VAL B 75 -5.72 7.92 1.39
C VAL B 75 -5.04 8.55 2.59
N ALA B 76 -5.04 9.86 2.58
CA ALA B 76 -4.13 10.65 3.39
C ALA B 76 -4.76 11.02 4.74
N ASP B 77 -5.05 10.01 5.56
CA ASP B 77 -5.79 10.22 6.80
C ASP B 77 -5.03 11.13 7.77
N TRP B 78 -3.77 10.82 8.03
CA TRP B 78 -2.94 11.70 8.87
C TRP B 78 -2.76 13.14 8.32
N PHE B 79 -2.75 13.27 6.99
CA PHE B 79 -2.62 14.57 6.35
C PHE B 79 -3.85 15.46 6.56
N ALA B 80 -5.04 14.87 6.49
CA ALA B 80 -6.27 15.59 6.82
C ALA B 80 -6.35 16.00 8.30
N LEU B 81 -5.81 15.18 9.19
CA LEU B 81 -5.69 15.53 10.61
C LEU B 81 -4.79 16.76 10.81
N MET B 82 -3.58 16.70 10.25
CA MET B 82 -2.62 17.83 10.27
C MET B 82 -3.14 19.12 9.67
N ASN B 83 -4.08 19.03 8.73
CA ASN B 83 -4.63 20.20 8.05
C ASN B 83 -6.03 20.53 8.58
N ASP B 84 -6.36 20.06 9.79
CA ASP B 84 -7.54 20.50 10.56
C ASP B 84 -8.86 20.23 9.86
N LYS B 85 -8.98 19.08 9.23
CA LYS B 85 -10.22 18.66 8.58
C LYS B 85 -11.10 17.88 9.54
N VAL B 86 -12.40 17.84 9.20
CA VAL B 86 -13.42 17.09 9.94
C VAL B 86 -13.27 17.28 11.46
N GLY B 87 -13.15 18.54 11.87
CA GLY B 87 -12.94 18.91 13.26
C GLY B 87 -11.73 18.30 13.95
N GLY B 88 -10.72 17.93 13.16
CA GLY B 88 -9.54 17.24 13.66
C GLY B 88 -9.77 15.92 14.40
N GLU B 89 -10.84 15.20 14.07
CA GLU B 89 -11.16 13.92 14.73
C GLU B 89 -10.80 12.75 13.82
N LEU B 90 -9.76 12.01 14.20
CA LEU B 90 -9.18 11.00 13.31
C LEU B 90 -10.16 9.89 12.99
N GLU B 91 -10.96 9.49 13.95
CA GLU B 91 -11.96 8.44 13.74
C GLU B 91 -13.01 8.87 12.71
N LYS B 92 -13.47 10.11 12.80
CA LYS B 92 -14.35 10.65 11.76
C LYS B 92 -13.65 10.74 10.38
N ILE B 93 -12.38 11.12 10.34
CA ILE B 93 -11.63 11.19 9.09
C ILE B 93 -11.55 9.82 8.42
N ARG B 94 -11.37 8.77 9.22
CA ARG B 94 -11.31 7.39 8.70
C ARG B 94 -12.67 6.87 8.20
N ILE B 95 -13.78 7.36 8.74
CA ILE B 95 -15.11 7.14 8.15
C ILE B 95 -15.14 7.74 6.73
N VAL B 96 -14.75 9.01 6.61
CA VAL B 96 -14.77 9.73 5.33
C VAL B 96 -13.91 8.99 4.30
N GLY B 97 -12.77 8.47 4.75
CA GLY B 97 -11.87 7.72 3.89
C GLY B 97 -12.49 6.46 3.35
N ARG B 98 -13.16 5.72 4.24
CA ARG B 98 -13.88 4.50 3.85
C ARG B 98 -14.98 4.83 2.84
N TYR B 99 -15.64 5.95 3.05
CA TYR B 99 -16.64 6.47 2.09
C TYR B 99 -16.04 6.77 0.71
N LEU B 100 -14.87 7.38 0.71
CA LEU B 100 -14.17 7.71 -0.55
C LEU B 100 -13.81 6.45 -1.31
N ILE B 101 -13.32 5.43 -0.61
CA ILE B 101 -12.96 4.16 -1.27
C ILE B 101 -14.18 3.45 -1.89
N GLU B 102 -15.35 3.55 -1.24
CA GLU B 102 -16.59 3.01 -1.81
C GLU B 102 -16.99 3.73 -3.10
N VAL B 103 -16.84 5.06 -3.13
CA VAL B 103 -17.13 5.82 -4.35
C VAL B 103 -16.20 5.46 -5.51
N TRP B 104 -14.91 5.34 -5.22
CA TRP B 104 -13.92 4.99 -6.26
C TRP B 104 -14.15 3.60 -6.83
N LYS B 105 -14.58 2.67 -5.98
CA LYS B 105 -14.88 1.30 -6.44
C LYS B 105 -16.10 1.20 -7.35
N ALA B 106 -17.01 2.17 -7.26
CA ALA B 106 -18.16 2.23 -8.15
C ALA B 106 -17.95 3.11 -9.39
N ALA B 107 -16.75 3.66 -9.57
CA ALA B 107 -16.45 4.60 -10.64
C ALA B 107 -15.87 3.95 -11.91
N GLY B 108 -15.75 2.62 -11.92
CA GLY B 108 -15.40 1.89 -13.15
C GLY B 108 -13.93 2.02 -13.52
N MET B 109 -13.06 1.55 -12.62
CA MET B 109 -11.62 1.59 -12.81
C MET B 109 -11.08 0.17 -12.81
N ASP B 110 -9.85 -0.03 -13.19
CA ASP B 110 -9.29 -1.37 -13.34
C ASP B 110 -9.32 -2.38 -12.21
N THR B 111 -9.14 -2.02 -10.96
CA THR B 111 -9.18 -3.01 -9.88
C THR B 111 -7.89 -3.80 -9.90
N ASP B 112 -7.53 -4.28 -11.07
CA ASP B 112 -6.32 -5.04 -11.24
C ASP B 112 -5.04 -4.24 -11.07
N LYS B 113 -5.13 -2.97 -11.40
CA LYS B 113 -3.98 -2.06 -11.39
C LYS B 113 -4.21 -0.75 -10.59
N VAL B 114 -5.16 -0.74 -9.65
CA VAL B 114 -5.34 0.41 -8.77
C VAL B 114 -5.34 -0.11 -7.35
N LEU B 115 -4.51 0.49 -6.51
CA LEU B 115 -4.40 0.14 -5.11
C LEU B 115 -4.95 1.29 -4.27
N PHE B 116 -5.59 0.97 -3.16
CA PHE B 116 -6.06 1.95 -2.20
C PHE B 116 -5.29 1.75 -0.93
N LEU B 117 -4.33 2.63 -0.66
CA LEU B 117 -3.50 2.54 0.53
C LEU B 117 -3.84 3.62 1.56
N TRP B 118 -3.78 3.24 2.83
CA TRP B 118 -4.03 4.16 3.94
C TRP B 118 -2.67 4.66 4.41
N SER B 119 -2.52 5.98 4.50
CA SER B 119 -1.23 6.58 4.79
C SER B 119 -0.76 6.15 6.17
N SER B 120 -1.63 6.22 7.17
CA SER B 120 -1.25 5.81 8.51
C SER B 120 -0.82 4.34 8.62
N GLU B 121 -1.61 3.43 8.04
CA GLU B 121 -1.29 2.00 8.03
C GLU B 121 0.05 1.73 7.39
N GLU B 122 0.27 2.29 6.20
CA GLU B 122 1.51 2.08 5.46
C GLU B 122 2.73 2.70 6.06
N ILE B 123 2.62 3.93 6.57
CA ILE B 123 3.74 4.61 7.18
C ILE B 123 4.21 3.83 8.40
N THR B 124 3.25 3.45 9.24
CA THR B 124 3.55 2.72 10.47
C THR B 124 4.21 1.35 10.20
N SER B 125 3.78 0.66 9.14
CA SER B 125 4.40 -0.62 8.71
C SER B 125 5.87 -0.49 8.38
N HIS B 126 6.31 0.68 7.90
CA HIS B 126 7.72 0.91 7.57
C HIS B 126 8.21 2.19 8.24
N ALA B 127 7.85 2.35 9.51
CA ALA B 127 8.22 3.52 10.32
C ALA B 127 9.67 3.91 10.23
N ASP B 128 10.60 2.96 10.35
CA ASP B 128 12.02 3.31 10.28
C ASP B 128 12.37 3.97 8.97
N THR B 129 11.96 3.36 7.86
CA THR B 129 12.30 3.88 6.53
C THR B 129 11.68 5.24 6.29
N TYR B 130 10.38 5.33 6.53
CA TYR B 130 9.63 6.53 6.21
C TYR B 130 10.15 7.71 7.01
N TRP B 131 10.08 7.62 8.33
CA TRP B 131 10.34 8.78 9.15
C TRP B 131 11.78 9.26 9.13
N ARG B 132 12.75 8.37 8.89
CA ARG B 132 14.15 8.80 8.75
C ARG B 132 14.30 9.80 7.63
N MET B 133 13.62 9.51 6.52
CA MET B 133 13.64 10.35 5.35
C MET B 133 12.93 11.68 5.61
N VAL B 134 11.80 11.66 6.32
CA VAL B 134 11.08 12.88 6.64
C VAL B 134 12.00 13.84 7.40
N LEU B 135 12.71 13.30 8.38
CA LEU B 135 13.67 14.07 9.16
C LEU B 135 14.86 14.48 8.32
N ASP B 136 15.27 13.64 7.37
CA ASP B 136 16.38 14.00 6.50
C ASP B 136 16.01 15.12 5.53
N ILE B 137 14.76 15.15 5.04
CA ILE B 137 14.28 16.22 4.17
C ILE B 137 14.25 17.54 4.95
N GLY B 138 13.79 17.50 6.18
CA GLY B 138 13.73 18.67 7.04
C GLY B 138 15.12 19.14 7.45
N ARG B 139 16.01 18.19 7.74
CA ARG B 139 17.39 18.50 8.11
C ARG B 139 18.07 19.36 7.04
N GLN B 140 17.84 19.00 5.77
CA GLN B 140 18.56 19.61 4.63
C GLN B 140 17.83 20.79 3.96
N ASN B 141 16.75 21.26 4.58
CA ASN B 141 15.99 22.37 4.02
C ASN B 141 15.84 23.42 5.08
N THR B 142 15.70 24.65 4.61
CA THR B 142 15.45 25.78 5.48
C THR B 142 13.99 25.81 5.83
N ILE B 143 13.65 26.41 6.96
CA ILE B 143 12.25 26.63 7.32
C ILE B 143 11.53 27.50 6.27
N ALA B 144 12.22 28.44 5.64
CA ALA B 144 11.61 29.31 4.61
C ALA B 144 11.15 28.52 3.40
N ARG B 145 12.00 27.61 2.93
CA ARG B 145 11.71 26.76 1.78
C ARG B 145 10.47 25.88 1.98
N ILE B 146 10.27 25.41 3.21
CA ILE B 146 9.13 24.57 3.51
C ILE B 146 7.86 25.40 3.63
N LYS B 147 7.96 26.60 4.19
CA LYS B 147 6.82 27.53 4.28
C LYS B 147 6.28 27.86 2.89
N LYS B 148 7.16 27.95 1.89
CA LYS B 148 6.74 28.18 0.50
C LYS B 148 5.81 27.10 -0.10
N CYS B 149 5.88 25.86 0.39
CA CYS B 149 4.92 24.78 0.03
C CYS B 149 3.51 24.90 0.64
N CYS B 150 3.24 25.94 1.41
CA CYS B 150 1.93 26.17 2.03
C CYS B 150 0.71 25.97 1.12
N THR B 151 0.83 26.32 -0.17
CA THR B 151 -0.31 26.26 -1.10
C THR B 151 -0.83 24.85 -1.35
N ILE B 152 0.01 23.82 -1.21
CA ILE B 152 -0.48 22.43 -1.38
C ILE B 152 -1.55 22.06 -0.35
N MET B 153 -1.59 22.80 0.75
CA MET B 153 -2.64 22.67 1.78
C MET B 153 -3.76 23.72 1.69
N GLY B 154 -3.75 24.54 0.64
CA GLY B 154 -4.65 25.70 0.52
C GLY B 154 -4.46 26.77 1.58
N LYS B 155 -3.23 26.94 2.06
CA LYS B 155 -2.91 27.86 3.14
C LYS B 155 -1.96 28.94 2.66
N THR B 156 -1.82 29.97 3.47
CA THR B 156 -0.90 31.06 3.23
C THR B 156 0.10 30.91 4.34
N GLU B 157 1.36 31.17 4.07
CA GLU B 157 2.40 30.97 5.05
C GLU B 157 2.58 32.06 6.04
N GLY B 158 1.73 33.07 5.99
CA GLY B 158 1.92 34.20 6.85
C GLY B 158 1.58 34.06 8.30
N THR B 159 2.45 33.37 8.98
CA THR B 159 2.36 33.23 10.41
C THR B 159 1.01 32.74 10.76
N LEU B 160 0.43 31.98 9.85
CA LEU B 160 -0.85 31.44 10.13
C LEU B 160 -0.53 30.00 10.23
N THR B 161 0.58 29.64 9.64
CA THR B 161 0.98 28.24 9.58
C THR B 161 1.19 27.61 10.98
N ALA B 162 0.55 26.45 11.15
CA ALA B 162 0.63 25.67 12.37
C ALA B 162 1.82 24.76 12.12
N ALA B 163 1.93 23.68 12.88
CA ALA B 163 3.06 22.78 12.66
C ALA B 163 2.68 21.96 11.45
N GLN B 164 2.47 22.68 10.34
CA GLN B 164 2.11 22.11 9.05
C GLN B 164 3.37 21.86 8.22
N VAL B 165 4.51 22.22 8.80
CA VAL B 165 5.79 22.04 8.14
C VAL B 165 5.94 20.55 7.92
N LEU B 166 5.47 19.78 8.90
CA LEU B 166 5.54 18.33 8.83
C LEU B 166 4.74 17.83 7.63
N TYR B 167 3.59 18.42 7.36
CA TYR B 167 2.81 17.95 6.20
C TYR B 167 3.59 17.94 4.87
N PRO B 168 4.19 19.03 4.45
CA PRO B 168 4.95 19.04 3.21
C PRO B 168 6.16 18.13 3.22
N LEU B 169 6.85 18.02 4.33
CA LEU B 169 8.01 17.18 4.40
C LEU B 169 7.55 15.79 4.20
N MET B 170 6.41 15.48 4.80
CA MET B 170 5.80 14.17 4.67
C MET B 170 5.31 13.84 3.27
N GLN B 171 4.68 14.78 2.60
CA GLN B 171 4.18 14.55 1.26
C GLN B 171 5.32 14.28 0.34
N CYS B 172 6.41 14.98 0.58
CA CYS B 172 7.62 14.80 -0.17
C CYS B 172 8.26 13.45 0.10
N CYS B 173 8.25 12.97 1.34
CA CYS B 173 8.87 11.69 1.72
C CYS B 173 8.18 10.64 0.95
N ASP B 174 6.89 10.69 1.03
CA ASP B 174 5.98 10.01 0.10
C ASP B 174 6.48 9.96 -1.36
N ILE B 175 6.97 10.94 -2.01
CA ILE B 175 7.16 10.49 -3.36
C ILE B 175 8.08 9.29 -3.39
N PHE B 176 9.14 9.34 -2.62
CA PHE B 176 10.11 8.29 -2.55
C PHE B 176 9.68 7.02 -1.87
N PHE B 177 8.89 7.14 -0.84
CA PHE B 177 8.41 5.99 -0.11
C PHE B 177 7.55 5.04 -0.89
N LEU B 178 6.66 5.56 -1.69
CA LEU B 178 5.78 4.74 -2.47
C LEU B 178 6.43 4.28 -3.73
N LYS B 179 7.63 4.76 -3.98
CA LYS B 179 8.34 4.40 -5.16
C LYS B 179 7.56 4.75 -6.38
N ALA B 180 6.96 5.92 -6.34
CA ALA B 180 6.20 6.43 -7.46
C ALA B 180 7.19 6.93 -8.50
N ASP B 181 7.00 6.49 -9.73
CA ASP B 181 7.75 6.99 -10.88
C ASP B 181 7.10 8.28 -11.41
N ILE B 182 5.78 8.41 -11.24
CA ILE B 182 5.04 9.55 -11.75
C ILE B 182 4.14 10.08 -10.65
N CYS B 183 4.27 11.38 -10.33
CA CYS B 183 3.36 12.04 -9.39
C CYS B 183 2.28 12.61 -10.26
N GLN B 184 1.06 12.12 -10.06
CA GLN B 184 -0.02 12.42 -10.95
C GLN B 184 -1.09 13.08 -10.09
N LEU B 185 -0.78 14.30 -9.66
CA LEU B 185 -1.67 15.09 -8.84
C LEU B 185 -2.05 16.32 -9.61
N GLY B 186 -2.91 17.15 -9.03
CA GLY B 186 -3.33 18.41 -9.66
C GLY B 186 -2.25 19.48 -9.59
N LEU B 187 -2.39 20.49 -10.45
CA LEU B 187 -1.42 21.58 -10.54
C LEU B 187 -1.16 22.31 -9.22
N ASP B 188 -2.14 22.40 -8.34
CA ASP B 188 -1.92 23.06 -7.05
C ASP B 188 -0.97 22.32 -6.09
N GLN B 189 -0.51 21.13 -6.44
CA GLN B 189 0.49 20.39 -5.67
C GLN B 189 1.92 20.55 -6.20
N ARG B 190 2.11 21.41 -7.19
CA ARG B 190 3.37 21.45 -7.91
C ARG B 190 4.60 21.83 -7.03
N LYS B 191 4.41 22.72 -6.05
CA LYS B 191 5.51 23.19 -5.21
C LYS B 191 6.24 22.10 -4.42
N VAL B 192 5.47 21.19 -3.83
CA VAL B 192 6.05 20.04 -3.09
C VAL B 192 6.63 18.98 -4.05
N ASN B 193 6.04 18.84 -5.23
CA ASN B 193 6.61 17.96 -6.27
C ASN B 193 7.99 18.44 -6.74
N MET B 194 8.16 19.75 -6.90
CA MET B 194 9.48 20.37 -7.14
C MET B 194 10.46 20.18 -5.96
N LEU B 195 9.99 20.28 -4.73
CA LEU B 195 10.82 19.97 -3.53
C LEU B 195 11.39 18.54 -3.59
N ALA B 196 10.61 17.60 -4.14
CA ALA B 196 11.03 16.22 -4.23
C ALA B 196 12.11 16.07 -5.27
N ARG B 197 11.95 16.78 -6.39
CA ARG B 197 13.00 16.82 -7.41
C ARG B 197 14.29 17.50 -6.87
N GLU B 198 14.15 18.54 -6.05
CA GLU B 198 15.30 19.14 -5.34
C GLU B 198 16.01 18.15 -4.39
N TYR B 199 15.24 17.32 -3.68
CA TYR B 199 15.79 16.33 -2.75
C TYR B 199 16.55 15.21 -3.46
N CYS B 200 16.18 14.88 -4.70
CA CYS B 200 16.97 13.92 -5.49
C CYS B 200 18.42 14.40 -5.63
N ASP B 201 18.60 15.68 -5.93
CA ASP B 201 19.95 16.26 -6.05
C ASP B 201 20.73 16.21 -4.73
N LEU B 202 20.04 16.44 -3.62
CA LEU B 202 20.67 16.40 -2.29
C LEU B 202 21.18 15.01 -1.94
N ILE B 203 20.38 13.98 -2.20
CA ILE B 203 20.80 12.58 -1.93
C ILE B 203 21.41 11.86 -3.16
N GLY B 204 21.73 12.61 -4.21
CA GLY B 204 22.40 12.04 -5.38
C GLY B 204 21.65 10.96 -6.18
N ARG B 205 20.32 10.91 -6.05
CA ARG B 205 19.54 10.02 -6.88
C ARG B 205 19.48 10.65 -8.26
N LYS B 206 19.86 9.90 -9.29
CA LYS B 206 19.93 10.44 -10.63
C LYS B 206 18.56 10.48 -11.32
N LEU B 207 17.73 9.46 -11.11
CA LEU B 207 16.35 9.44 -11.67
C LEU B 207 15.38 10.20 -10.75
N LYS B 208 14.74 11.23 -11.31
CA LYS B 208 13.81 12.06 -10.58
C LYS B 208 12.38 11.65 -10.88
N PRO B 209 11.45 11.90 -9.95
CA PRO B 209 10.07 11.56 -10.25
C PRO B 209 9.53 12.50 -11.30
N VAL B 210 8.78 11.95 -12.25
CA VAL B 210 8.15 12.74 -13.32
C VAL B 210 6.85 13.34 -12.79
N ILE B 211 6.69 14.66 -12.97
CA ILE B 211 5.52 15.40 -12.46
C ILE B 211 4.53 15.56 -13.61
N LEU B 212 3.48 14.75 -13.60
CA LEU B 212 2.45 14.76 -14.62
C LEU B 212 1.19 15.37 -14.03
N SER B 213 1.22 16.69 -13.87
CA SER B 213 0.16 17.42 -13.17
C SER B 213 -1.07 17.56 -14.04
N HIS B 214 -2.27 17.31 -13.48
CA HIS B 214 -3.54 17.44 -14.23
C HIS B 214 -4.26 18.78 -14.01
N HIS B 215 -5.15 19.09 -14.95
CA HIS B 215 -5.90 20.32 -14.99
C HIS B 215 -6.78 20.46 -13.76
N MET B 216 -6.85 21.67 -13.22
CA MET B 216 -7.70 21.95 -12.06
C MET B 216 -9.09 22.31 -12.58
N LEU B 217 -10.08 21.50 -12.25
CA LEU B 217 -11.43 21.64 -12.77
C LEU B 217 -12.10 22.82 -12.12
N ALA B 218 -12.79 23.62 -12.94
CA ALA B 218 -13.27 24.93 -12.53
C ALA B 218 -14.48 24.86 -11.61
N GLY B 219 -14.65 25.92 -10.82
CA GLY B 219 -15.79 26.05 -9.94
C GLY B 219 -16.99 26.56 -10.70
N LEU B 220 -18.19 26.18 -10.25
CA LEU B 220 -19.43 26.52 -10.94
C LEU B 220 -19.82 27.98 -10.81
N ARG B 221 -19.67 28.58 -9.62
CA ARG B 221 -20.10 29.98 -9.43
C ARG B 221 -19.11 30.97 -10.02
N ARG B 222 -19.54 32.21 -10.15
CA ARG B 222 -18.91 33.19 -11.02
C ARG B 222 -17.53 33.70 -10.58
N GLY B 223 -17.33 33.95 -9.28
CA GLY B 223 -16.12 34.62 -8.78
C GLY B 223 -14.98 33.71 -8.33
N GLN B 224 -14.80 32.59 -9.01
CA GLN B 224 -13.93 31.50 -8.54
C GLN B 224 -13.56 30.56 -9.70
N ALA B 225 -12.27 30.26 -9.84
CA ALA B 225 -11.76 29.36 -10.89
C ALA B 225 -11.41 27.96 -10.36
N LYS B 226 -11.91 27.62 -9.17
CA LYS B 226 -11.72 26.28 -8.59
C LYS B 226 -12.83 25.94 -7.58
N MET B 227 -13.19 24.67 -7.54
CA MET B 227 -14.27 24.18 -6.69
C MET B 227 -13.90 24.11 -5.20
N SER B 230 -14.67 27.38 -0.02
CA SER B 230 -15.76 27.44 -1.00
C SER B 230 -17.06 26.90 -0.41
N ASP B 231 -18.17 27.17 -1.10
CA ASP B 231 -19.52 26.76 -0.69
C ASP B 231 -19.93 25.44 -1.44
N PRO B 232 -21.10 24.86 -1.07
CA PRO B 232 -21.49 23.56 -1.66
C PRO B 232 -21.96 23.60 -3.13
N ASP B 233 -22.36 24.78 -3.62
CA ASP B 233 -22.82 24.96 -5.01
C ASP B 233 -21.71 25.32 -6.03
N SER B 234 -20.44 25.29 -5.62
CA SER B 234 -19.30 25.44 -6.56
C SER B 234 -18.90 24.10 -7.18
N ALA B 235 -19.31 23.01 -6.53
CA ALA B 235 -19.00 21.66 -6.98
C ALA B 235 -20.23 20.77 -6.96
N ILE B 236 -20.22 19.81 -7.87
CA ILE B 236 -21.15 18.71 -7.84
C ILE B 236 -20.49 17.64 -6.98
N PHE B 237 -21.17 17.22 -5.91
CA PHE B 237 -20.77 16.05 -5.11
C PHE B 237 -21.10 14.73 -5.85
N MET B 238 -20.42 13.65 -5.49
CA MET B 238 -20.49 12.38 -6.26
C MET B 238 -21.73 11.50 -6.05
N GLU B 239 -22.58 11.87 -5.10
CA GLU B 239 -23.88 11.23 -4.97
C GLU B 239 -25.00 12.26 -4.81
N ASP B 240 -24.78 13.46 -5.35
CA ASP B 240 -25.84 14.46 -5.46
C ASP B 240 -27.03 13.83 -6.20
N THR B 241 -28.24 14.10 -5.71
CA THR B 241 -29.45 13.58 -6.34
C THR B 241 -29.64 14.29 -7.67
N GLU B 242 -30.37 13.67 -8.59
CA GLU B 242 -30.48 14.19 -9.95
C GLU B 242 -30.97 15.64 -10.01
N GLU B 243 -31.80 16.04 -9.03
CA GLU B 243 -32.37 17.40 -8.99
C GLU B 243 -31.34 18.38 -8.43
N ASP B 244 -30.52 17.93 -7.47
CA ASP B 244 -29.40 18.77 -6.94
C ASP B 244 -28.34 19.04 -8.02
N VAL B 245 -28.07 18.03 -8.86
CA VAL B 245 -27.18 18.20 -10.01
C VAL B 245 -27.75 19.24 -10.98
N ALA B 246 -29.06 19.18 -11.22
CA ALA B 246 -29.75 20.10 -12.14
C ALA B 246 -29.73 21.54 -11.63
N ARG B 247 -30.04 21.70 -10.34
CA ARG B 247 -30.04 23.02 -9.71
C ARG B 247 -28.66 23.69 -9.80
N LYS B 248 -27.61 22.93 -9.46
CA LYS B 248 -26.23 23.44 -9.46
C LYS B 248 -25.73 23.83 -10.86
N ILE B 249 -25.99 22.98 -11.86
CA ILE B 249 -25.58 23.28 -13.24
C ILE B 249 -26.42 24.39 -13.86
N ARG B 250 -27.69 24.49 -13.46
CA ARG B 250 -28.60 25.51 -14.01
C ARG B 250 -28.18 26.93 -13.62
N GLN B 251 -27.77 27.12 -12.36
CA GLN B 251 -27.30 28.45 -11.88
C GLN B 251 -25.81 28.77 -12.15
N ALA B 252 -25.14 27.94 -12.96
CA ALA B 252 -23.70 28.03 -13.16
C ALA B 252 -23.33 29.13 -14.15
N TYR B 253 -22.21 29.79 -13.87
CA TYR B 253 -21.67 30.79 -14.76
C TYR B 253 -21.37 30.14 -16.11
N CYS B 254 -21.68 30.85 -17.20
CA CYS B 254 -21.64 30.27 -18.54
C CYS B 254 -21.51 31.35 -19.63
N PRO B 255 -20.32 31.96 -19.74
CA PRO B 255 -20.06 32.94 -20.80
C PRO B 255 -19.87 32.32 -22.17
N ARG B 256 -20.36 33.00 -23.20
CA ARG B 256 -20.24 32.58 -24.60
C ARG B 256 -18.87 32.99 -25.18
N VAL B 257 -17.81 32.33 -24.73
CA VAL B 257 -16.46 32.64 -25.20
C VAL B 257 -15.73 31.34 -25.44
N LYS B 258 -14.97 31.28 -26.52
CA LYS B 258 -14.11 30.13 -26.82
C LYS B 258 -13.11 29.99 -25.65
N GLN B 259 -12.83 28.75 -25.23
CA GLN B 259 -11.90 28.48 -24.13
C GLN B 259 -10.50 28.13 -24.64
N SER B 260 -9.50 28.90 -24.23
CA SER B 260 -8.09 28.56 -24.43
C SER B 260 -7.48 28.12 -23.10
N ALA B 261 -6.38 27.39 -23.17
CA ALA B 261 -5.69 26.90 -21.99
C ALA B 261 -5.04 28.05 -21.21
N SER B 262 -5.12 27.96 -19.89
CA SER B 262 -4.51 28.95 -19.00
C SER B 262 -2.99 28.77 -18.95
N ALA B 263 -2.27 29.89 -18.81
CA ALA B 263 -0.81 29.86 -18.63
C ALA B 263 -0.45 29.11 -17.35
N ILE B 264 0.41 28.10 -17.46
CA ILE B 264 0.89 27.34 -16.31
C ILE B 264 1.84 28.15 -15.44
N THR B 265 1.43 28.47 -14.21
CA THR B 265 2.29 29.12 -13.19
C THR B 265 3.04 28.13 -12.30
N ASP B 266 4.14 28.57 -11.72
CA ASP B 266 4.96 27.70 -10.85
C ASP B 266 4.29 27.36 -9.51
N ASP B 267 3.41 28.23 -9.03
CA ASP B 267 2.62 27.97 -7.82
C ASP B 267 1.48 26.99 -8.12
N GLY B 268 0.93 27.06 -9.33
CA GLY B 268 -0.06 26.08 -9.79
C GLY B 268 -1.54 26.28 -9.46
N ALA B 269 -1.87 27.06 -8.42
CA ALA B 269 -3.27 27.33 -8.09
C ALA B 269 -3.85 28.30 -9.13
N PRO B 270 -5.05 28.00 -9.66
CA PRO B 270 -5.58 28.82 -10.75
C PRO B 270 -6.10 30.17 -10.26
N VAL B 271 -5.94 31.20 -11.11
CA VAL B 271 -6.44 32.55 -10.82
C VAL B 271 -7.78 32.76 -11.53
N ALA B 272 -8.69 33.48 -10.87
CA ALA B 272 -10.03 33.73 -11.41
C ALA B 272 -9.98 34.55 -12.70
N THR B 273 -10.72 34.11 -13.72
CA THR B 273 -10.85 34.82 -15.01
C THR B 273 -12.30 34.66 -15.50
N ASP B 274 -12.85 35.70 -16.12
CA ASP B 274 -14.23 35.68 -16.63
C ASP B 274 -14.41 34.93 -17.97
N ASP B 275 -13.32 34.73 -18.72
CA ASP B 275 -13.32 33.88 -19.91
C ASP B 275 -13.54 32.40 -19.58
N ARG B 276 -13.12 31.96 -18.39
CA ARG B 276 -13.23 30.56 -17.97
C ARG B 276 -14.71 30.20 -17.72
N ASN B 277 -15.22 29.30 -18.56
CA ASN B 277 -16.59 28.83 -18.52
C ASN B 277 -16.55 27.45 -17.89
N PRO B 278 -17.10 27.31 -16.67
CA PRO B 278 -17.10 25.99 -16.01
C PRO B 278 -18.02 24.92 -16.61
N VAL B 279 -19.03 25.30 -17.39
CA VAL B 279 -19.89 24.31 -18.06
C VAL B 279 -19.07 23.66 -19.16
N LEU B 280 -18.43 24.46 -20.01
CA LEU B 280 -17.53 23.93 -21.06
C LEU B 280 -16.32 23.17 -20.50
N ASP B 281 -15.85 23.55 -19.32
CA ASP B 281 -14.71 22.87 -18.69
C ASP B 281 -15.11 21.47 -18.28
N TYR B 282 -16.34 21.31 -17.77
CA TYR B 282 -16.87 19.99 -17.46
C TYR B 282 -16.98 19.13 -18.72
N PHE B 283 -17.55 19.68 -19.81
CA PHE B 283 -17.62 18.95 -21.10
C PHE B 283 -16.25 18.46 -21.53
N GLN B 284 -15.25 19.32 -21.47
CA GLN B 284 -13.89 18.97 -21.90
C GLN B 284 -13.22 17.90 -21.05
N CYS B 285 -13.44 17.94 -19.74
CA CYS B 285 -12.70 17.13 -18.76
C CYS B 285 -13.41 15.85 -18.31
N VAL B 286 -14.74 15.87 -18.14
CA VAL B 286 -15.51 14.68 -17.71
C VAL B 286 -16.35 13.98 -18.82
N VAL B 287 -16.76 14.71 -19.87
CA VAL B 287 -17.49 14.12 -20.99
C VAL B 287 -16.47 13.67 -22.07
N TYR B 288 -15.90 14.61 -22.81
CA TYR B 288 -15.05 14.27 -23.97
C TYR B 288 -13.70 13.59 -23.68
N ALA B 289 -13.27 13.57 -22.44
CA ALA B 289 -12.00 12.92 -22.08
C ALA B 289 -12.08 11.39 -22.05
N ARG B 290 -13.28 10.84 -21.83
CA ARG B 290 -13.52 9.38 -21.90
C ARG B 290 -13.42 8.89 -23.34
N PRO B 291 -12.80 7.70 -23.58
CA PRO B 291 -12.48 7.20 -24.93
C PRO B 291 -13.51 7.46 -26.06
N GLY B 292 -14.75 6.94 -25.97
CA GLY B 292 -15.72 7.08 -27.08
C GLY B 292 -16.84 8.09 -26.90
N ALA B 293 -16.59 9.11 -26.08
CA ALA B 293 -17.66 9.97 -25.61
C ALA B 293 -18.15 10.95 -26.66
N VAL B 294 -19.43 11.26 -26.55
CA VAL B 294 -20.16 12.11 -27.50
C VAL B 294 -21.28 12.83 -26.73
N ALA B 295 -21.74 13.97 -27.25
CA ALA B 295 -22.90 14.65 -26.70
C ALA B 295 -23.85 15.08 -27.81
N ALA B 296 -25.13 15.18 -27.45
CA ALA B 296 -26.21 15.47 -28.41
C ALA B 296 -27.25 16.46 -27.87
N ILE B 297 -27.56 17.49 -28.66
CA ILE B 297 -28.64 18.45 -28.38
C ILE B 297 -29.55 18.52 -29.61
N ASP B 298 -30.85 18.25 -29.42
CA ASP B 298 -31.90 18.33 -30.47
C ASP B 298 -31.58 17.57 -31.78
N GLY B 299 -31.03 16.36 -31.66
CA GLY B 299 -30.78 15.50 -32.81
C GLY B 299 -29.36 15.57 -33.36
N THR B 300 -28.78 16.76 -33.36
CA THR B 300 -27.38 16.92 -33.76
C THR B 300 -26.45 16.31 -32.70
N THR B 301 -25.42 15.63 -33.20
CA THR B 301 -24.44 14.95 -32.39
C THR B 301 -23.08 15.57 -32.65
N TYR B 302 -22.44 16.03 -31.58
CA TYR B 302 -21.13 16.65 -31.65
C TYR B 302 -20.07 15.64 -31.18
N ALA B 303 -19.19 15.23 -32.10
CA ALA B 303 -18.25 14.15 -31.84
C ALA B 303 -17.08 14.58 -31.00
N THR B 304 -16.61 15.81 -31.19
CA THR B 304 -15.53 16.39 -30.40
C THR B 304 -15.99 17.58 -29.58
N TYR B 305 -15.14 17.98 -28.65
CA TYR B 305 -15.34 19.18 -27.82
C TYR B 305 -15.36 20.45 -28.66
N GLU B 306 -14.48 20.53 -29.65
CA GLU B 306 -14.34 21.72 -30.51
C GLU B 306 -15.64 22.03 -31.24
N ASP B 307 -16.31 20.98 -31.71
CA ASP B 307 -17.61 21.13 -32.40
C ASP B 307 -18.66 21.68 -31.44
N LEU B 308 -18.80 21.07 -30.27
CA LEU B 308 -19.75 21.57 -29.26
C LEU B 308 -19.49 23.02 -28.84
N GLU B 309 -18.22 23.35 -28.60
CA GLU B 309 -17.77 24.70 -28.22
C GLU B 309 -18.09 25.67 -29.35
N GLN B 310 -17.68 25.31 -30.57
CA GLN B 310 -17.92 26.12 -31.78
C GLN B 310 -19.40 26.44 -31.97
N ALA B 311 -20.25 25.42 -31.79
CA ALA B 311 -21.70 25.57 -31.87
C ALA B 311 -22.28 26.50 -30.80
N PHE B 312 -21.72 26.43 -29.59
CA PHE B 312 -22.15 27.31 -28.48
C PHE B 312 -21.73 28.77 -28.68
N VAL B 313 -20.53 29.00 -29.24
CA VAL B 313 -20.03 30.36 -29.48
C VAL B 313 -20.79 31.08 -30.61
N SER B 314 -21.14 30.33 -31.66
CA SER B 314 -21.95 30.87 -32.79
C SER B 314 -23.49 30.87 -32.56
N ASP B 315 -23.92 30.44 -31.38
CA ASP B 315 -25.34 30.44 -30.96
C ASP B 315 -26.25 29.48 -31.75
N GLU B 316 -25.67 28.41 -32.28
CA GLU B 316 -26.45 27.29 -32.82
C GLU B 316 -27.10 26.53 -31.68
N VAL B 317 -26.44 26.51 -30.52
CA VAL B 317 -26.98 25.89 -29.31
C VAL B 317 -27.02 26.95 -28.21
N SER B 318 -28.03 26.87 -27.35
CA SER B 318 -28.29 27.89 -26.36
C SER B 318 -27.72 27.50 -25.01
N GLU B 319 -27.71 28.47 -24.09
CA GLU B 319 -27.16 28.28 -22.74
C GLU B 319 -27.93 27.19 -21.98
N ASP B 320 -29.27 27.26 -22.00
CA ASP B 320 -30.12 26.26 -21.32
C ASP B 320 -30.07 24.87 -21.95
N ALA B 321 -29.91 24.82 -23.28
CA ALA B 321 -29.76 23.54 -23.98
C ALA B 321 -28.45 22.85 -23.59
N LEU B 322 -27.35 23.59 -23.66
CA LEU B 322 -26.01 23.11 -23.25
C LEU B 322 -25.98 22.61 -21.81
N LYS B 323 -26.64 23.34 -20.91
CA LYS B 323 -26.76 22.93 -19.51
C LYS B 323 -27.61 21.67 -19.33
N SER B 324 -28.69 21.55 -20.10
CA SER B 324 -29.54 20.34 -20.04
C SER B 324 -28.82 19.10 -20.57
N CYS B 325 -27.93 19.30 -21.53
CA CYS B 325 -27.07 18.24 -22.05
C CYS B 325 -26.08 17.74 -21.01
N LEU B 326 -25.50 18.67 -20.25
CA LEU B 326 -24.52 18.33 -19.22
C LEU B 326 -25.16 17.63 -18.03
N ILE B 327 -26.32 18.13 -17.59
CA ILE B 327 -27.10 17.52 -16.50
C ILE B 327 -27.41 16.05 -16.77
N ASP B 328 -27.79 15.74 -18.01
CA ASP B 328 -28.01 14.36 -18.43
C ASP B 328 -26.72 13.54 -18.42
N GLU B 329 -25.66 14.12 -18.96
CA GLU B 329 -24.35 13.46 -19.04
C GLU B 329 -23.75 13.14 -17.67
N VAL B 330 -23.86 14.08 -16.74
CA VAL B 330 -23.40 13.91 -15.36
C VAL B 330 -24.28 12.93 -14.58
N ASN B 331 -25.59 13.07 -14.70
CA ASN B 331 -26.52 12.14 -14.03
C ASN B 331 -26.32 10.69 -14.46
N ALA B 332 -26.05 10.46 -15.75
CA ALA B 332 -25.69 9.13 -16.26
C ALA B 332 -24.39 8.60 -15.61
N LEU B 333 -23.39 9.47 -15.47
CA LEU B 333 -22.10 9.10 -14.88
C LEU B 333 -22.17 8.84 -13.38
N LEU B 334 -22.95 9.64 -12.67
CA LEU B 334 -23.14 9.41 -11.24
C LEU B 334 -24.11 8.27 -10.90
N ALA B 335 -24.90 7.80 -11.89
CA ALA B 335 -25.91 6.75 -11.65
C ALA B 335 -25.32 5.49 -10.97
N PRO B 336 -24.26 4.86 -11.55
CA PRO B 336 -23.59 3.73 -10.87
C PRO B 336 -23.22 3.97 -9.41
N VAL B 337 -22.83 5.20 -9.07
CA VAL B 337 -22.42 5.53 -7.71
C VAL B 337 -23.64 5.61 -6.79
N ARG B 338 -24.70 6.28 -7.22
CA ARG B 338 -25.97 6.32 -6.47
C ARG B 338 -26.51 4.94 -6.18
N GLN B 339 -26.55 4.11 -7.21
CA GLN B 339 -27.10 2.77 -7.07
C GLN B 339 -26.28 1.90 -6.10
N HIS B 340 -24.98 2.13 -6.01
CA HIS B 340 -24.16 1.44 -5.02
C HIS B 340 -24.54 1.83 -3.60
N PHE B 341 -24.76 3.13 -3.36
CA PHE B 341 -25.15 3.63 -2.03
C PHE B 341 -26.62 3.41 -1.68
N ALA B 342 -27.44 3.25 -2.71
CA ALA B 342 -28.84 2.87 -2.55
C ALA B 342 -28.99 1.39 -2.14
N SER B 343 -28.05 0.54 -2.58
CA SER B 343 -28.19 -0.91 -2.43
C SER B 343 -27.05 -1.59 -1.68
N ASN B 344 -26.62 -0.99 -0.57
CA ASN B 344 -25.55 -1.54 0.28
C ASN B 344 -25.65 -0.89 1.65
N GLU B 345 -25.85 -1.69 2.69
CA GLU B 345 -26.07 -1.17 4.04
C GLU B 345 -24.83 -0.43 4.54
N GLU B 346 -23.66 -1.09 4.45
CA GLU B 346 -22.41 -0.51 4.94
C GLU B 346 -22.09 0.81 4.23
N ALA B 347 -22.13 0.82 2.90
CA ALA B 347 -21.90 2.04 2.13
C ALA B 347 -22.90 3.15 2.49
N HIS B 348 -24.18 2.78 2.62
CA HIS B 348 -25.22 3.74 2.99
C HIS B 348 -24.93 4.38 4.36
N GLU B 349 -24.60 3.56 5.35
CA GLU B 349 -24.19 4.07 6.67
C GLU B 349 -23.09 5.10 6.60
N LEU B 350 -22.02 4.77 5.85
CA LEU B 350 -20.84 5.65 5.71
C LEU B 350 -21.30 7.00 5.18
N LEU B 351 -22.02 6.98 4.05
CA LEU B 351 -22.61 8.21 3.50
C LEU B 351 -23.47 9.01 4.49
N GLU B 352 -24.28 8.35 5.31
CA GLU B 352 -25.06 9.04 6.34
C GLU B 352 -24.18 9.67 7.42
N ALA B 353 -23.12 8.97 7.80
CA ALA B 353 -22.16 9.50 8.77
C ALA B 353 -21.41 10.73 8.23
N VAL B 354 -21.08 10.70 6.93
CA VAL B 354 -20.36 11.79 6.27
C VAL B 354 -21.28 13.01 6.18
N LYS B 355 -22.52 12.82 5.73
CA LYS B 355 -23.55 13.89 5.72
C LYS B 355 -23.77 14.54 7.10
N SER B 356 -23.71 13.74 8.16
CA SER B 356 -23.88 14.24 9.54
C SER B 356 -22.76 15.16 10.04
N TYR B 357 -21.58 15.06 9.42
CA TYR B 357 -20.45 15.94 9.73
C TYR B 357 -20.54 17.33 9.05
N ARG B 358 -21.55 17.56 8.19
CA ARG B 358 -21.75 18.87 7.51
C ARG B 358 -22.48 19.90 8.38
N LYS B 359 -23.38 19.45 9.27
CA LYS B 359 -24.19 20.37 10.16
C LYS B 359 -23.45 21.62 10.71
N GLY B 360 -24.02 22.81 10.51
CA GLY B 360 -23.37 24.08 10.85
C GLY B 360 -22.08 24.32 10.07
N GLY B 361 -20.95 24.14 10.75
CA GLY B 361 -19.64 24.03 10.11
C GLY B 361 -19.05 22.65 10.44
N ALA B 362 -18.35 22.02 9.50
CA ALA B 362 -17.76 20.69 9.75
C ALA B 362 -16.62 20.76 10.76
N THR B 363 -15.68 21.67 10.48
CA THR B 363 -14.61 22.05 11.40
C THR B 363 -15.13 23.03 12.51
N LEU B 364 -16.40 22.97 12.90
CA LEU B 364 -16.93 23.74 14.05
C LEU B 364 -16.53 23.07 15.38
N PRO B 365 -16.62 21.71 15.45
CA PRO B 365 -15.86 20.97 16.49
C PRO B 365 -14.33 20.77 16.20
N LEU B 366 -13.62 21.84 15.79
CA LEU B 366 -12.14 21.81 15.70
C LEU B 366 -11.55 21.84 17.09
N ALA B 367 -12.35 22.27 18.06
CA ALA B 367 -11.98 22.16 19.47
C ALA B 367 -11.48 20.75 19.87
N GLU B 368 -11.77 19.71 19.09
CA GLU B 368 -11.15 18.39 19.34
C GLU B 368 -9.66 18.45 18.98
N THR B 369 -8.79 18.22 19.98
CA THR B 369 -7.38 17.89 19.80
C THR B 369 -6.93 16.97 20.95
N ALA B 370 -5.77 16.34 20.78
CA ALA B 370 -5.25 15.30 21.68
C ALA B 370 -5.09 15.81 23.12
N LEU B 371 -5.17 14.92 24.12
CA LEU B 371 -4.90 15.30 25.55
C LEU B 371 -4.77 14.08 26.52
N PRO B 372 -3.54 13.66 26.92
CA PRO B 372 -3.36 12.54 27.87
C PRO B 372 -3.16 12.97 29.35
N ALA B 373 -3.21 11.99 30.28
CA ALA B 373 -3.15 12.19 31.76
C ALA B 373 -1.83 11.79 32.51
N ALA B 374 -1.71 12.19 33.78
CA ALA B 374 -0.45 12.08 34.55
C ALA B 374 -0.03 10.65 34.93
N PRO B 375 1.30 10.39 35.05
CA PRO B 375 1.76 9.13 35.66
C PRO B 375 1.63 9.15 37.18
N GLU B 376 1.37 7.98 37.78
CA GLU B 376 1.18 7.90 39.23
C GLU B 376 2.51 7.95 39.96
N LYS B 377 3.45 7.08 39.59
CA LYS B 377 4.78 7.15 40.21
C LYS B 377 5.64 8.22 39.53
N PRO B 378 6.36 9.05 40.32
CA PRO B 378 7.20 10.05 39.68
C PRO B 378 8.29 9.46 38.79
N HIS B 379 8.46 10.07 37.63
CA HIS B 379 9.40 9.60 36.63
C HIS B 379 10.03 10.83 35.96
N ALA B 380 11.35 10.93 36.11
CA ALA B 380 12.13 12.02 35.52
C ALA B 380 12.75 11.58 34.23
N CYS B 381 13.05 12.57 33.40
CA CYS B 381 13.63 12.33 32.10
C CYS B 381 14.70 13.35 31.75
N MET B 382 15.75 12.89 31.11
CA MET B 382 16.93 13.73 30.81
C MET B 382 17.54 13.33 29.46
N TRP B 383 17.80 14.30 28.58
CA TRP B 383 18.37 14.00 27.27
C TRP B 383 19.88 14.11 27.32
N MET B 384 20.56 13.13 26.74
CA MET B 384 21.99 13.18 26.57
C MET B 384 22.31 14.25 25.53
N PRO B 385 23.22 15.16 25.85
CA PRO B 385 23.81 16.04 24.81
C PRO B 385 24.51 15.30 23.65
N ALA B 386 24.10 15.60 22.41
CA ALA B 386 24.80 15.14 21.22
C ALA B 386 25.93 16.12 20.90
N LEU B 387 26.98 16.06 21.71
CA LEU B 387 28.19 16.82 21.49
C LEU B 387 29.40 15.90 21.48
N LEU B 388 30.39 16.23 20.67
CA LEU B 388 31.68 15.57 20.74
C LEU B 388 32.39 15.96 22.05
N LYS B 389 32.19 17.20 22.51
CA LYS B 389 32.85 17.74 23.69
C LYS B 389 31.81 18.18 24.72
N VAL B 390 31.52 17.32 25.69
CA VAL B 390 30.61 17.65 26.79
C VAL B 390 31.40 18.25 27.94
N PRO B 391 31.11 19.51 28.33
CA PRO B 391 31.83 20.06 29.48
C PRO B 391 31.51 19.34 30.79
N LEU B 392 32.50 19.30 31.67
CA LEU B 392 32.43 18.53 32.91
C LEU B 392 31.36 19.11 33.81
N ASP B 393 31.28 20.44 33.86
CA ASP B 393 30.26 21.15 34.62
C ASP B 393 28.85 20.72 34.22
N VAL B 394 28.64 20.50 32.92
CA VAL B 394 27.35 20.07 32.42
C VAL B 394 27.08 18.65 32.85
N ALA B 395 28.04 17.77 32.62
CA ALA B 395 27.93 16.36 32.99
C ALA B 395 27.73 16.12 34.47
N GLU B 396 28.50 16.84 35.27
CA GLU B 396 28.39 16.74 36.74
C GLU B 396 27.00 17.09 37.20
N GLY B 397 26.46 18.18 36.67
CA GLY B 397 25.10 18.61 36.95
C GLY B 397 24.06 17.59 36.57
N MET B 398 24.30 16.83 35.50
CA MET B 398 23.37 15.79 35.06
C MET B 398 23.33 14.69 36.10
N ILE B 399 24.53 14.24 36.48
CA ILE B 399 24.72 13.24 37.54
C ILE B 399 24.04 13.65 38.86
N LYS B 400 24.31 14.86 39.33
CA LYS B 400 23.77 15.34 40.60
C LYS B 400 22.24 15.44 40.55
N ALA B 401 21.71 15.85 39.41
CA ALA B 401 20.26 16.02 39.26
C ALA B 401 19.53 14.70 39.37
N THR B 402 20.13 13.63 38.86
CA THR B 402 19.55 12.31 38.95
C THR B 402 19.62 11.76 40.39
N GLU B 403 20.78 11.90 41.04
CA GLU B 403 20.91 11.61 42.48
C GLU B 403 19.87 12.40 43.32
N ASP B 404 19.77 13.70 43.11
CA ASP B 404 18.80 14.54 43.86
C ASP B 404 17.36 14.12 43.64
N PHE B 405 17.02 13.68 42.43
CA PHE B 405 15.65 13.24 42.13
C PHE B 405 15.30 11.94 42.85
N ILE B 406 16.20 10.96 42.77
CA ILE B 406 16.00 9.68 43.44
C ILE B 406 15.80 9.91 44.96
N ALA B 407 16.63 10.76 45.54
CA ALA B 407 16.55 11.12 46.98
C ALA B 407 15.21 11.75 47.35
N ALA B 408 14.70 12.63 46.50
CA ALA B 408 13.41 13.29 46.74
C ALA B 408 12.20 12.37 46.54
N HIS B 409 12.31 11.40 45.64
CA HIS B 409 11.22 10.48 45.32
C HIS B 409 11.75 9.04 45.28
N PRO B 410 11.90 8.40 46.46
CA PRO B 410 12.49 7.05 46.45
C PRO B 410 11.66 5.97 45.72
N GLY B 411 10.35 6.19 45.56
CA GLY B 411 9.50 5.33 44.76
C GLY B 411 9.72 5.39 43.25
N GLY B 412 10.38 6.45 42.78
CA GLY B 412 10.36 6.82 41.38
C GLY B 412 11.56 6.45 40.54
N THR B 413 11.55 6.92 39.30
CA THR B 413 12.42 6.45 38.20
C THR B 413 13.13 7.62 37.53
N VAL B 414 14.30 7.36 36.97
CA VAL B 414 14.98 8.36 36.14
C VAL B 414 15.45 7.69 34.88
N THR B 415 15.07 8.26 33.74
CA THR B 415 15.53 7.77 32.44
C THR B 415 16.44 8.81 31.77
N VAL B 416 17.56 8.36 31.21
CA VAL B 416 18.35 9.18 30.28
C VAL B 416 18.00 8.75 28.87
N VAL B 417 17.53 9.69 28.05
CA VAL B 417 17.20 9.43 26.64
C VAL B 417 18.40 9.79 25.77
N LEU B 418 18.79 8.87 24.89
CA LEU B 418 19.79 9.14 23.85
C LEU B 418 19.04 9.54 22.58
N PRO B 419 19.21 10.79 22.13
CA PRO B 419 18.40 11.28 21.02
C PRO B 419 19.00 10.95 19.64
N ASP B 420 18.99 9.66 19.29
CA ASP B 420 19.59 9.21 18.03
C ASP B 420 18.75 9.50 16.76
N TRP B 421 17.52 9.97 16.92
CA TRP B 421 16.67 10.41 15.80
C TRP B 421 16.59 11.94 15.71
N SER B 422 16.16 12.58 16.80
CA SER B 422 15.96 14.03 16.81
C SER B 422 17.24 14.83 16.64
N ALA B 423 18.36 14.30 17.11
CA ALA B 423 19.66 14.93 16.87
C ALA B 423 20.16 14.82 15.41
N VAL B 424 19.70 13.83 14.64
CA VAL B 424 19.99 13.80 13.18
C VAL B 424 19.10 14.86 12.52
N ALA B 425 17.81 14.89 12.86
CA ALA B 425 16.88 15.89 12.31
C ALA B 425 17.37 17.33 12.45
N SER B 426 18.02 17.65 13.56
CA SER B 426 18.57 18.98 13.78
C SER B 426 19.99 19.20 13.28
N ASP B 427 20.61 18.21 12.66
CA ASP B 427 21.95 18.38 12.12
C ASP B 427 22.98 18.66 13.20
N GLU B 428 22.86 17.94 14.31
CA GLU B 428 23.70 18.19 15.49
C GLU B 428 25.22 18.07 15.35
N ILE B 429 25.70 17.04 14.66
CA ILE B 429 27.14 16.91 14.50
C ILE B 429 27.44 17.03 13.00
N THR B 430 27.50 15.90 12.33
CA THR B 430 27.74 15.86 10.90
C THR B 430 26.42 15.48 10.24
N GLY B 431 25.34 15.46 11.02
CA GLY B 431 24.05 15.06 10.45
C GLY B 431 23.88 13.58 10.14
N VAL B 432 24.90 12.78 10.42
CA VAL B 432 24.96 11.37 10.02
C VAL B 432 24.58 10.49 11.22
N GLU B 433 23.71 9.50 11.02
CA GLU B 433 23.28 8.59 12.09
C GLU B 433 24.44 7.91 12.78
N LYS B 434 25.30 7.25 12.00
CA LYS B 434 26.49 6.58 12.52
C LYS B 434 27.22 7.41 13.56
N ASP B 435 27.59 8.63 13.16
CA ASP B 435 28.40 9.51 13.99
C ASP B 435 27.66 9.92 15.27
N ILE B 436 26.37 10.24 15.14
CA ILE B 436 25.57 10.71 16.26
C ILE B 436 25.34 9.61 17.29
N SER B 437 25.07 8.38 16.83
CA SER B 437 24.99 7.22 17.73
C SER B 437 26.31 6.94 18.47
N ALA B 438 27.43 6.97 17.74
CA ALA B 438 28.76 6.83 18.33
C ALA B 438 28.96 7.80 19.49
N ALA B 439 28.79 9.09 19.22
CA ALA B 439 29.01 10.14 20.22
C ALA B 439 28.09 10.00 21.43
N LEU B 440 26.84 9.64 21.18
CA LEU B 440 25.89 9.42 22.27
C LEU B 440 26.29 8.23 23.13
N GLN B 441 26.72 7.14 22.48
CA GLN B 441 27.23 5.94 23.20
C GLN B 441 28.50 6.25 24.02
N VAL B 442 29.43 7.01 23.45
CA VAL B 442 30.64 7.45 24.15
C VAL B 442 30.27 8.30 25.37
N ASN B 443 29.44 9.30 25.15
CA ASN B 443 29.05 10.18 26.24
C ASN B 443 28.30 9.41 27.34
N CYS B 444 27.47 8.45 26.93
CA CYS B 444 26.76 7.60 27.90
C CYS B 444 27.72 6.78 28.80
N ALA B 445 28.74 6.20 28.19
CA ALA B 445 29.74 5.41 28.92
C ALA B 445 30.52 6.25 29.91
N LEU B 446 30.98 7.43 29.45
CA LEU B 446 31.77 8.30 30.31
C LEU B 446 30.96 8.89 31.48
N LEU B 447 29.67 9.14 31.27
CA LEU B 447 28.78 9.64 32.32
C LEU B 447 28.61 8.61 33.44
N LYS B 448 28.49 7.33 33.06
CA LYS B 448 28.43 6.24 34.04
C LYS B 448 29.76 6.13 34.77
N ALA B 449 30.86 6.23 34.04
CA ALA B 449 32.18 6.21 34.64
C ALA B 449 32.40 7.32 35.66
N TYR B 450 31.76 8.48 35.46
CA TYR B 450 31.91 9.60 36.39
C TYR B 450 30.95 9.56 37.57
N GLY B 451 30.06 8.57 37.63
CA GLY B 451 29.15 8.42 38.77
C GLY B 451 27.64 8.37 38.55
N LEU B 452 27.18 8.25 37.30
CA LEU B 452 25.74 8.20 37.06
C LEU B 452 25.22 6.92 37.71
N PRO B 453 24.25 7.02 38.66
CA PRO B 453 23.75 5.83 39.33
C PRO B 453 23.38 4.68 38.38
N ASN B 454 23.65 3.44 38.81
CA ASN B 454 23.31 2.22 38.05
C ASN B 454 21.80 2.04 37.85
N SER B 455 21.02 2.55 38.80
CA SER B 455 19.56 2.51 38.73
C SER B 455 18.95 3.33 37.61
N VAL B 456 19.71 4.25 37.03
CA VAL B 456 19.20 5.12 35.95
C VAL B 456 19.02 4.33 34.66
N LYS B 457 17.79 4.36 34.12
CA LYS B 457 17.48 3.61 32.91
C LYS B 457 17.95 4.41 31.70
N ILE B 458 18.44 3.70 30.69
CA ILE B 458 18.95 4.33 29.49
C ILE B 458 18.14 3.81 28.31
N VAL B 459 17.55 4.74 27.58
CA VAL B 459 16.73 4.42 26.45
C VAL B 459 17.21 5.25 25.26
N THR B 460 17.13 4.68 24.07
CA THR B 460 17.31 5.44 22.85
C THR B 460 15.94 5.88 22.35
N GLU B 461 15.90 6.98 21.60
CA GLU B 461 14.72 7.34 20.83
C GLU B 461 14.27 6.18 19.96
N ASN B 462 15.26 5.48 19.39
CA ASN B 462 15.01 4.32 18.55
C ASN B 462 14.11 3.27 19.21
N GLU B 463 14.37 2.93 20.49
CA GLU B 463 13.53 1.97 21.25
C GLU B 463 12.14 2.56 21.45
N VAL B 464 12.10 3.82 21.85
CA VAL B 464 10.84 4.49 22.12
C VAL B 464 9.96 4.56 20.89
N ILE B 465 10.52 5.02 19.77
CA ILE B 465 9.76 5.23 18.54
C ILE B 465 9.32 3.91 17.97
N LEU B 466 10.24 2.97 17.80
CA LEU B 466 9.93 1.70 17.15
C LEU B 466 9.05 0.81 18.04
N GLY B 467 9.12 1.02 19.35
CA GLY B 467 8.19 0.39 20.30
C GLY B 467 6.77 0.93 20.30
N ASN B 468 6.57 2.12 19.72
CA ASN B 468 5.22 2.75 19.61
C ASN B 468 5.05 3.43 18.26
N ARG B 469 5.18 2.62 17.20
CA ARG B 469 5.25 3.15 15.84
C ARG B 469 4.08 4.08 15.51
N ASN B 470 2.87 3.71 15.91
CA ASN B 470 1.70 4.52 15.62
C ASN B 470 1.56 5.65 16.63
N ASP B 471 1.46 5.30 17.90
CA ASP B 471 1.13 6.27 18.96
C ASP B 471 2.10 7.43 19.11
N PHE B 472 3.38 7.19 18.87
CA PHE B 472 4.40 8.24 18.92
C PHE B 472 4.15 9.33 17.89
N TRP B 473 4.02 8.94 16.64
CA TRP B 473 3.86 9.91 15.56
C TRP B 473 2.49 10.62 15.58
N VAL B 474 1.45 9.94 16.03
CA VAL B 474 0.15 10.59 16.31
C VAL B 474 0.26 11.59 17.45
N SER B 475 1.13 11.30 18.43
CA SER B 475 1.42 12.27 19.50
C SER B 475 2.08 13.51 18.88
N VAL B 476 3.13 13.29 18.08
CA VAL B 476 3.81 14.36 17.37
C VAL B 476 2.84 15.18 16.51
N ILE B 477 1.91 14.52 15.83
CA ILE B 477 0.96 15.27 15.02
C ILE B 477 0.03 16.08 15.92
N GLY B 478 -0.47 15.46 17.00
CA GLY B 478 -1.34 16.14 17.97
C GLY B 478 -0.71 17.39 18.53
N ILE B 479 0.57 17.29 18.88
CA ILE B 479 1.32 18.39 19.44
C ILE B 479 1.53 19.49 18.41
N ALA B 480 1.93 19.07 17.21
CA ALA B 480 2.19 19.97 16.08
C ALA B 480 0.98 20.84 15.70
N ARG B 481 -0.20 20.25 15.74
CA ARG B 481 -1.41 21.00 15.39
C ARG B 481 -1.71 22.14 16.34
N LYS B 482 -1.38 21.91 17.61
CA LYS B 482 -1.71 22.81 18.71
C LYS B 482 -0.73 23.95 18.89
N ASN B 483 0.25 24.07 18.00
CA ASN B 483 1.25 25.11 18.12
C ASN B 483 1.49 25.78 16.79
N LEU B 484 1.61 27.11 16.83
CA LEU B 484 1.93 27.88 15.64
C LEU B 484 3.39 27.69 15.37
N LEU B 485 3.77 27.66 14.10
CA LEU B 485 5.19 27.60 13.72
C LEU B 485 5.98 28.76 14.34
N SER B 486 5.38 29.94 14.38
CA SER B 486 6.01 31.12 14.99
C SER B 486 6.38 30.89 16.47
N HIS B 487 5.54 30.15 17.20
CA HIS B 487 5.78 29.84 18.61
C HIS B 487 7.02 28.96 18.80
N ILE B 488 7.25 28.04 17.86
CA ILE B 488 8.44 27.19 17.91
C ILE B 488 9.65 27.94 17.41
N GLU B 489 9.45 28.82 16.43
CA GLU B 489 10.51 29.73 16.01
C GLU B 489 11.00 30.55 17.26
N GLU B 490 10.08 31.02 18.10
CA GLU B 490 10.43 31.76 19.34
C GLU B 490 11.29 31.00 20.39
N LEU B 491 11.08 29.69 20.55
CA LEU B 491 11.93 28.88 21.45
C LEU B 491 13.44 29.03 21.19
N TYR B 492 13.83 29.19 19.92
CA TYR B 492 15.22 29.39 19.50
C TYR B 492 15.55 30.86 19.20
N GLY B 493 14.71 31.77 19.68
CA GLY B 493 14.81 33.19 19.36
C GLY B 493 15.02 33.49 17.89
N GLY B 494 14.23 32.85 17.02
CA GLY B 494 14.32 33.06 15.57
C GLY B 494 15.65 32.70 14.93
N GLU B 495 16.38 31.75 15.51
CA GLU B 495 17.65 31.32 14.95
C GLU B 495 17.58 29.93 14.32
N LEU B 496 16.40 29.51 13.86
CA LEU B 496 16.25 28.19 13.25
C LEU B 496 17.06 28.07 11.97
N ARG B 497 17.98 27.12 11.93
CA ARG B 497 18.78 26.85 10.73
C ARG B 497 18.17 25.81 9.78
N ASN B 498 17.29 24.96 10.28
CA ASN B 498 16.57 24.06 9.38
C ASN B 498 15.21 23.66 9.92
N ALA B 499 14.41 23.10 9.03
CA ALA B 499 13.09 22.63 9.37
C ALA B 499 13.15 21.42 10.32
N GLY B 500 14.25 20.67 10.27
CA GLY B 500 14.42 19.52 11.17
C GLY B 500 14.42 19.88 12.65
N GLN B 501 14.83 21.10 12.97
CA GLN B 501 14.78 21.58 14.36
C GLN B 501 13.37 21.77 14.90
N VAL B 502 12.43 22.09 14.01
CA VAL B 502 11.03 22.19 14.41
C VAL B 502 10.48 20.81 14.80
N ILE B 503 10.86 19.78 14.05
CA ILE B 503 10.40 18.43 14.32
C ILE B 503 11.08 17.93 15.59
N ALA B 504 12.38 18.19 15.73
CA ALA B 504 13.12 17.85 16.97
C ALA B 504 12.46 18.34 18.26
N ALA B 505 11.89 19.53 18.22
CA ALA B 505 11.18 20.06 19.40
C ALA B 505 9.91 19.27 19.71
N LEU B 506 9.15 18.96 18.66
CA LEU B 506 7.93 18.15 18.78
C LEU B 506 8.23 16.73 19.24
N MET B 507 9.32 16.15 18.74
CA MET B 507 9.73 14.81 19.14
C MET B 507 10.07 14.68 20.62
N ARG B 508 10.75 15.68 21.17
CA ARG B 508 11.04 15.65 22.60
C ARG B 508 9.80 15.63 23.50
N VAL B 509 8.82 16.44 23.16
CA VAL B 509 7.57 16.42 23.90
C VAL B 509 6.89 15.06 23.73
N ALA B 510 6.84 14.57 22.51
CA ALA B 510 6.26 13.25 22.28
C ALA B 510 6.96 12.16 23.11
N THR B 511 8.30 12.21 23.18
CA THR B 511 9.09 11.26 23.97
C THR B 511 8.75 11.35 25.45
N ALA B 512 8.65 12.57 25.96
CA ALA B 512 8.22 12.78 27.34
C ALA B 512 6.82 12.20 27.63
N LEU B 513 5.89 12.33 26.68
CA LEU B 513 4.56 11.71 26.79
C LEU B 513 4.60 10.17 26.68
N MET B 514 5.32 9.63 25.69
CA MET B 514 5.48 8.16 25.53
C MET B 514 6.02 7.44 26.77
N LEU B 515 7.01 8.04 27.42
CA LEU B 515 7.64 7.48 28.63
C LEU B 515 6.94 7.81 29.95
N SER B 516 5.80 8.53 29.90
CA SER B 516 4.97 8.86 31.08
C SER B 516 5.78 9.58 32.12
N VAL B 517 6.24 10.77 31.77
CA VAL B 517 7.21 11.48 32.57
C VAL B 517 6.46 12.53 33.39
N SER B 518 6.83 12.64 34.66
CA SER B 518 6.30 13.68 35.52
C SER B 518 7.23 14.88 35.55
N HIS B 519 8.54 14.64 35.39
CA HIS B 519 9.57 15.68 35.40
C HIS B 519 10.51 15.62 34.18
N VAL B 520 10.90 16.79 33.68
CA VAL B 520 12.01 16.85 32.72
C VAL B 520 13.16 17.59 33.36
N ILE B 521 14.36 17.03 33.23
CA ILE B 521 15.57 17.62 33.76
C ILE B 521 16.29 18.28 32.60
N SER B 522 16.68 19.54 32.77
CA SER B 522 17.34 20.30 31.72
C SER B 522 18.71 20.78 32.11
N THR B 523 19.65 20.62 31.19
CA THR B 523 20.92 21.32 31.27
C THR B 523 20.74 22.80 30.84
N SER B 524 21.83 23.56 30.85
CA SER B 524 21.86 24.91 30.27
C SER B 524 21.77 24.90 28.75
N LEU B 525 22.03 23.75 28.14
CA LEU B 525 22.02 23.62 26.68
C LEU B 525 20.65 23.28 26.08
N ASP B 526 19.70 22.77 26.86
CA ASP B 526 18.40 22.39 26.32
C ASP B 526 17.15 22.84 27.09
N GLY B 527 17.30 23.69 28.10
CA GLY B 527 16.15 24.15 28.89
C GLY B 527 15.12 24.94 28.10
N HIS B 528 15.55 25.63 27.04
CA HIS B 528 14.63 26.23 26.05
C HIS B 528 13.69 25.26 25.35
N ILE B 529 14.16 24.04 25.09
CA ILE B 529 13.36 23.02 24.38
C ILE B 529 12.43 22.32 25.35
N ASN B 530 12.92 21.95 26.54
CA ASN B 530 12.13 21.21 27.53
C ASN B 530 11.05 22.09 28.17
N ALA B 531 11.23 23.41 28.14
CA ALA B 531 10.19 24.35 28.57
C ALA B 531 8.90 24.14 27.80
N PHE B 532 9.03 23.82 26.51
CA PHE B 532 7.90 23.52 25.63
C PHE B 532 7.07 22.35 26.15
N ALA B 533 7.70 21.33 26.73
CA ALA B 533 6.99 20.17 27.29
C ALA B 533 6.02 20.56 28.41
N ARG B 534 6.48 21.43 29.30
CA ARG B 534 5.65 21.99 30.34
C ARG B 534 4.52 22.82 29.73
N GLU B 535 4.88 23.72 28.82
CA GLU B 535 3.95 24.61 28.12
C GLU B 535 2.82 23.78 27.52
N TYR B 536 3.18 22.79 26.72
CA TYR B 536 2.20 21.95 26.02
C TYR B 536 1.24 21.16 26.93
N THR B 537 1.77 20.56 27.98
CA THR B 537 0.95 19.82 28.94
C THR B 537 0.16 20.70 29.94
N LYS B 538 0.20 22.03 29.77
CA LYS B 538 -0.46 23.00 30.67
C LYS B 538 -0.01 22.80 32.10
N GLU B 539 1.29 23.01 32.31
CA GLU B 539 1.92 22.93 33.64
C GLU B 539 1.85 21.58 34.33
N ARG B 540 1.50 20.52 33.60
CA ARG B 540 1.41 19.19 34.21
C ARG B 540 2.82 18.62 34.44
N ILE B 541 3.65 18.62 33.40
CA ILE B 541 5.04 18.18 33.53
C ILE B 541 5.82 19.30 34.19
N GLU B 542 6.68 18.93 35.14
CA GLU B 542 7.49 19.87 35.91
C GLU B 542 8.87 19.97 35.32
N CYS B 543 9.50 21.12 35.50
CA CYS B 543 10.84 21.40 34.96
C CYS B 543 11.85 21.50 36.08
N VAL B 544 12.81 20.59 36.10
CA VAL B 544 13.91 20.62 37.05
C VAL B 544 15.14 21.09 36.27
N GLN B 545 15.88 22.04 36.85
CA GLN B 545 17.08 22.54 36.23
C GLN B 545 18.27 21.89 36.93
N THR B 546 19.24 21.45 36.15
CA THR B 546 20.51 20.97 36.70
C THR B 546 21.25 22.12 37.35
N LEU B 547 22.08 21.81 38.34
CA LEU B 547 22.88 22.81 39.02
C LEU B 547 24.27 22.85 38.37
N GLU B 548 24.46 23.81 37.48
CA GLU B 548 25.73 24.08 36.82
C GLU B 548 26.37 25.29 37.53
N GLY B 549 27.46 25.79 36.94
CA GLY B 549 28.19 26.93 37.47
C GLY B 549 29.15 26.61 38.61
N ARG B 550 29.47 25.33 38.81
CA ARG B 550 30.34 24.92 39.91
C ARG B 550 31.76 24.59 39.46
N ILE B 551 31.90 24.17 38.20
CA ILE B 551 33.19 24.08 37.53
C ILE B 551 33.25 25.16 36.43
N PRO B 552 34.01 26.24 36.66
CA PRO B 552 34.03 27.33 35.69
C PRO B 552 35.10 27.16 34.61
N ALA B 553 35.13 28.09 33.67
CA ALA B 553 36.22 28.17 32.72
C ALA B 553 37.49 28.58 33.46
N LEU B 554 38.61 28.08 32.97
CA LEU B 554 39.89 28.16 33.70
C LEU B 554 40.71 29.43 33.49
N HIS B 555 40.33 30.26 32.52
CA HIS B 555 40.95 31.56 32.32
C HIS B 555 40.57 32.54 33.43
N ARG B 556 41.26 33.66 33.50
CA ARG B 556 40.96 34.68 34.48
C ARG B 556 39.61 35.37 34.15
N PRO B 557 38.70 35.46 35.14
CA PRO B 557 37.44 36.22 34.92
C PRO B 557 37.71 37.70 34.64
N GLY B 558 37.16 38.23 33.55
CA GLY B 558 37.45 39.59 33.10
C GLY B 558 38.62 39.69 32.14
N ALA B 559 39.26 38.55 31.85
CA ALA B 559 40.34 38.50 30.86
C ALA B 559 40.19 37.24 30.02
N ALA B 560 39.02 37.10 29.39
CA ALA B 560 38.71 35.93 28.59
C ALA B 560 39.22 36.15 27.20
N PRO B 561 39.63 35.08 26.52
CA PRO B 561 39.98 35.22 25.11
C PRO B 561 38.72 35.39 24.24
N ALA B 562 38.87 36.10 23.12
CA ALA B 562 37.77 36.34 22.16
C ALA B 562 37.15 35.04 21.68
N VAL B 563 37.99 34.04 21.45
CA VAL B 563 37.57 32.68 21.18
C VAL B 563 38.07 31.81 22.32
N LEU B 564 37.18 31.00 22.90
CA LEU B 564 37.56 30.02 23.92
C LEU B 564 38.31 28.88 23.26
N GLY B 565 39.54 28.64 23.71
CA GLY B 565 40.34 27.51 23.24
C GLY B 565 39.97 26.25 24.00
N ALA B 566 40.45 25.12 23.50
CA ALA B 566 40.16 23.81 24.11
C ALA B 566 40.63 23.74 25.57
N ASP B 567 41.76 24.36 25.87
CA ASP B 567 42.36 24.29 27.21
C ASP B 567 41.66 25.15 28.28
N ASP B 568 40.77 26.05 27.90
CA ASP B 568 40.09 26.90 28.88
C ASP B 568 38.93 26.21 29.65
N VAL B 569 38.51 25.02 29.23
CA VAL B 569 37.35 24.33 29.78
C VAL B 569 37.60 22.84 29.97
N LEU B 570 37.17 22.31 31.12
CA LEU B 570 37.28 20.88 31.40
C LEU B 570 36.15 20.08 30.74
N TYR B 571 36.50 19.12 29.87
CA TYR B 571 35.54 18.20 29.23
C TYR B 571 35.63 16.83 29.85
N LEU B 572 34.59 16.00 29.68
CA LEU B 572 34.61 14.62 30.24
C LEU B 572 35.30 13.58 29.37
N ASP B 573 35.78 13.95 28.19
CA ASP B 573 36.69 13.09 27.41
C ASP B 573 38.18 13.49 27.56
N ASP B 574 38.49 14.33 28.55
CA ASP B 574 39.89 14.69 28.87
C ASP B 574 40.66 13.50 29.41
N ASN B 575 41.87 13.30 28.89
CA ASN B 575 42.81 12.29 29.37
C ASN B 575 43.85 12.91 30.31
N ASP B 576 44.76 12.08 30.85
CA ASP B 576 45.81 12.50 31.79
C ASP B 576 46.58 13.74 31.31
N MET B 577 47.06 13.69 30.07
CA MET B 577 47.83 14.80 29.49
C MET B 577 47.06 16.11 29.41
N ASP B 578 45.79 16.01 28.96
CA ASP B 578 44.88 17.17 28.85
C ASP B 578 44.69 17.87 30.19
N ILE B 579 44.35 17.08 31.23
CA ILE B 579 44.06 17.63 32.57
C ILE B 579 45.30 18.31 33.19
N ARG B 580 46.45 17.67 33.07
CA ARG B 580 47.71 18.27 33.54
C ARG B 580 47.96 19.59 32.83
N ARG B 581 47.74 19.61 31.50
CA ARG B 581 47.95 20.80 30.68
C ARG B 581 46.98 21.93 31.03
N LYS B 582 45.71 21.60 31.25
CA LYS B 582 44.69 22.63 31.56
C LYS B 582 44.83 23.21 32.96
N ILE B 583 45.12 22.37 33.94
CA ILE B 583 45.31 22.84 35.33
C ILE B 583 46.61 23.61 35.46
N LYS B 584 47.63 23.25 34.68
CA LYS B 584 48.87 24.02 34.60
C LYS B 584 48.56 25.46 34.18
N LYS B 585 47.92 25.60 33.02
CA LYS B 585 47.60 26.92 32.45
C LYS B 585 46.50 27.69 33.20
N ALA B 586 45.61 26.98 33.89
CA ALA B 586 44.53 27.59 34.69
C ALA B 586 44.99 28.76 35.56
N TYR B 587 44.11 29.73 35.78
CA TYR B 587 44.45 30.96 36.52
C TYR B 587 44.27 30.85 38.04
N SER B 588 45.31 31.26 38.78
CA SER B 588 45.24 31.50 40.24
C SER B 588 46.32 32.50 40.64
N ALA B 589 46.16 33.13 41.79
CA ALA B 589 47.14 34.07 42.30
C ALA B 589 47.05 34.17 43.83
N PRO B 590 48.20 34.48 44.50
CA PRO B 590 48.19 34.49 45.98
C PRO B 590 47.35 35.61 46.60
N ASN B 591 46.91 35.42 47.84
CA ASN B 591 46.13 36.42 48.60
C ASN B 591 44.79 36.80 47.97
N GLU B 592 44.25 35.91 47.14
CA GLU B 592 42.98 36.13 46.47
C GLU B 592 42.05 34.99 46.87
N GLU B 593 40.86 35.35 47.33
CA GLU B 593 39.84 34.41 47.78
C GLU B 593 39.22 33.56 46.69
N ALA B 594 38.95 34.18 45.54
CA ALA B 594 38.32 33.47 44.45
C ALA B 594 39.00 33.55 43.08
N ASN B 595 39.04 32.39 42.44
CA ASN B 595 39.57 32.19 41.09
C ASN B 595 39.11 30.81 40.65
N PRO B 596 39.33 30.44 39.38
CA PRO B 596 38.87 29.14 38.92
C PRO B 596 39.37 27.94 39.72
N VAL B 597 40.63 27.95 40.14
CA VAL B 597 41.20 26.80 40.87
C VAL B 597 40.54 26.62 42.23
N ILE B 598 40.33 27.72 42.95
CA ILE B 598 39.56 27.70 44.22
C ILE B 598 38.14 27.15 43.97
N SER B 599 37.53 27.58 42.85
CA SER B 599 36.19 27.17 42.47
C SER B 599 36.09 25.67 42.19
N VAL B 600 37.05 25.14 41.46
CA VAL B 600 37.10 23.69 41.21
C VAL B 600 37.31 22.92 42.53
N ALA B 601 38.12 23.50 43.42
CA ALA B 601 38.44 22.88 44.69
C ALA B 601 37.24 22.82 45.61
N GLN B 602 36.48 23.91 45.67
CA GLN B 602 35.21 23.96 46.43
C GLN B 602 34.23 22.87 45.95
N HIS B 603 34.22 22.63 44.65
CA HIS B 603 33.35 21.60 44.12
C HIS B 603 33.80 20.22 44.56
N LEU B 604 35.11 19.97 44.45
CA LEU B 604 35.68 18.67 44.84
C LEU B 604 35.55 18.41 46.33
N LEU B 605 35.66 19.48 47.11
CA LEU B 605 35.41 19.41 48.54
C LEU B 605 33.97 18.94 48.83
N ALA B 606 33.00 19.55 48.15
CA ALA B 606 31.58 19.14 48.28
C ALA B 606 31.36 17.66 47.93
N GLN B 607 32.05 17.17 46.90
CA GLN B 607 31.87 15.79 46.40
C GLN B 607 32.55 14.75 47.27
N HIS B 608 33.75 15.08 47.79
CA HIS B 608 34.62 14.11 48.50
C HIS B 608 34.69 14.25 50.02
N GLY B 609 34.01 15.26 50.61
CA GLY B 609 34.02 15.48 52.06
C GLY B 609 35.14 16.41 52.55
N ALA B 610 36.32 16.28 51.97
CA ALA B 610 37.48 17.05 52.38
C ALA B 610 38.55 17.11 51.30
N LEU B 611 39.53 17.97 51.54
CA LEU B 611 40.63 18.20 50.61
C LEU B 611 41.94 18.28 51.39
N ASN B 612 42.91 17.45 51.03
CA ASN B 612 44.19 17.30 51.74
C ASN B 612 45.33 17.95 50.96
N ILE B 613 45.88 19.04 51.51
CA ILE B 613 47.05 19.66 50.94
C ILE B 613 48.25 18.96 51.57
N GLU B 614 49.05 18.32 50.70
CA GLU B 614 50.31 17.66 51.09
C GLU B 614 51.47 18.60 50.81
N ARG B 615 52.07 19.15 51.88
CA ARG B 615 53.14 20.15 51.71
C ARG B 615 54.09 20.15 52.93
N GLY B 616 55.25 20.76 52.73
CA GLY B 616 56.34 20.75 53.69
C GLY B 616 56.10 21.47 55.01
N GLU B 617 57.05 21.29 55.93
CA GLU B 617 56.94 21.85 57.28
C GLU B 617 57.27 23.33 57.37
N ALA B 618 58.19 23.77 56.53
CA ALA B 618 58.43 25.21 56.30
C ALA B 618 57.18 25.96 55.86
N ASN B 619 56.39 25.32 54.99
CA ASN B 619 55.17 25.90 54.42
C ASN B 619 53.91 25.74 55.33
N GLY B 620 54.06 25.21 56.55
CA GLY B 620 52.95 25.07 57.49
C GLY B 620 52.48 23.64 57.76
N GLY B 621 53.11 22.66 57.08
CA GLY B 621 52.77 21.26 57.25
C GLY B 621 51.44 20.90 56.62
N ASN B 622 51.22 19.59 56.53
CA ASN B 622 50.01 19.06 55.89
C ASN B 622 48.79 19.62 56.58
N VAL B 623 47.69 19.67 55.84
CA VAL B 623 46.43 20.18 56.36
C VAL B 623 45.25 19.61 55.56
N SER B 624 44.11 19.50 56.23
CA SER B 624 42.86 19.12 55.59
C SER B 624 41.92 20.31 55.68
N TYR B 625 41.17 20.56 54.60
CA TYR B 625 40.02 21.47 54.65
C TYR B 625 38.77 20.66 54.43
N ASN B 626 37.83 20.81 55.35
CA ASN B 626 36.57 20.08 55.35
C ASN B 626 35.40 21.00 55.02
N THR B 627 35.63 22.32 54.97
CA THR B 627 34.60 23.28 54.60
C THR B 627 35.12 24.34 53.61
N PRO B 628 34.26 24.82 52.67
CA PRO B 628 34.71 25.88 51.75
C PRO B 628 35.13 27.20 52.41
N GLU B 629 34.51 27.55 53.54
CA GLU B 629 34.76 28.85 54.20
C GLU B 629 36.16 28.89 54.81
N ALA B 630 36.59 27.79 55.40
CA ALA B 630 37.97 27.64 55.86
C ALA B 630 38.98 27.79 54.70
N LEU B 631 38.65 27.15 53.57
CA LEU B 631 39.51 27.15 52.39
C LEU B 631 39.74 28.53 51.79
N VAL B 632 38.67 29.31 51.61
CA VAL B 632 38.81 30.65 51.00
C VAL B 632 39.55 31.61 51.94
N ALA B 633 39.31 31.49 53.24
CA ALA B 633 40.07 32.25 54.25
C ALA B 633 41.60 32.05 54.13
N ASP B 634 42.06 30.81 54.02
CA ASP B 634 43.48 30.51 53.92
C ASP B 634 44.12 30.94 52.60
N CYS B 635 43.33 30.95 51.54
CA CYS B 635 43.79 31.47 50.25
C CYS B 635 43.86 33.00 50.27
N GLY B 636 42.91 33.63 50.96
CA GLY B 636 42.86 35.07 51.12
C GLY B 636 43.91 35.63 52.05
N SER B 637 44.22 34.89 53.11
CA SER B 637 45.23 35.31 54.10
C SER B 637 46.64 35.17 53.54
N GLY B 638 46.83 34.28 52.56
CA GLY B 638 48.15 33.93 52.06
C GLY B 638 48.64 32.60 52.63
N ALA B 639 48.00 32.10 53.72
CA ALA B 639 48.34 30.82 54.36
C ALA B 639 48.52 29.64 53.38
N LEU B 640 47.65 29.54 52.37
CA LEU B 640 47.72 28.48 51.36
C LEU B 640 48.28 29.02 50.05
N HIS B 641 49.45 28.55 49.66
CA HIS B 641 50.06 28.99 48.39
C HIS B 641 49.27 28.39 47.22
N PRO B 642 49.02 29.17 46.15
CA PRO B 642 48.37 28.67 44.93
C PRO B 642 48.83 27.32 44.37
N ALA B 643 50.13 27.09 44.25
CA ALA B 643 50.65 25.83 43.68
C ALA B 643 50.44 24.61 44.58
N ASP B 644 50.30 24.82 45.90
CA ASP B 644 49.98 23.73 46.85
C ASP B 644 48.58 23.22 46.55
N LEU B 645 47.62 24.15 46.44
CA LEU B 645 46.23 23.82 46.07
C LEU B 645 46.12 23.20 44.65
N LYS B 646 46.85 23.77 43.70
CA LYS B 646 46.86 23.30 42.31
C LYS B 646 47.23 21.83 42.20
N ALA B 647 48.25 21.41 42.95
CA ALA B 647 48.68 20.00 42.93
C ALA B 647 47.69 19.08 43.65
N ALA B 648 47.01 19.60 44.67
CA ALA B 648 45.93 18.88 45.36
C ALA B 648 44.71 18.65 44.45
N VAL B 649 44.28 19.72 43.76
CA VAL B 649 43.20 19.67 42.78
C VAL B 649 43.52 18.71 41.64
N LEU B 650 44.71 18.85 41.06
CA LEU B 650 45.14 18.01 39.95
C LEU B 650 45.07 16.54 40.35
N GLN B 651 45.53 16.27 41.57
CA GLN B 651 45.55 14.91 42.09
C GLN B 651 44.17 14.28 42.08
N LEU B 652 43.19 15.03 42.60
CA LEU B 652 41.82 14.56 42.73
C LEU B 652 41.07 14.43 41.40
N LEU B 653 41.34 15.34 40.46
CA LEU B 653 40.76 15.25 39.11
C LEU B 653 41.23 14.01 38.35
N LEU B 654 42.50 13.65 38.50
CA LEU B 654 43.04 12.44 37.88
C LEU B 654 42.44 11.18 38.51
N ASP B 655 42.31 11.20 39.85
CA ASP B 655 41.62 10.15 40.63
C ASP B 655 40.19 9.87 40.15
N ARG B 656 39.32 10.88 40.26
CA ARG B 656 37.94 10.77 39.80
C ARG B 656 37.80 10.31 38.35
N SER B 657 38.72 10.75 37.50
CA SER B 657 38.66 10.49 36.06
C SER B 657 39.30 9.17 35.65
N ALA B 658 39.78 8.38 36.61
CA ALA B 658 40.50 7.12 36.32
C ALA B 658 39.65 6.10 35.55
N GLN B 659 38.44 5.85 36.04
CA GLN B 659 37.54 4.90 35.38
C GLN B 659 37.23 5.34 33.96
N ALA B 660 36.99 6.65 33.79
CA ALA B 660 36.69 7.24 32.49
C ALA B 660 37.88 7.15 31.54
N ARG B 661 39.07 7.51 32.00
CA ARG B 661 40.27 7.44 31.16
C ARG B 661 40.67 6.01 30.75
N ALA B 662 40.34 5.03 31.59
CA ALA B 662 40.49 3.62 31.24
C ALA B 662 39.61 3.24 30.04
N LEU B 663 38.38 3.72 30.03
CA LEU B 663 37.47 3.46 28.91
C LEU B 663 37.93 4.14 27.62
N LEU B 664 38.53 5.32 27.74
CA LEU B 664 38.99 6.07 26.54
C LEU B 664 40.07 5.34 25.74
N ASN B 665 40.91 4.60 26.46
CA ASN B 665 42.00 3.82 25.85
C ASN B 665 41.57 2.40 25.45
N GLY B 666 40.52 1.85 26.08
CA GLY B 666 40.00 0.51 25.79
C GLY B 666 38.71 0.52 24.99
N GLU B 667 37.60 0.20 25.67
CA GLU B 667 36.27 -0.01 25.02
C GLU B 667 35.84 1.09 24.03
N LEU B 668 36.12 2.35 24.36
CA LEU B 668 35.68 3.50 23.54
C LEU B 668 36.71 4.00 22.53
N LYS B 669 37.83 3.29 22.34
CA LYS B 669 38.87 3.78 21.44
C LYS B 669 38.46 3.67 19.96
N LYS B 670 37.67 2.64 19.63
CA LYS B 670 37.05 2.49 18.31
C LYS B 670 36.17 3.70 17.99
N ASN B 671 35.23 3.99 18.87
CA ASN B 671 34.31 5.13 18.70
C ASN B 671 35.02 6.49 18.69
N MET B 672 35.98 6.69 19.60
CA MET B 672 36.68 7.99 19.75
C MET B 672 37.52 8.34 18.52
N THR B 673 38.06 7.33 17.82
CA THR B 673 38.75 7.56 16.56
C THR B 673 37.75 7.99 15.47
N ALA B 674 36.62 7.28 15.36
CA ALA B 674 35.49 7.66 14.46
C ALA B 674 34.90 9.04 14.78
N LEU B 675 34.94 9.45 16.04
CA LEU B 675 34.53 10.81 16.44
C LEU B 675 35.47 11.89 15.87
N ARG B 676 36.77 11.80 16.13
CA ARG B 676 37.70 12.89 15.72
C ARG B 676 37.92 12.98 14.20
N ASN B 677 37.55 11.93 13.46
CA ASN B 677 37.43 12.02 12.00
C ASN B 677 36.22 12.85 11.57
N ALA B 678 35.09 12.68 12.27
CA ALA B 678 33.90 13.52 12.06
C ALA B 678 34.11 15.00 12.45
N GLU B 679 34.99 15.25 13.43
CA GLU B 679 35.36 16.63 13.81
C GLU B 679 36.17 17.31 12.68
N LYS B 680 37.14 16.57 12.12
CA LYS B 680 37.91 17.04 10.95
C LYS B 680 37.04 17.17 9.71
N LYS B 681 36.20 16.17 9.49
CA LYS B 681 35.27 16.13 8.35
C LYS B 681 34.17 17.21 8.43
N MET B 682 33.97 17.87 9.58
CA MET B 682 33.00 18.97 9.67
C MET B 682 33.42 20.17 8.79
N ALA B 683 33.23 20.02 7.48
CA ALA B 683 33.32 21.12 6.51
C ALA B 683 32.12 22.05 6.66
N LYS B 684 32.26 23.31 6.24
CA LYS B 684 31.17 24.34 6.33
C LYS B 684 30.87 24.67 7.82
N GLN C 1 14.40 41.74 45.20
CA GLN C 1 14.21 41.26 43.79
C GLN C 1 15.52 41.30 42.99
N VAL C 2 15.43 41.00 41.69
CA VAL C 2 16.62 40.97 40.83
C VAL C 2 17.17 42.37 40.58
N GLN C 3 18.45 42.56 40.89
CA GLN C 3 19.10 43.84 40.68
C GLN C 3 20.42 43.66 39.94
N LEU C 4 20.65 44.55 38.98
CA LEU C 4 21.78 44.45 38.07
C LEU C 4 22.30 45.87 37.87
N GLN C 5 23.59 46.09 38.10
CA GLN C 5 24.15 47.41 37.91
C GLN C 5 25.43 47.33 37.09
N GLU C 6 25.42 48.03 35.95
CA GLU C 6 26.52 48.02 35.03
C GLU C 6 27.46 49.15 35.35
N SER C 7 28.70 49.02 34.89
CA SER C 7 29.69 50.10 34.98
C SER C 7 30.82 49.86 33.95
N GLY C 8 31.69 50.84 33.80
CA GLY C 8 32.84 50.76 32.89
C GLY C 8 32.66 51.49 31.57
N GLY C 9 31.48 52.03 31.30
CA GLY C 9 31.24 52.74 30.06
C GLY C 9 31.94 54.08 30.04
N GLY C 10 32.12 54.61 28.83
CA GLY C 10 32.65 55.95 28.63
C GLY C 10 32.82 56.27 27.18
N LEU C 11 33.57 57.33 26.91
CA LEU C 11 33.91 57.74 25.55
C LEU C 11 35.30 57.21 25.19
N VAL C 12 35.45 56.63 24.01
CA VAL C 12 36.77 56.27 23.46
C VAL C 12 36.93 56.70 21.99
N LEU C 13 38.13 56.54 21.44
CA LEU C 13 38.38 56.74 20.02
C LEU C 13 38.24 55.41 19.28
N PRO C 14 37.91 55.46 17.98
CA PRO C 14 37.92 54.24 17.15
C PRO C 14 39.25 53.51 17.28
N GLY C 15 39.16 52.20 17.50
CA GLY C 15 40.32 51.39 17.86
C GLY C 15 40.57 51.32 19.37
N GLY C 16 39.83 52.10 20.16
CA GLY C 16 39.92 52.05 21.60
C GLY C 16 39.37 50.77 22.22
N SER C 17 39.28 50.78 23.55
CA SER C 17 38.81 49.64 24.29
C SER C 17 38.23 50.03 25.65
N LEU C 18 37.39 49.15 26.17
CA LEU C 18 36.72 49.32 27.46
C LEU C 18 36.47 47.96 28.06
N ARG C 19 36.22 47.94 29.36
CA ARG C 19 35.69 46.75 30.02
C ARG C 19 34.46 47.10 30.83
N LEU C 20 33.33 46.55 30.41
CA LEU C 20 32.11 46.70 31.18
C LEU C 20 32.05 45.61 32.23
N SER C 21 31.44 45.95 33.37
CA SER C 21 31.20 45.00 34.45
C SER C 21 29.79 45.18 35.04
N CYS C 22 29.19 44.09 35.50
CA CYS C 22 27.84 44.11 36.04
C CYS C 22 27.83 43.40 37.38
N ALA C 23 27.34 44.05 38.41
CA ALA C 23 27.24 43.47 39.73
C ALA C 23 25.78 43.14 39.95
N THR C 24 25.51 41.92 40.40
CA THR C 24 24.15 41.38 40.46
C THR C 24 23.77 40.92 41.88
N SER C 25 22.48 40.93 42.16
CA SER C 25 21.96 40.37 43.40
C SER C 25 20.54 39.90 43.22
N GLY C 26 20.06 39.15 44.21
CA GLY C 26 18.68 38.75 44.26
C GLY C 26 18.27 37.61 43.38
N PHE C 27 19.25 36.81 42.92
CA PHE C 27 18.96 35.55 42.22
C PHE C 27 20.20 34.68 42.19
N THR C 28 20.04 33.42 41.82
CA THR C 28 21.18 32.50 41.72
C THR C 28 21.94 32.70 40.39
N PHE C 29 22.77 33.74 40.39
CA PHE C 29 23.62 34.12 39.26
C PHE C 29 24.48 32.99 38.76
N SER C 30 25.00 32.19 39.67
CA SER C 30 25.94 31.13 39.28
C SER C 30 25.32 30.01 38.50
N ASN C 31 23.99 29.86 38.55
CA ASN C 31 23.31 28.88 37.69
C ASN C 31 22.48 29.48 36.55
N SER C 32 22.79 30.70 36.15
CA SER C 32 21.98 31.40 35.16
C SER C 32 22.78 31.76 33.90
N TRP C 33 22.18 31.60 32.73
CA TRP C 33 22.65 32.30 31.55
C TRP C 33 22.67 33.79 31.81
N MET C 34 23.62 34.48 31.22
CA MET C 34 23.70 35.94 31.32
C MET C 34 23.99 36.56 29.97
N TYR C 35 23.38 37.70 29.73
CA TYR C 35 23.44 38.42 28.45
C TYR C 35 24.09 39.79 28.61
N TRP C 36 24.75 40.22 27.55
CA TRP C 36 24.94 41.64 27.29
C TRP C 36 24.05 42.01 26.11
N VAL C 37 23.28 43.08 26.26
CA VAL C 37 22.46 43.62 25.17
C VAL C 37 22.74 45.12 25.02
N ARG C 38 22.40 45.70 23.87
CA ARG C 38 22.62 47.13 23.66
C ARG C 38 21.50 47.78 22.91
N GLN C 39 21.37 49.09 23.11
CA GLN C 39 20.41 49.92 22.38
C GLN C 39 21.09 51.16 21.77
N ALA C 40 21.31 51.11 20.46
CA ALA C 40 21.80 52.27 19.68
C ALA C 40 20.69 53.32 19.53
N PRO C 41 21.06 54.61 19.34
CA PRO C 41 20.02 55.67 19.30
C PRO C 41 18.94 55.45 18.22
N GLY C 42 17.67 55.60 18.60
CA GLY C 42 16.53 55.33 17.69
C GLY C 42 16.52 53.94 17.06
N LYS C 43 16.83 52.92 17.86
CA LYS C 43 16.83 51.52 17.42
C LYS C 43 16.36 50.61 18.57
N GLY C 44 16.10 49.34 18.26
CA GLY C 44 15.67 48.36 19.26
C GLY C 44 16.81 47.81 20.09
N LEU C 45 16.45 47.13 21.18
CA LEU C 45 17.40 46.30 21.91
C LEU C 45 17.88 45.18 21.02
N GLU C 46 19.17 44.87 21.09
CA GLU C 46 19.75 43.72 20.39
C GLU C 46 20.81 43.09 21.29
N TRP C 47 20.82 41.77 21.37
CA TRP C 47 21.82 41.06 22.17
C TRP C 47 23.20 41.15 21.54
N VAL C 48 24.24 41.17 22.38
CA VAL C 48 25.64 41.32 21.97
C VAL C 48 26.43 40.04 22.24
N SER C 49 26.30 39.50 23.44
CA SER C 49 26.80 38.17 23.74
C SER C 49 26.10 37.60 24.94
N ARG C 50 26.29 36.31 25.13
CA ARG C 50 25.71 35.59 26.25
C ARG C 50 26.59 34.42 26.63
N ILE C 51 26.47 34.00 27.89
CA ILE C 51 27.38 33.00 28.47
C ILE C 51 26.60 32.14 29.47
N ASN C 52 26.82 30.83 29.45
CA ASN C 52 26.13 29.91 30.36
C ASN C 52 26.80 29.86 31.72
N ALA C 53 26.18 29.13 32.64
CA ALA C 53 26.61 29.06 34.03
C ALA C 53 28.09 28.74 34.20
N GLY C 54 28.54 27.67 33.56
CA GLY C 54 29.95 27.26 33.65
C GLY C 54 30.96 28.07 32.84
N GLY C 55 30.53 29.07 32.10
CA GLY C 55 31.43 29.84 31.24
C GLY C 55 31.99 29.07 30.05
N ASN C 56 31.32 27.97 29.68
CA ASN C 56 31.84 27.06 28.65
C ASN C 56 31.10 27.14 27.31
N THR C 57 30.00 27.86 27.27
CA THR C 57 29.23 28.03 26.05
C THR C 57 28.97 29.52 25.94
N VAL C 58 29.54 30.12 24.90
CA VAL C 58 29.40 31.54 24.64
C VAL C 58 29.02 31.78 23.18
N ASP C 59 28.11 32.73 22.98
CA ASP C 59 27.72 33.21 21.64
C ASP C 59 27.96 34.71 21.58
N TYR C 60 28.20 35.20 20.36
CA TYR C 60 28.42 36.61 20.06
C TYR C 60 27.64 37.02 18.81
N LYS C 61 27.03 38.19 18.84
CA LYS C 61 26.52 38.86 17.62
C LYS C 61 27.64 38.94 16.56
N ASP C 62 27.31 38.70 15.29
CA ASP C 62 28.33 38.62 14.21
C ASP C 62 29.25 39.82 14.15
N SER C 63 28.67 41.01 14.24
CA SER C 63 29.42 42.25 14.15
C SER C 63 30.47 42.51 15.24
N VAL C 64 30.39 41.79 16.37
CA VAL C 64 31.38 41.93 17.45
C VAL C 64 32.29 40.71 17.64
N LYS C 65 32.03 39.64 16.89
CA LYS C 65 32.77 38.38 17.03
C LYS C 65 34.25 38.62 16.77
N GLY C 66 35.10 38.11 17.65
CA GLY C 66 36.54 38.32 17.55
C GLY C 66 37.06 39.58 18.22
N ARG C 67 36.19 40.57 18.46
CA ARG C 67 36.57 41.84 19.09
C ARG C 67 36.13 41.93 20.54
N PHE C 68 34.94 41.43 20.84
CA PHE C 68 34.42 41.46 22.22
C PHE C 68 34.65 40.11 22.88
N SER C 69 34.77 40.11 24.20
CA SER C 69 34.88 38.86 24.97
C SER C 69 34.03 38.97 26.25
N ILE C 70 33.16 37.99 26.43
CA ILE C 70 32.30 37.89 27.62
C ILE C 70 32.90 36.91 28.62
N SER C 71 32.79 37.23 29.90
CA SER C 71 33.19 36.29 30.93
C SER C 71 32.45 36.59 32.22
N ARG C 72 32.61 35.68 33.18
CA ARG C 72 31.91 35.77 34.46
C ARG C 72 32.79 35.32 35.62
N ASP C 73 32.55 35.91 36.78
CA ASP C 73 33.07 35.44 38.07
C ASP C 73 31.88 35.00 38.98
N ASN C 74 31.60 33.70 39.03
CA ASN C 74 30.48 33.21 39.82
C ASN C 74 30.64 33.42 41.32
N ALA C 75 31.87 33.36 41.82
CA ALA C 75 32.14 33.70 43.22
C ALA C 75 31.71 35.12 43.61
N LYS C 76 31.96 36.10 42.72
CA LYS C 76 31.64 37.50 42.99
C LYS C 76 30.32 37.97 42.41
N ASN C 77 29.62 37.08 41.70
CA ASN C 77 28.34 37.40 41.05
C ASN C 77 28.42 38.56 40.05
N THR C 78 29.55 38.65 39.34
CA THR C 78 29.77 39.73 38.38
C THR C 78 30.02 39.20 36.97
N LEU C 79 29.50 39.95 36.00
CA LEU C 79 29.63 39.64 34.59
C LEU C 79 30.51 40.70 33.95
N TYR C 80 31.27 40.28 32.95
CA TYR C 80 32.24 41.14 32.25
C TYR C 80 32.06 41.14 30.73
N LEU C 81 32.23 42.31 30.13
CA LEU C 81 32.38 42.43 28.65
C LEU C 81 33.65 43.23 28.36
N GLN C 82 34.65 42.54 27.79
CA GLN C 82 35.85 43.19 27.30
C GLN C 82 35.59 43.55 25.83
N MET C 83 35.65 44.84 25.52
CA MET C 83 35.41 45.36 24.17
C MET C 83 36.72 45.91 23.62
N ASN C 84 37.27 45.29 22.58
CA ASN C 84 38.46 45.78 21.91
C ASN C 84 38.14 46.19 20.49
N SER C 85 39.08 46.92 19.89
CA SER C 85 38.94 47.40 18.52
C SER C 85 37.57 48.02 18.28
N LEU C 86 37.17 48.92 19.17
CA LEU C 86 35.85 49.56 19.09
C LEU C 86 35.66 50.38 17.83
N LYS C 87 34.43 50.42 17.32
CA LYS C 87 34.05 51.18 16.12
C LYS C 87 32.89 52.11 16.40
N PRO C 88 32.68 53.15 15.56
CA PRO C 88 31.52 54.02 15.74
C PRO C 88 30.16 53.30 15.81
N GLU C 89 29.99 52.24 15.03
CA GLU C 89 28.76 51.41 15.05
C GLU C 89 28.48 50.74 16.43
N ASP C 90 29.51 50.57 17.26
CA ASP C 90 29.33 50.06 18.64
C ASP C 90 28.75 51.08 19.63
N THR C 91 28.54 52.33 19.23
CA THR C 91 28.00 53.34 20.13
C THR C 91 26.58 52.94 20.54
N ALA C 92 26.34 52.85 21.85
CA ALA C 92 25.02 52.51 22.38
C ALA C 92 25.01 52.54 23.89
N VAL C 93 23.82 52.46 24.48
CA VAL C 93 23.68 52.12 25.89
C VAL C 93 23.80 50.61 25.99
N TYR C 94 24.77 50.13 26.76
CA TYR C 94 24.96 48.68 26.99
C TYR C 94 24.27 48.28 28.29
N TYR C 95 23.47 47.21 28.21
CA TYR C 95 22.82 46.65 29.38
C TYR C 95 23.27 45.23 29.65
N CYS C 96 23.17 44.88 30.90
CA CYS C 96 23.46 43.57 31.40
C CYS C 96 22.09 42.98 31.67
N ALA C 97 21.86 41.75 31.23
CA ALA C 97 20.57 41.11 31.41
C ALA C 97 20.65 39.69 31.96
N ARG C 98 19.65 39.32 32.77
CA ARG C 98 19.52 37.95 33.25
C ARG C 98 18.90 37.06 32.19
N GLY C 99 19.50 35.89 31.97
CA GLY C 99 19.01 34.94 30.98
C GLY C 99 18.13 33.89 31.62
N LEU C 100 16.94 33.68 31.03
CA LEU C 100 16.06 32.58 31.43
C LEU C 100 16.58 31.27 30.86
N ASN C 101 17.05 31.33 29.62
CA ASN C 101 17.73 30.22 28.98
C ASN C 101 18.58 30.79 27.85
N ARG C 102 19.14 29.93 27.00
CA ARG C 102 20.04 30.40 25.96
C ARG C 102 19.45 31.46 25.05
N TYR C 103 18.16 31.40 24.78
CA TYR C 103 17.56 32.30 23.76
C TYR C 103 16.61 33.38 24.31
N ALA C 104 16.66 33.62 25.62
CA ALA C 104 15.79 34.62 26.24
C ALA C 104 16.40 35.25 27.48
N TYR C 105 16.04 36.53 27.70
CA TYR C 105 16.46 37.27 28.89
C TYR C 105 15.29 38.09 29.39
N ASP C 106 15.31 38.48 30.67
CA ASP C 106 14.25 39.38 31.21
C ASP C 106 14.77 40.64 31.93
N SER C 107 15.18 40.52 33.17
CA SER C 107 15.62 41.69 33.91
C SER C 107 16.84 42.33 33.25
N ARG C 108 16.92 43.65 33.31
CA ARG C 108 18.02 44.46 32.78
C ARG C 108 18.45 45.51 33.79
N GLY C 109 19.73 45.83 33.85
CA GLY C 109 20.20 46.97 34.66
C GLY C 109 19.83 48.33 34.10
N GLN C 110 20.29 49.40 34.74
CA GLN C 110 19.98 50.75 34.26
C GLN C 110 20.77 51.13 32.98
N GLY C 111 21.94 50.54 32.82
CA GLY C 111 22.68 50.64 31.57
C GLY C 111 23.85 51.57 31.73
N THR C 112 24.88 51.34 30.92
CA THR C 112 26.06 52.20 30.87
C THR C 112 26.29 52.67 29.44
N GLN C 113 26.49 53.98 29.25
CA GLN C 113 26.71 54.56 27.91
C GLN C 113 28.11 54.30 27.39
N VAL C 114 28.20 53.89 26.13
CA VAL C 114 29.45 53.71 25.41
C VAL C 114 29.37 54.50 24.11
N THR C 115 30.38 55.34 23.88
CA THR C 115 30.44 56.22 22.72
C THR C 115 31.80 56.07 22.03
N VAL C 116 31.79 55.91 20.72
CA VAL C 116 33.01 55.73 19.95
C VAL C 116 32.99 56.81 18.86
N SER C 117 33.80 57.86 19.02
CA SER C 117 33.74 59.06 18.15
C SER C 117 34.92 60.06 18.42
N SER C 118 34.85 61.28 17.89
CA SER C 118 35.75 62.40 18.27
C SER C 118 35.14 63.78 18.03
N GLN D 1 -11.65 -21.38 -51.35
CA GLN D 1 -11.38 -21.14 -49.89
C GLN D 1 -12.23 -19.97 -49.35
N VAL D 2 -11.98 -19.59 -48.10
CA VAL D 2 -12.72 -18.51 -47.46
C VAL D 2 -12.36 -17.17 -48.10
N GLN D 3 -13.39 -16.44 -48.54
CA GLN D 3 -13.19 -15.12 -49.11
C GLN D 3 -14.15 -14.12 -48.49
N LEU D 4 -13.60 -12.94 -48.19
CA LEU D 4 -14.32 -11.89 -47.48
C LEU D 4 -13.93 -10.56 -48.12
N GLN D 5 -14.90 -9.76 -48.54
CA GLN D 5 -14.61 -8.47 -49.16
C GLN D 5 -15.45 -7.39 -48.53
N GLU D 6 -14.77 -6.39 -47.97
CA GLU D 6 -15.40 -5.30 -47.28
C GLU D 6 -15.63 -4.16 -48.23
N SER D 7 -16.57 -3.29 -47.87
CA SER D 7 -16.82 -2.07 -48.63
C SER D 7 -17.56 -1.06 -47.74
N GLY D 8 -17.71 0.16 -48.24
CA GLY D 8 -18.44 1.21 -47.53
C GLY D 8 -17.57 2.22 -46.83
N GLY D 9 -16.25 2.02 -46.82
CA GLY D 9 -15.37 2.95 -46.16
C GLY D 9 -15.21 4.24 -46.95
N GLY D 10 -14.75 5.28 -46.26
CA GLY D 10 -14.42 6.55 -46.89
C GLY D 10 -13.99 7.56 -45.86
N LEU D 11 -13.95 8.83 -46.28
CA LEU D 11 -13.63 9.96 -45.42
C LEU D 11 -14.92 10.64 -44.95
N VAL D 12 -15.04 10.92 -43.66
CA VAL D 12 -16.14 11.71 -43.12
C VAL D 12 -15.63 12.77 -42.15
N LEU D 13 -16.53 13.65 -41.70
CA LEU D 13 -16.23 14.61 -40.65
C LEU D 13 -16.62 14.03 -39.30
N PRO D 14 -15.97 14.47 -38.22
CA PRO D 14 -16.43 14.15 -36.88
C PRO D 14 -17.93 14.41 -36.72
N GLY D 15 -18.63 13.42 -36.18
CA GLY D 15 -20.09 13.42 -36.11
C GLY D 15 -20.73 12.79 -37.33
N GLY D 16 -19.93 12.45 -38.34
CA GLY D 16 -20.41 11.75 -39.53
C GLY D 16 -20.81 10.29 -39.28
N SER D 17 -21.08 9.60 -40.38
CA SER D 17 -21.53 8.21 -40.33
C SER D 17 -21.24 7.47 -41.62
N LEU D 18 -21.18 6.16 -41.49
CA LEU D 18 -20.89 5.25 -42.60
C LEU D 18 -21.58 3.92 -42.34
N ARG D 19 -21.72 3.12 -43.39
CA ARG D 19 -22.11 1.73 -43.23
C ARG D 19 -21.17 0.83 -43.99
N LEU D 20 -20.45 -0.01 -43.24
CA LEU D 20 -19.60 -0.99 -43.86
C LEU D 20 -20.41 -2.25 -44.13
N SER D 21 -20.04 -2.94 -45.20
CA SER D 21 -20.60 -4.25 -45.55
C SER D 21 -19.51 -5.22 -45.96
N CYS D 22 -19.76 -6.50 -45.70
CA CYS D 22 -18.83 -7.54 -46.08
C CYS D 22 -19.59 -8.64 -46.80
N ALA D 23 -19.12 -9.00 -47.98
CA ALA D 23 -19.70 -10.10 -48.74
C ALA D 23 -18.75 -11.29 -48.63
N THR D 24 -19.29 -12.45 -48.33
CA THR D 24 -18.50 -13.64 -47.97
C THR D 24 -18.82 -14.84 -48.87
N SER D 25 -17.87 -15.74 -49.01
CA SER D 25 -18.08 -17.02 -49.68
C SER D 25 -17.11 -18.08 -49.19
N GLY D 26 -17.38 -19.32 -49.55
CA GLY D 26 -16.47 -20.43 -49.26
C GLY D 26 -16.54 -21.00 -47.86
N PHE D 27 -17.61 -20.71 -47.12
CA PHE D 27 -17.85 -21.33 -45.79
C PHE D 27 -19.30 -21.12 -45.36
N THR D 28 -19.74 -21.83 -44.33
CA THR D 28 -21.11 -21.71 -43.85
C THR D 28 -21.26 -20.49 -42.93
N PHE D 29 -21.40 -19.33 -43.57
CA PHE D 29 -21.60 -18.05 -42.91
C PHE D 29 -22.76 -18.05 -41.93
N SER D 30 -23.86 -18.69 -42.29
CA SER D 30 -25.07 -18.60 -41.49
C SER D 30 -24.93 -19.30 -40.16
N ASN D 31 -23.97 -20.21 -40.01
CA ASN D 31 -23.73 -20.83 -38.71
C ASN D 31 -22.43 -20.39 -38.00
N SER D 32 -21.91 -19.22 -38.36
CA SER D 32 -20.63 -18.78 -37.87
C SER D 32 -20.76 -17.47 -37.08
N TRP D 33 -20.03 -17.37 -35.98
CA TRP D 33 -19.72 -16.05 -35.42
C TRP D 33 -19.01 -15.20 -36.47
N MET D 34 -19.24 -13.88 -36.42
CA MET D 34 -18.57 -12.97 -37.31
C MET D 34 -18.12 -11.73 -36.57
N TYR D 35 -16.94 -11.24 -36.96
CA TYR D 35 -16.28 -10.12 -36.29
C TYR D 35 -16.09 -8.93 -37.22
N TRP D 36 -16.12 -7.74 -36.63
CA TRP D 36 -15.47 -6.56 -37.22
C TRP D 36 -14.24 -6.26 -36.36
N VAL D 37 -13.09 -6.11 -37.00
CA VAL D 37 -11.84 -5.71 -36.33
C VAL D 37 -11.24 -4.50 -37.05
N ARG D 38 -10.37 -3.76 -36.38
CA ARG D 38 -9.73 -2.59 -37.00
C ARG D 38 -8.27 -2.46 -36.63
N GLN D 39 -7.52 -1.81 -37.51
CA GLN D 39 -6.12 -1.46 -37.28
C GLN D 39 -5.84 0.02 -37.53
N ALA D 40 -5.72 0.77 -36.44
CA ALA D 40 -5.29 2.17 -36.48
C ALA D 40 -3.80 2.26 -36.84
N PRO D 41 -3.35 3.38 -37.44
CA PRO D 41 -1.92 3.48 -37.85
C PRO D 41 -0.91 3.25 -36.71
N GLY D 42 0.08 2.40 -36.95
CA GLY D 42 1.08 2.03 -35.92
C GLY D 42 0.51 1.45 -34.64
N LYS D 43 -0.50 0.58 -34.78
CA LYS D 43 -1.14 -0.12 -33.65
C LYS D 43 -1.53 -1.52 -34.08
N GLY D 44 -1.90 -2.35 -33.11
CA GLY D 44 -2.33 -3.73 -33.38
C GLY D 44 -3.76 -3.83 -33.89
N LEU D 45 -4.11 -5.01 -34.41
CA LEU D 45 -5.51 -5.35 -34.66
C LEU D 45 -6.26 -5.35 -33.34
N GLU D 46 -7.46 -4.83 -33.33
CA GLU D 46 -8.35 -4.90 -32.19
C GLU D 46 -9.77 -5.15 -32.70
N TRP D 47 -10.51 -6.04 -32.04
CA TRP D 47 -11.90 -6.30 -32.38
C TRP D 47 -12.81 -5.12 -32.01
N VAL D 48 -13.86 -4.90 -32.82
CA VAL D 48 -14.79 -3.78 -32.69
C VAL D 48 -16.17 -4.28 -32.29
N SER D 49 -16.65 -5.29 -32.98
CA SER D 49 -17.84 -6.00 -32.52
C SER D 49 -17.90 -7.36 -33.14
N ARG D 50 -18.79 -8.19 -32.59
CA ARG D 50 -18.99 -9.55 -33.08
C ARG D 50 -20.43 -9.98 -32.82
N ILE D 51 -20.89 -10.94 -33.61
CA ILE D 51 -22.29 -11.32 -33.62
C ILE D 51 -22.39 -12.82 -33.92
N ASN D 52 -23.27 -13.53 -33.19
CA ASN D 52 -23.44 -14.98 -33.39
C ASN D 52 -24.40 -15.26 -34.53
N ALA D 53 -24.54 -16.55 -34.85
CA ALA D 53 -25.29 -17.01 -36.02
C ALA D 53 -26.70 -16.42 -36.10
N GLY D 54 -27.44 -16.53 -35.01
CA GLY D 54 -28.82 -16.02 -34.98
C GLY D 54 -29.00 -14.51 -34.81
N GLY D 55 -27.91 -13.75 -34.73
CA GLY D 55 -27.99 -12.33 -34.51
C GLY D 55 -28.55 -11.93 -33.14
N ASN D 56 -28.46 -12.85 -32.16
CA ASN D 56 -29.06 -12.63 -30.83
C ASN D 56 -28.07 -12.36 -29.71
N THR D 57 -26.78 -12.54 -29.99
CA THR D 57 -25.73 -12.28 -29.03
C THR D 57 -24.68 -11.43 -29.69
N VAL D 58 -24.54 -10.20 -29.22
CA VAL D 58 -23.62 -9.22 -29.79
C VAL D 58 -22.82 -8.57 -28.71
N ASP D 59 -21.53 -8.39 -28.97
CA ASP D 59 -20.62 -7.66 -28.12
C ASP D 59 -19.99 -6.52 -28.91
N TYR D 60 -19.60 -5.47 -28.18
CA TYR D 60 -18.97 -4.28 -28.74
C TYR D 60 -17.80 -3.85 -27.86
N LYS D 61 -16.70 -3.46 -28.48
CA LYS D 61 -15.63 -2.72 -27.79
C LYS D 61 -16.20 -1.48 -27.06
N ASP D 62 -15.73 -1.19 -25.85
CA ASP D 62 -16.31 -0.13 -25.00
C ASP D 62 -16.41 1.22 -25.70
N SER D 63 -15.34 1.60 -26.37
CA SER D 63 -15.25 2.89 -27.03
C SER D 63 -16.25 3.14 -28.18
N VAL D 64 -16.85 2.07 -28.72
CA VAL D 64 -17.86 2.21 -29.77
C VAL D 64 -19.29 1.87 -29.34
N LYS D 65 -19.45 1.40 -28.10
CA LYS D 65 -20.75 0.96 -27.59
C LYS D 65 -21.74 2.11 -27.62
N GLY D 66 -22.92 1.86 -28.15
CA GLY D 66 -23.93 2.92 -28.31
C GLY D 66 -23.85 3.72 -29.60
N ARG D 67 -22.70 3.70 -30.27
CA ARG D 67 -22.50 4.42 -31.53
C ARG D 67 -22.50 3.51 -32.74
N PHE D 68 -21.91 2.32 -32.61
CA PHE D 68 -21.82 1.37 -33.72
C PHE D 68 -22.89 0.30 -33.55
N SER D 69 -23.29 -0.31 -34.67
CA SER D 69 -24.24 -1.41 -34.64
C SER D 69 -23.88 -2.44 -35.67
N ILE D 70 -23.77 -3.68 -35.20
CA ILE D 70 -23.46 -4.83 -36.04
C ILE D 70 -24.73 -5.60 -36.37
N SER D 71 -24.83 -6.09 -37.60
CA SER D 71 -25.93 -6.95 -37.99
C SER D 71 -25.54 -7.81 -39.16
N ARG D 72 -26.40 -8.78 -39.46
CA ARG D 72 -26.11 -9.77 -40.50
C ARG D 72 -27.37 -10.11 -41.28
N ASP D 73 -27.18 -10.43 -42.56
CA ASP D 73 -28.18 -11.03 -43.42
C ASP D 73 -27.70 -12.44 -43.82
N ASN D 74 -28.20 -13.48 -43.14
CA ASN D 74 -27.76 -14.85 -43.44
C ASN D 74 -28.18 -15.34 -44.82
N ALA D 75 -29.33 -14.88 -45.32
CA ALA D 75 -29.77 -15.17 -46.70
C ALA D 75 -28.78 -14.69 -47.75
N LYS D 76 -28.22 -13.48 -47.56
CA LYS D 76 -27.27 -12.90 -48.52
C LYS D 76 -25.80 -13.12 -48.18
N ASN D 77 -25.52 -13.79 -47.06
CA ASN D 77 -24.14 -14.02 -46.59
C ASN D 77 -23.32 -12.74 -46.40
N THR D 78 -23.98 -11.67 -45.95
CA THR D 78 -23.32 -10.40 -45.75
C THR D 78 -23.40 -9.94 -44.30
N LEU D 79 -22.34 -9.28 -43.88
CA LEU D 79 -22.24 -8.69 -42.56
C LEU D 79 -22.22 -7.16 -42.68
N TYR D 80 -22.79 -6.49 -41.69
CA TYR D 80 -22.94 -5.03 -41.67
C TYR D 80 -22.38 -4.37 -40.39
N LEU D 81 -21.73 -3.22 -40.54
CA LEU D 81 -21.39 -2.34 -39.42
C LEU D 81 -21.89 -0.94 -39.72
N GLN D 82 -22.88 -0.51 -38.95
CA GLN D 82 -23.37 0.86 -39.02
C GLN D 82 -22.60 1.64 -37.98
N MET D 83 -21.88 2.67 -38.43
CA MET D 83 -21.05 3.52 -37.58
C MET D 83 -21.67 4.91 -37.54
N ASN D 84 -22.17 5.34 -36.38
CA ASN D 84 -22.68 6.69 -36.21
C ASN D 84 -21.81 7.48 -35.25
N SER D 85 -22.02 8.79 -35.22
CA SER D 85 -21.28 9.69 -34.33
C SER D 85 -19.79 9.39 -34.36
N LEU D 86 -19.22 9.31 -35.56
CA LEU D 86 -17.80 8.96 -35.71
C LEU D 86 -16.87 10.00 -35.11
N LYS D 87 -15.72 9.55 -34.61
CA LYS D 87 -14.69 10.44 -34.00
C LYS D 87 -13.35 10.20 -34.65
N PRO D 88 -12.43 11.16 -34.53
CA PRO D 88 -11.05 10.95 -35.03
C PRO D 88 -10.35 9.65 -34.56
N GLU D 89 -10.57 9.27 -33.31
CA GLU D 89 -10.04 7.99 -32.80
C GLU D 89 -10.53 6.71 -33.55
N ASP D 90 -11.67 6.80 -34.24
CA ASP D 90 -12.17 5.68 -35.06
C ASP D 90 -11.44 5.50 -36.39
N THR D 91 -10.50 6.38 -36.74
CA THR D 91 -9.76 6.28 -38.00
C THR D 91 -8.96 4.99 -38.01
N ALA D 92 -9.19 4.14 -39.01
CA ALA D 92 -8.45 2.87 -39.14
C ALA D 92 -8.84 2.15 -40.40
N VAL D 93 -8.08 1.11 -40.73
CA VAL D 93 -8.51 0.13 -41.71
C VAL D 93 -9.43 -0.82 -40.98
N TYR D 94 -10.68 -0.93 -41.45
CA TYR D 94 -11.66 -1.86 -40.85
C TYR D 94 -11.68 -3.15 -41.63
N TYR D 95 -11.57 -4.27 -40.92
CA TYR D 95 -11.67 -5.60 -41.52
C TYR D 95 -12.85 -6.40 -41.00
N CYS D 96 -13.29 -7.29 -41.84
CA CYS D 96 -14.36 -8.22 -41.56
C CYS D 96 -13.67 -9.55 -41.37
N ALA D 97 -14.00 -10.26 -40.29
CA ALA D 97 -13.34 -11.53 -39.99
C ALA D 97 -14.31 -12.67 -39.65
N ARG D 98 -13.94 -13.89 -40.04
CA ARG D 98 -14.69 -15.09 -39.69
C ARG D 98 -14.36 -15.50 -38.26
N GLY D 99 -15.39 -15.79 -37.48
CA GLY D 99 -15.24 -16.20 -36.10
C GLY D 99 -15.25 -17.70 -35.98
N LEU D 100 -14.26 -18.25 -35.28
CA LEU D 100 -14.25 -19.67 -34.90
C LEU D 100 -15.22 -19.92 -33.76
N ASN D 101 -15.23 -19.00 -32.82
CA ASN D 101 -16.17 -18.99 -31.72
C ASN D 101 -16.26 -17.59 -31.17
N ARG D 102 -16.92 -17.41 -30.05
CA ARG D 102 -17.10 -16.08 -29.51
C ARG D 102 -15.81 -15.29 -29.30
N TYR D 103 -14.71 -15.95 -28.91
CA TYR D 103 -13.50 -15.23 -28.52
C TYR D 103 -12.33 -15.37 -29.49
N ALA D 104 -12.61 -15.83 -30.71
CA ALA D 104 -11.55 -16.00 -31.71
C ALA D 104 -12.05 -15.82 -33.15
N TYR D 105 -11.16 -15.30 -33.99
CA TYR D 105 -11.42 -15.15 -35.43
C TYR D 105 -10.17 -15.54 -36.20
N ASP D 106 -10.32 -15.92 -37.47
CA ASP D 106 -9.15 -16.23 -38.32
C ASP D 106 -9.10 -15.47 -39.64
N SER D 107 -9.83 -15.90 -40.65
CA SER D 107 -9.75 -15.28 -41.96
C SER D 107 -10.24 -13.82 -41.90
N ARG D 108 -9.59 -12.95 -42.67
CA ARG D 108 -9.89 -11.52 -42.75
C ARG D 108 -9.94 -11.09 -44.20
N GLY D 109 -10.84 -10.17 -44.54
CA GLY D 109 -10.81 -9.52 -45.87
C GLY D 109 -9.65 -8.55 -46.09
N GLN D 110 -9.62 -7.88 -47.25
CA GLN D 110 -8.50 -6.95 -47.58
C GLN D 110 -8.60 -5.69 -46.74
N GLY D 111 -9.81 -5.29 -46.40
CA GLY D 111 -10.03 -4.18 -45.51
C GLY D 111 -10.53 -2.99 -46.27
N THR D 112 -11.23 -2.12 -45.57
CA THR D 112 -11.70 -0.86 -46.11
C THR D 112 -11.25 0.29 -45.19
N GLN D 113 -10.70 1.35 -45.77
CA GLN D 113 -10.19 2.50 -45.00
C GLN D 113 -11.31 3.42 -44.56
N VAL D 114 -11.25 3.83 -43.28
CA VAL D 114 -12.16 4.80 -42.70
C VAL D 114 -11.31 5.90 -42.07
N THR D 115 -11.61 7.14 -42.42
CA THR D 115 -10.88 8.31 -41.94
C THR D 115 -11.87 9.35 -41.41
N VAL D 116 -11.59 9.90 -40.24
CA VAL D 116 -12.47 10.86 -39.59
C VAL D 116 -11.60 12.06 -39.26
N SER D 117 -11.75 13.12 -40.02
CA SER D 117 -10.95 14.31 -39.85
C SER D 117 -11.62 15.51 -40.42
N SER D 118 -11.35 16.64 -39.83
CA SER D 118 -11.88 17.89 -40.27
C SER D 118 -10.88 18.58 -41.16
N HIS D 119 -9.64 18.16 -41.07
CA HIS D 119 -8.60 18.80 -41.83
C HIS D 119 -8.78 18.75 -43.30
N HIS D 120 -9.13 17.59 -43.83
CA HIS D 120 -9.35 17.36 -45.25
C HIS D 120 -9.02 15.92 -45.52
#